data_2QF5
# 
_entry.id   2QF5 
# 
_audit_conform.dict_name       mmcif_pdbx.dic 
_audit_conform.dict_version    5.377 
_audit_conform.dict_location   http://mmcif.pdb.org/dictionaries/ascii/mmcif_pdbx.dic 
# 
loop_
_database_2.database_id 
_database_2.database_code 
_database_2.pdbx_database_accession 
_database_2.pdbx_DOI 
PDB   2QF5         pdb_00002qf5 10.2210/pdb2qf5/pdb 
RCSB  RCSB043520   ?            ?                   
WWPDB D_1000043520 ?            ?                   
# 
_pdbx_database_related.db_name        PDB 
_pdbx_database_related.db_id          2QF4 
_pdbx_database_related.details        
'High resolution structure of the major periplasmic domain from the cell shape-determining filament MreC (orthorhombic form)' 
_pdbx_database_related.content_type   unspecified 
# 
_pdbx_database_status.entry_id                        2QF5 
_pdbx_database_status.deposit_site                    RCSB 
_pdbx_database_status.process_site                    RCSB 
_pdbx_database_status.recvd_initial_deposition_date   2007-06-26 
_pdbx_database_status.status_code                     REL 
_pdbx_database_status.status_code_sf                  REL 
_pdbx_database_status.status_code_mr                  ? 
_pdbx_database_status.SG_entry                        ? 
_pdbx_database_status.pdb_format_compatible           Y 
_pdbx_database_status.status_code_cs                  ? 
_pdbx_database_status.methods_development_category    ? 
_pdbx_database_status.status_code_nmr_data            ? 
# 
loop_
_audit_author.name 
_audit_author.pdbx_ordinal 
'Lovering, A.L.'    1 
'Strynadka, N.C.J.' 2 
# 
_citation.id                        primary 
_citation.title                     
'High-resolution Structure of the Major Periplasmic Domain from the Cell Shape-determining Filament MreC.' 
_citation.journal_abbrev            J.Mol.Biol. 
_citation.journal_volume            372 
_citation.page_first                1034 
_citation.page_last                 1044 
_citation.year                      2007 
_citation.journal_id_ASTM           JMOBAK 
_citation.country                   UK 
_citation.journal_id_ISSN           0022-2836 
_citation.journal_id_CSD            0070 
_citation.book_publisher            ? 
_citation.pdbx_database_id_PubMed   17707860 
_citation.pdbx_database_id_DOI      10.1016/j.jmb.2007.07.022 
# 
loop_
_citation_author.citation_id 
_citation_author.name 
_citation_author.ordinal 
_citation_author.identifier_ORCID 
primary 'Lovering, A.L.'  1 ? 
primary 'Strynadka, N.C.' 2 ? 
# 
_cell.length_a           81.998 
_cell.length_b           48.283 
_cell.length_c           48.429 
_cell.angle_alpha        90.000 
_cell.angle_beta         115.320 
_cell.angle_gamma        90.000 
_cell.entry_id           2QF5 
_cell.pdbx_unique_axis   ? 
_cell.Z_PDB              4 
_cell.length_a_esd       ? 
_cell.length_b_esd       ? 
_cell.length_c_esd       ? 
_cell.angle_alpha_esd    ? 
_cell.angle_beta_esd     ? 
_cell.angle_gamma_esd    ? 
# 
_symmetry.space_group_name_H-M             'C 1 2 1' 
_symmetry.entry_id                         2QF5 
_symmetry.Int_Tables_number                5 
_symmetry.pdbx_full_space_group_name_H-M   ? 
_symmetry.cell_setting                     ? 
_symmetry.space_group_name_Hall            ? 
# 
loop_
_entity.id 
_entity.type 
_entity.src_method 
_entity.pdbx_description 
_entity.formula_weight 
_entity.pdbx_number_of_molecules 
_entity.pdbx_ec 
_entity.pdbx_mutation 
_entity.pdbx_fragment 
_entity.details 
1 polymer man 'Cell shape determining protein MreC' 18227.457 1  ? ? 'Major Periplasmic Domain' ? 
2 water   nat water                                 18.015    74 ? ? ?                          ? 
# 
_entity_poly.entity_id                      1 
_entity_poly.type                           'polypeptide(L)' 
_entity_poly.nstd_linkage                   no 
_entity_poly.nstd_monomer                   no 
_entity_poly.pdbx_seq_one_letter_code       
;SKLQATKTLAADVIMRSPVSWKQELTLDAGRSKGASENMLAIANGGLIGSVSKVEENSTIVNLLTNTENADKISVKIQHG
STTIYGIIIGYDKENDVLKISQLNSNSDISAGDKVTTGGLGNFNVADIPVGEVVATTHSTDYLTREVTVKLSADTHNVDV
IELVGNSKLVPR
;
_entity_poly.pdbx_seq_one_letter_code_can   
;SKLQATKTLAADVIMRSPVSWKQELTLDAGRSKGASENMLAIANGGLIGSVSKVEENSTIVNLLTNTENADKISVKIQHG
STTIYGIIIGYDKENDVLKISQLNSNSDISAGDKVTTGGLGNFNVADIPVGEVVATTHSTDYLTREVTVKLSADTHNVDV
IELVGNSKLVPR
;
_entity_poly.pdbx_strand_id                 A 
_entity_poly.pdbx_target_identifier         ? 
# 
loop_
_entity_poly_seq.entity_id 
_entity_poly_seq.num 
_entity_poly_seq.mon_id 
_entity_poly_seq.hetero 
1 1   SER n 
1 2   LYS n 
1 3   LEU n 
1 4   GLN n 
1 5   ALA n 
1 6   THR n 
1 7   LYS n 
1 8   THR n 
1 9   LEU n 
1 10  ALA n 
1 11  ALA n 
1 12  ASP n 
1 13  VAL n 
1 14  ILE n 
1 15  MET n 
1 16  ARG n 
1 17  SER n 
1 18  PRO n 
1 19  VAL n 
1 20  SER n 
1 21  TRP n 
1 22  LYS n 
1 23  GLN n 
1 24  GLU n 
1 25  LEU n 
1 26  THR n 
1 27  LEU n 
1 28  ASP n 
1 29  ALA n 
1 30  GLY n 
1 31  ARG n 
1 32  SER n 
1 33  LYS n 
1 34  GLY n 
1 35  ALA n 
1 36  SER n 
1 37  GLU n 
1 38  ASN n 
1 39  MET n 
1 40  LEU n 
1 41  ALA n 
1 42  ILE n 
1 43  ALA n 
1 44  ASN n 
1 45  GLY n 
1 46  GLY n 
1 47  LEU n 
1 48  ILE n 
1 49  GLY n 
1 50  SER n 
1 51  VAL n 
1 52  SER n 
1 53  LYS n 
1 54  VAL n 
1 55  GLU n 
1 56  GLU n 
1 57  ASN n 
1 58  SER n 
1 59  THR n 
1 60  ILE n 
1 61  VAL n 
1 62  ASN n 
1 63  LEU n 
1 64  LEU n 
1 65  THR n 
1 66  ASN n 
1 67  THR n 
1 68  GLU n 
1 69  ASN n 
1 70  ALA n 
1 71  ASP n 
1 72  LYS n 
1 73  ILE n 
1 74  SER n 
1 75  VAL n 
1 76  LYS n 
1 77  ILE n 
1 78  GLN n 
1 79  HIS n 
1 80  GLY n 
1 81  SER n 
1 82  THR n 
1 83  THR n 
1 84  ILE n 
1 85  TYR n 
1 86  GLY n 
1 87  ILE n 
1 88  ILE n 
1 89  ILE n 
1 90  GLY n 
1 91  TYR n 
1 92  ASP n 
1 93  LYS n 
1 94  GLU n 
1 95  ASN n 
1 96  ASP n 
1 97  VAL n 
1 98  LEU n 
1 99  LYS n 
1 100 ILE n 
1 101 SER n 
1 102 GLN n 
1 103 LEU n 
1 104 ASN n 
1 105 SER n 
1 106 ASN n 
1 107 SER n 
1 108 ASP n 
1 109 ILE n 
1 110 SER n 
1 111 ALA n 
1 112 GLY n 
1 113 ASP n 
1 114 LYS n 
1 115 VAL n 
1 116 THR n 
1 117 THR n 
1 118 GLY n 
1 119 GLY n 
1 120 LEU n 
1 121 GLY n 
1 122 ASN n 
1 123 PHE n 
1 124 ASN n 
1 125 VAL n 
1 126 ALA n 
1 127 ASP n 
1 128 ILE n 
1 129 PRO n 
1 130 VAL n 
1 131 GLY n 
1 132 GLU n 
1 133 VAL n 
1 134 VAL n 
1 135 ALA n 
1 136 THR n 
1 137 THR n 
1 138 HIS n 
1 139 SER n 
1 140 THR n 
1 141 ASP n 
1 142 TYR n 
1 143 LEU n 
1 144 THR n 
1 145 ARG n 
1 146 GLU n 
1 147 VAL n 
1 148 THR n 
1 149 VAL n 
1 150 LYS n 
1 151 LEU n 
1 152 SER n 
1 153 ALA n 
1 154 ASP n 
1 155 THR n 
1 156 HIS n 
1 157 ASN n 
1 158 VAL n 
1 159 ASP n 
1 160 VAL n 
1 161 ILE n 
1 162 GLU n 
1 163 LEU n 
1 164 VAL n 
1 165 GLY n 
1 166 ASN n 
1 167 SER n 
1 168 LYS n 
1 169 LEU n 
1 170 VAL n 
1 171 PRO n 
1 172 ARG n 
# 
_entity_src_gen.entity_id                          1 
_entity_src_gen.pdbx_src_id                        1 
_entity_src_gen.pdbx_alt_source_flag               sample 
_entity_src_gen.pdbx_seq_type                      ? 
_entity_src_gen.pdbx_beg_seq_num                   ? 
_entity_src_gen.pdbx_end_seq_num                   ? 
_entity_src_gen.gene_src_common_name               ? 
_entity_src_gen.gene_src_genus                     Streptococcus 
_entity_src_gen.pdbx_gene_src_gene                 mreC 
_entity_src_gen.gene_src_species                   'Streptococcus pneumoniae' 
_entity_src_gen.gene_src_strain                    R6 
_entity_src_gen.gene_src_tissue                    ? 
_entity_src_gen.gene_src_tissue_fraction           ? 
_entity_src_gen.gene_src_details                   ? 
_entity_src_gen.pdbx_gene_src_fragment             ? 
_entity_src_gen.pdbx_gene_src_scientific_name      'Streptococcus pneumoniae' 
_entity_src_gen.pdbx_gene_src_ncbi_taxonomy_id     171101 
_entity_src_gen.pdbx_gene_src_variant              ? 
_entity_src_gen.pdbx_gene_src_cell_line            ? 
_entity_src_gen.pdbx_gene_src_atcc                 BAA-255 
_entity_src_gen.pdbx_gene_src_organ                ? 
_entity_src_gen.pdbx_gene_src_organelle            ? 
_entity_src_gen.pdbx_gene_src_cell                 ? 
_entity_src_gen.pdbx_gene_src_cellular_location    ? 
_entity_src_gen.host_org_common_name               ? 
_entity_src_gen.pdbx_host_org_scientific_name      'Escherichia coli BL21' 
_entity_src_gen.pdbx_host_org_ncbi_taxonomy_id     511693 
_entity_src_gen.host_org_genus                     Escherichia 
_entity_src_gen.pdbx_host_org_gene                 ? 
_entity_src_gen.pdbx_host_org_organ                ? 
_entity_src_gen.host_org_species                   'Escherichia coli' 
_entity_src_gen.pdbx_host_org_tissue               ? 
_entity_src_gen.pdbx_host_org_tissue_fraction      ? 
_entity_src_gen.pdbx_host_org_strain               BL21 
_entity_src_gen.pdbx_host_org_variant              ? 
_entity_src_gen.pdbx_host_org_cell_line            ? 
_entity_src_gen.pdbx_host_org_atcc                 ? 
_entity_src_gen.pdbx_host_org_culture_collection   ? 
_entity_src_gen.pdbx_host_org_cell                 ? 
_entity_src_gen.pdbx_host_org_organelle            ? 
_entity_src_gen.pdbx_host_org_cellular_location    ? 
_entity_src_gen.pdbx_host_org_vector_type          Plasmid 
_entity_src_gen.pdbx_host_org_vector               pET 
_entity_src_gen.host_org_details                   ? 
_entity_src_gen.expression_system_id               ? 
_entity_src_gen.plasmid_name                       pET41 
_entity_src_gen.plasmid_details                    ? 
_entity_src_gen.pdbx_description                   ? 
# 
_struct_ref.id                         1 
_struct_ref.db_name                    UNP 
_struct_ref.db_code                    Q8DMY2_STRR6 
_struct_ref.pdbx_db_accession          Q8DMY2 
_struct_ref.entity_id                  1 
_struct_ref.pdbx_seq_one_letter_code   
;SKLQATKTLAADVIMRSPVSWKQELTLDAGRSKGASENMLAIANGGLIGSVSKVEENSTIVNLLTNTENADKISVKIQHG
STTIYGIIIGYDKENDVLKISQLNSNSDISAGDKVTTGGLGNFNVADIPVGEVVATTHSTDYLTREVTVKLSADTHNVDV
IELVGNS
;
_struct_ref.pdbx_align_begin           106 
_struct_ref.pdbx_db_isoform            ? 
# 
_struct_ref_seq.align_id                      1 
_struct_ref_seq.ref_id                        1 
_struct_ref_seq.pdbx_PDB_id_code              2QF5 
_struct_ref_seq.pdbx_strand_id                A 
_struct_ref_seq.seq_align_beg                 1 
_struct_ref_seq.pdbx_seq_align_beg_ins_code   ? 
_struct_ref_seq.seq_align_end                 167 
_struct_ref_seq.pdbx_seq_align_end_ins_code   ? 
_struct_ref_seq.pdbx_db_accession             Q8DMY2 
_struct_ref_seq.db_align_beg                  106 
_struct_ref_seq.pdbx_db_align_beg_ins_code    ? 
_struct_ref_seq.db_align_end                  272 
_struct_ref_seq.pdbx_db_align_end_ins_code    ? 
_struct_ref_seq.pdbx_auth_seq_align_beg       106 
_struct_ref_seq.pdbx_auth_seq_align_end       272 
# 
loop_
_struct_ref_seq_dif.align_id 
_struct_ref_seq_dif.pdbx_pdb_id_code 
_struct_ref_seq_dif.mon_id 
_struct_ref_seq_dif.pdbx_pdb_strand_id 
_struct_ref_seq_dif.seq_num 
_struct_ref_seq_dif.pdbx_pdb_ins_code 
_struct_ref_seq_dif.pdbx_seq_db_name 
_struct_ref_seq_dif.pdbx_seq_db_accession_code 
_struct_ref_seq_dif.db_mon_id 
_struct_ref_seq_dif.pdbx_seq_db_seq_num 
_struct_ref_seq_dif.details 
_struct_ref_seq_dif.pdbx_auth_seq_num 
_struct_ref_seq_dif.pdbx_ordinal 
1 2QF5 LYS A 168 ? UNP Q8DMY2 ? ? 'cloning artifact' 273 1 
1 2QF5 LEU A 169 ? UNP Q8DMY2 ? ? 'cloning artifact' 274 2 
1 2QF5 VAL A 170 ? UNP Q8DMY2 ? ? 'cloning artifact' 275 3 
1 2QF5 PRO A 171 ? UNP Q8DMY2 ? ? 'cloning artifact' 276 4 
1 2QF5 ARG A 172 ? UNP Q8DMY2 ? ? 'cloning artifact' 277 5 
# 
loop_
_chem_comp.id 
_chem_comp.type 
_chem_comp.mon_nstd_flag 
_chem_comp.name 
_chem_comp.pdbx_synonyms 
_chem_comp.formula 
_chem_comp.formula_weight 
ALA 'L-peptide linking' y ALANINE         ? 'C3 H7 N O2'     89.093  
ARG 'L-peptide linking' y ARGININE        ? 'C6 H15 N4 O2 1' 175.209 
ASN 'L-peptide linking' y ASPARAGINE      ? 'C4 H8 N2 O3'    132.118 
ASP 'L-peptide linking' y 'ASPARTIC ACID' ? 'C4 H7 N O4'     133.103 
GLN 'L-peptide linking' y GLUTAMINE       ? 'C5 H10 N2 O3'   146.144 
GLU 'L-peptide linking' y 'GLUTAMIC ACID' ? 'C5 H9 N O4'     147.129 
GLY 'peptide linking'   y GLYCINE         ? 'C2 H5 N O2'     75.067  
HIS 'L-peptide linking' y HISTIDINE       ? 'C6 H10 N3 O2 1' 156.162 
HOH non-polymer         . WATER           ? 'H2 O'           18.015  
ILE 'L-peptide linking' y ISOLEUCINE      ? 'C6 H13 N O2'    131.173 
LEU 'L-peptide linking' y LEUCINE         ? 'C6 H13 N O2'    131.173 
LYS 'L-peptide linking' y LYSINE          ? 'C6 H15 N2 O2 1' 147.195 
MET 'L-peptide linking' y METHIONINE      ? 'C5 H11 N O2 S'  149.211 
PHE 'L-peptide linking' y PHENYLALANINE   ? 'C9 H11 N O2'    165.189 
PRO 'L-peptide linking' y PROLINE         ? 'C5 H9 N O2'     115.130 
SER 'L-peptide linking' y SERINE          ? 'C3 H7 N O3'     105.093 
THR 'L-peptide linking' y THREONINE       ? 'C4 H9 N O3'     119.119 
TRP 'L-peptide linking' y TRYPTOPHAN      ? 'C11 H12 N2 O2'  204.225 
TYR 'L-peptide linking' y TYROSINE        ? 'C9 H11 N O3'    181.189 
VAL 'L-peptide linking' y VALINE          ? 'C5 H11 N O2'    117.146 
# 
_exptl.crystals_number   1 
_exptl.entry_id          2QF5 
_exptl.method            'X-RAY DIFFRACTION' 
# 
_exptl_crystal.id                    1 
_exptl_crystal.density_Matthews      2.38 
_exptl_crystal.density_meas          ? 
_exptl_crystal.density_percent_sol   48.25 
_exptl_crystal.description           ? 
_exptl_crystal.F_000                 ? 
_exptl_crystal.preparation           ? 
# 
_exptl_crystal_grow.crystal_id      1 
_exptl_crystal_grow.method          'VAPOR DIFFUSION, SITTING DROP' 
_exptl_crystal_grow.pH              4.6 
_exptl_crystal_grow.temp            298 
_exptl_crystal_grow.temp_details    ? 
_exptl_crystal_grow.pdbx_details    
'0.1M Sodium acetate pH 4.6, 0.2M Ammonium sulfate, 12.5% PEG 4000, VAPOR DIFFUSION, SITTING DROP, temperature 298K' 
_exptl_crystal_grow.pdbx_pH_range   . 
# 
_diffrn.id                     1 
_diffrn.ambient_temp           100 
_diffrn.ambient_temp_details   ? 
_diffrn.crystal_id             1 
# 
_diffrn_detector.diffrn_id              1 
_diffrn_detector.detector               'IMAGE PLATE' 
_diffrn_detector.type                   'MAR scanner 300 mm plate' 
_diffrn_detector.pdbx_collection_date   2006-06-15 
_diffrn_detector.details                ? 
# 
_diffrn_radiation.diffrn_id                        1 
_diffrn_radiation.wavelength_id                    1 
_diffrn_radiation.pdbx_diffrn_protocol             'SINGLE WAVELENGTH' 
_diffrn_radiation.monochromator                    ? 
_diffrn_radiation.pdbx_monochromatic_or_laue_m_l   M 
_diffrn_radiation.pdbx_scattering_type             x-ray 
# 
_diffrn_radiation_wavelength.id           1 
_diffrn_radiation_wavelength.wavelength   1.5418 
_diffrn_radiation_wavelength.wt           1.0 
# 
_diffrn_source.diffrn_id                   1 
_diffrn_source.source                      'ROTATING ANODE' 
_diffrn_source.type                        'RIGAKU MICROMAX-007 HF' 
_diffrn_source.pdbx_wavelength             ? 
_diffrn_source.pdbx_wavelength_list        1.5418 
_diffrn_source.pdbx_synchrotron_site       ? 
_diffrn_source.pdbx_synchrotron_beamline   ? 
# 
_reflns.entry_id                     2QF5 
_reflns.d_resolution_high            2.23 
_reflns.d_resolution_low             23.83 
_reflns.number_obs                   7873 
_reflns.pdbx_Rmerge_I_obs            0.030 
_reflns.pdbx_netI_over_sigmaI        18.300 
_reflns.pdbx_Rsym_value              0.030 
_reflns.pdbx_redundancy              5.200 
_reflns.percent_possible_obs         90.300 
_reflns.observed_criterion_sigma_F   0 
_reflns.observed_criterion_sigma_I   0 
_reflns.number_all                   ? 
_reflns.B_iso_Wilson_estimate        ? 
_reflns.R_free_details               ? 
_reflns.limit_h_max                  ? 
_reflns.limit_h_min                  ? 
_reflns.limit_k_max                  ? 
_reflns.limit_k_min                  ? 
_reflns.limit_l_max                  ? 
_reflns.limit_l_min                  ? 
_reflns.observed_criterion_F_max     ? 
_reflns.observed_criterion_F_min     ? 
_reflns.pdbx_chi_squared             ? 
_reflns.pdbx_scaling_rejects         ? 
_reflns.pdbx_ordinal                 1 
_reflns.pdbx_diffrn_id               1 
# 
loop_
_reflns_shell.d_res_high 
_reflns_shell.d_res_low 
_reflns_shell.number_measured_obs 
_reflns_shell.number_measured_all 
_reflns_shell.number_unique_obs 
_reflns_shell.Rmerge_I_obs 
_reflns_shell.meanI_over_sigI_obs 
_reflns_shell.pdbx_Rsym_value 
_reflns_shell.pdbx_chi_squared 
_reflns_shell.pdbx_redundancy 
_reflns_shell.percent_possible_obs 
_reflns_shell.number_unique_all 
_reflns_shell.percent_possible_all 
_reflns_shell.pdbx_ordinal 
_reflns_shell.pdbx_diffrn_id 
2.23 2.33  ? 4945 ? 0.123 6.0  0.123 ? 5.10 ? 966  76.40 1  1 
2.33 2.47  ? 5809 ? 0.085 8.9  0.085 ? 5.20 ? 1108 93.70 2  1 
2.47 2.64  ? 5685 ? 0.066 11.3 0.066 ? 5.30 ? 1075 94.10 3  1 
2.64 2.85  ? 5174 ? 0.046 15.5 0.046 ? 5.20 ? 991  94.50 4  1 
2.85 3.12  ? 4776 ? 0.033 20.2 0.033 ? 5.30 ? 905  95.40 5  1 
3.12 3.49  ? 4429 ? 0.025 26.1 0.025 ? 5.20 ? 846  95.40 6  1 
3.49 4.03  ? 3027 ? 0.022 28.7 0.022 ? 5.30 ? 572  73.80 7  1 
4.03 4.94  ? 3326 ? 0.019 29.9 0.019 ? 5.20 ? 634  96.60 8  1 
4.94 6.99  ? 2592 ? 0.023 23.8 0.023 ? 5.20 ? 500  96.60 9  1 
6.99 23.83 ? 1363 ? 0.023 23.7 0.023 ? 4.90 ? 276  95.00 10 1 
# 
_refine.entry_id                                 2QF5 
_refine.ls_d_res_high                            2.23 
_refine.ls_d_res_low                             23.83 
_refine.pdbx_ls_sigma_F                          0.00 
_refine.ls_percent_reflns_obs                    92.720 
_refine.ls_number_reflns_obs                     7870 
_refine.pdbx_ls_cross_valid_method               THROUGHOUT 
_refine.pdbx_R_Free_selection_details            RANDOM 
_refine.details                                  'HYDROGENS HAVE BEEN ADDED IN THE RIDING POSITIONS' 
_refine.ls_R_factor_obs                          0.197 
_refine.ls_R_factor_R_work                       0.194 
_refine.ls_R_factor_R_free                       0.268 
_refine.ls_percent_reflns_R_free                 4.600 
_refine.ls_number_reflns_R_free                  365 
_refine.B_iso_mean                               20.210 
_refine.aniso_B[1][1]                            2.900 
_refine.aniso_B[2][2]                            -1.760 
_refine.aniso_B[3][3]                            -2.160 
_refine.aniso_B[1][2]                            0.000 
_refine.aniso_B[1][3]                            -1.190 
_refine.aniso_B[2][3]                            0.000 
_refine.correlation_coeff_Fo_to_Fc               0.945 
_refine.correlation_coeff_Fo_to_Fc_free          0.886 
_refine.pdbx_overall_ESU_R                       0.313 
_refine.pdbx_overall_ESU_R_Free                  0.253 
_refine.overall_SU_ML                            0.158 
_refine.overall_SU_B                             11.789 
_refine.solvent_model_details                    MASK 
_refine.pdbx_solvent_vdw_probe_radii             1.400 
_refine.pdbx_solvent_ion_probe_radii             0.800 
_refine.pdbx_solvent_shrinkage_radii             0.800 
_refine.pdbx_stereochemistry_target_values       'MAXIMUM LIKELIHOOD' 
_refine.pdbx_ls_sigma_I                          0 
_refine.ls_number_reflns_all                     ? 
_refine.ls_R_factor_all                          ? 
_refine.ls_redundancy_reflns_obs                 ? 
_refine.pdbx_data_cutoff_high_absF               ? 
_refine.pdbx_data_cutoff_low_absF                ? 
_refine.ls_number_parameters                     ? 
_refine.ls_number_restraints                     ? 
_refine.ls_R_factor_R_free_error                 ? 
_refine.ls_R_factor_R_free_error_details         ? 
_refine.pdbx_method_to_determine_struct          'MOLECULAR REPLACEMENT' 
_refine.pdbx_starting_model                      'PDB entry 2QF4' 
_refine.pdbx_stereochem_target_val_spec_case     ? 
_refine.solvent_model_param_bsol                 ? 
_refine.solvent_model_param_ksol                 ? 
_refine.occupancy_max                            ? 
_refine.occupancy_min                            ? 
_refine.pdbx_isotropic_thermal_model             ? 
_refine.B_iso_min                                ? 
_refine.B_iso_max                                ? 
_refine.overall_SU_R_Cruickshank_DPI             ? 
_refine.overall_SU_R_free                        ? 
_refine.pdbx_data_cutoff_high_rms_absF           ? 
_refine.ls_wR_factor_R_free                      ? 
_refine.ls_wR_factor_R_work                      ? 
_refine.overall_FOM_free_R_set                   ? 
_refine.overall_FOM_work_R_set                   ? 
_refine.pdbx_refine_id                           'X-RAY DIFFRACTION' 
_refine.pdbx_TLS_residual_ADP_flag               'LIKELY RESIDUAL' 
_refine.pdbx_diffrn_id                           1 
_refine.pdbx_overall_phase_error                 ? 
_refine.pdbx_overall_SU_R_free_Cruickshank_DPI   ? 
_refine.pdbx_overall_SU_R_Blow_DPI               ? 
_refine.pdbx_overall_SU_R_free_Blow_DPI          ? 
# 
_refine_hist.pdbx_refine_id                   'X-RAY DIFFRACTION' 
_refine_hist.cycle_id                         LAST 
_refine_hist.pdbx_number_atoms_protein        1161 
_refine_hist.pdbx_number_atoms_nucleic_acid   0 
_refine_hist.pdbx_number_atoms_ligand         0 
_refine_hist.number_atoms_solvent             74 
_refine_hist.number_atoms_total               1235 
_refine_hist.d_res_high                       2.23 
_refine_hist.d_res_low                        23.83 
# 
loop_
_refine_ls_restr.type 
_refine_ls_restr.number 
_refine_ls_restr.dev_ideal 
_refine_ls_restr.dev_ideal_target 
_refine_ls_restr.weight 
_refine_ls_restr.pdbx_refine_id 
_refine_ls_restr.pdbx_restraint_function 
r_bond_refined_d         1170 0.012  0.022  ? 'X-RAY DIFFRACTION' ? 
r_bond_other_d           734  0.001  0.020  ? 'X-RAY DIFFRACTION' ? 
r_angle_refined_deg      1587 1.376  1.957  ? 'X-RAY DIFFRACTION' ? 
r_angle_other_deg        1831 0.882  3.000  ? 'X-RAY DIFFRACTION' ? 
r_dihedral_angle_1_deg   156  6.329  5.000  ? 'X-RAY DIFFRACTION' ? 
r_dihedral_angle_2_deg   45   38.843 27.111 ? 'X-RAY DIFFRACTION' ? 
r_dihedral_angle_3_deg   208  15.396 15.000 ? 'X-RAY DIFFRACTION' ? 
r_dihedral_angle_4_deg   3    22.352 15.000 ? 'X-RAY DIFFRACTION' ? 
r_chiral_restr           201  0.075  0.200  ? 'X-RAY DIFFRACTION' ? 
r_gen_planes_refined     1304 0.004  0.020  ? 'X-RAY DIFFRACTION' ? 
r_gen_planes_other       190  0.001  0.020  ? 'X-RAY DIFFRACTION' ? 
r_nbd_refined            170  0.195  0.200  ? 'X-RAY DIFFRACTION' ? 
r_nbd_other              773  0.190  0.200  ? 'X-RAY DIFFRACTION' ? 
r_nbtor_refined          536  0.163  0.200  ? 'X-RAY DIFFRACTION' ? 
r_nbtor_other            684  0.086  0.200  ? 'X-RAY DIFFRACTION' ? 
r_xyhbond_nbd_refined    67   0.155  0.200  ? 'X-RAY DIFFRACTION' ? 
r_symmetry_vdw_refined   13   0.145  0.200  ? 'X-RAY DIFFRACTION' ? 
r_symmetry_vdw_other     18   0.254  0.200  ? 'X-RAY DIFFRACTION' ? 
r_symmetry_hbond_refined 10   0.195  0.200  ? 'X-RAY DIFFRACTION' ? 
r_mcbond_it              1001 0.688  1.500  ? 'X-RAY DIFFRACTION' ? 
r_mcbond_other           327  0.124  1.500  ? 'X-RAY DIFFRACTION' ? 
r_mcangle_it             1257 0.867  2.000  ? 'X-RAY DIFFRACTION' ? 
r_scbond_it              431  1.541  3.000  ? 'X-RAY DIFFRACTION' ? 
r_scangle_it             330  2.393  4.500  ? 'X-RAY DIFFRACTION' ? 
# 
_refine_ls_shell.d_res_high                       2.23 
_refine_ls_shell.d_res_low                        2.29 
_refine_ls_shell.pdbx_total_number_of_bins_used   20 
_refine_ls_shell.percent_reflns_obs               91.210 
_refine_ls_shell.number_reflns_R_work             536 
_refine_ls_shell.R_factor_all                     ? 
_refine_ls_shell.R_factor_R_work                  0.226 
_refine_ls_shell.R_factor_R_free                  0.225 
_refine_ls_shell.percent_reflns_R_free            ? 
_refine_ls_shell.number_reflns_R_free             24 
_refine_ls_shell.R_factor_R_free_error            ? 
_refine_ls_shell.number_reflns_all                ? 
_refine_ls_shell.number_reflns_obs                560 
_refine_ls_shell.redundancy_reflns_obs            ? 
_refine_ls_shell.pdbx_refine_id                   'X-RAY DIFFRACTION' 
# 
_struct.entry_id                  2QF5 
_struct.title                     
'High resolution structure of the major periplasmic domain from the cell shape-determining filament MreC (monoclinic form)' 
_struct.pdbx_model_details        ? 
_struct.pdbx_CASP_flag            ? 
_struct.pdbx_model_type_details   ? 
# 
_struct_keywords.entry_id        2QF5 
_struct_keywords.pdbx_keywords   'STRUCTURAL PROTEIN' 
_struct_keywords.text            'filament a-lytic protease fold, STRUCTURAL PROTEIN' 
# 
loop_
_struct_asym.id 
_struct_asym.pdbx_blank_PDB_chainid_flag 
_struct_asym.pdbx_modified 
_struct_asym.entity_id 
_struct_asym.details 
A N N 1 ? 
B N N 2 ? 
# 
_struct_biol.id   1 
# 
_struct_conf.conf_type_id            HELX_P 
_struct_conf.id                      HELX_P1 
_struct_conf.pdbx_PDB_helix_id       1 
_struct_conf.beg_label_comp_id       GLY 
_struct_conf.beg_label_asym_id       A 
_struct_conf.beg_label_seq_id        30 
_struct_conf.pdbx_beg_PDB_ins_code   ? 
_struct_conf.end_label_comp_id       GLY 
_struct_conf.end_label_asym_id       A 
_struct_conf.end_label_seq_id        34 
_struct_conf.pdbx_end_PDB_ins_code   ? 
_struct_conf.beg_auth_comp_id        GLY 
_struct_conf.beg_auth_asym_id        A 
_struct_conf.beg_auth_seq_id         135 
_struct_conf.end_auth_comp_id        GLY 
_struct_conf.end_auth_asym_id        A 
_struct_conf.end_auth_seq_id         139 
_struct_conf.pdbx_PDB_helix_class    5 
_struct_conf.details                 ? 
_struct_conf.pdbx_PDB_helix_length   5 
# 
_struct_conf_type.id          HELX_P 
_struct_conf_type.criteria    ? 
_struct_conf_type.reference   ? 
# 
loop_
_struct_sheet.id 
_struct_sheet.type 
_struct_sheet.number_strands 
_struct_sheet.details 
A ? 7 ? 
B ? 7 ? 
# 
loop_
_struct_sheet_order.sheet_id 
_struct_sheet_order.range_id_1 
_struct_sheet_order.range_id_2 
_struct_sheet_order.offset 
_struct_sheet_order.sense 
A 1 2 ? anti-parallel 
A 2 3 ? anti-parallel 
A 3 4 ? anti-parallel 
A 4 5 ? anti-parallel 
A 5 6 ? anti-parallel 
A 6 7 ? anti-parallel 
B 1 2 ? anti-parallel 
B 2 3 ? anti-parallel 
B 3 4 ? anti-parallel 
B 4 5 ? anti-parallel 
B 5 6 ? anti-parallel 
B 6 7 ? anti-parallel 
# 
loop_
_struct_sheet_range.sheet_id 
_struct_sheet_range.id 
_struct_sheet_range.beg_label_comp_id 
_struct_sheet_range.beg_label_asym_id 
_struct_sheet_range.beg_label_seq_id 
_struct_sheet_range.pdbx_beg_PDB_ins_code 
_struct_sheet_range.end_label_comp_id 
_struct_sheet_range.end_label_asym_id 
_struct_sheet_range.end_label_seq_id 
_struct_sheet_range.pdbx_end_PDB_ins_code 
_struct_sheet_range.beg_auth_comp_id 
_struct_sheet_range.beg_auth_asym_id 
_struct_sheet_range.beg_auth_seq_id 
_struct_sheet_range.end_auth_comp_id 
_struct_sheet_range.end_auth_asym_id 
_struct_sheet_range.end_auth_seq_id 
A 1 THR A 6   ? ARG A 16  ? THR A 111 ARG A 121 
A 2 GLU A 24  ? LEU A 27  ? GLU A 129 LEU A 132 
A 3 THR A 59  ? LEU A 63  ? THR A 164 LEU A 168 
A 4 GLY A 46  ? VAL A 54  ? GLY A 151 VAL A 159 
A 5 LEU A 40  ? ALA A 43  ? LEU A 145 ALA A 148 
A 6 VAL A 160 ? ASN A 166 ? VAL A 265 ASN A 271 
A 7 THR A 6   ? ARG A 16  ? THR A 111 ARG A 121 
B 1 GLU A 68  ? HIS A 79  ? GLU A 173 HIS A 184 
B 2 THR A 82  ? ASP A 92  ? THR A 187 ASP A 197 
B 3 VAL A 97  ? SER A 101 ? VAL A 202 SER A 206 
B 4 GLU A 146 ? LEU A 151 ? GLU A 251 LEU A 256 
B 5 ALA A 126 ? THR A 137 ? ALA A 231 THR A 242 
B 6 LYS A 114 ? GLY A 118 ? LYS A 219 GLY A 223 
B 7 GLU A 68  ? HIS A 79  ? GLU A 173 HIS A 184 
# 
loop_
_pdbx_struct_sheet_hbond.sheet_id 
_pdbx_struct_sheet_hbond.range_id_1 
_pdbx_struct_sheet_hbond.range_id_2 
_pdbx_struct_sheet_hbond.range_1_label_atom_id 
_pdbx_struct_sheet_hbond.range_1_label_comp_id 
_pdbx_struct_sheet_hbond.range_1_label_asym_id 
_pdbx_struct_sheet_hbond.range_1_label_seq_id 
_pdbx_struct_sheet_hbond.range_1_PDB_ins_code 
_pdbx_struct_sheet_hbond.range_1_auth_atom_id 
_pdbx_struct_sheet_hbond.range_1_auth_comp_id 
_pdbx_struct_sheet_hbond.range_1_auth_asym_id 
_pdbx_struct_sheet_hbond.range_1_auth_seq_id 
_pdbx_struct_sheet_hbond.range_2_label_atom_id 
_pdbx_struct_sheet_hbond.range_2_label_comp_id 
_pdbx_struct_sheet_hbond.range_2_label_asym_id 
_pdbx_struct_sheet_hbond.range_2_label_seq_id 
_pdbx_struct_sheet_hbond.range_2_PDB_ins_code 
_pdbx_struct_sheet_hbond.range_2_auth_atom_id 
_pdbx_struct_sheet_hbond.range_2_auth_comp_id 
_pdbx_struct_sheet_hbond.range_2_auth_asym_id 
_pdbx_struct_sheet_hbond.range_2_auth_seq_id 
A 1 2 N ILE A 14  ? N ILE A 119 O THR A 26  ? O THR A 131 
A 2 3 N LEU A 27  ? N LEU A 132 O THR A 59  ? O THR A 164 
A 3 4 O ASN A 62  ? O ASN A 167 N SER A 50  ? N SER A 155 
A 4 5 O GLY A 46  ? O GLY A 151 N ALA A 43  ? N ALA A 148 
A 5 6 N ILE A 42  ? N ILE A 147 O GLU A 162 ? O GLU A 267 
A 6 7 O LEU A 163 ? O LEU A 268 N LEU A 9   ? N LEU A 114 
B 1 2 N ILE A 77  ? N ILE A 182 O ILE A 84  ? O ILE A 189 
B 2 3 N ASP A 92  ? N ASP A 197 O VAL A 97  ? O VAL A 202 
B 3 4 N ILE A 100 ? N ILE A 205 O VAL A 147 ? O VAL A 252 
B 4 5 O THR A 148 ? O THR A 253 N VAL A 134 ? N VAL A 239 
B 5 6 O GLY A 131 ? O GLY A 236 N VAL A 115 ? N VAL A 220 
B 6 7 O THR A 116 ? O THR A 221 N LYS A 76  ? N LYS A 181 
# 
_atom_sites.entry_id                    2QF5 
_atom_sites.fract_transf_matrix[1][1]   0.00348027 
_atom_sites.fract_transf_matrix[1][2]   -0.00577938 
_atom_sites.fract_transf_matrix[1][3]   -0.01168272 
_atom_sites.fract_transf_matrix[2][1]   -0.01631042 
_atom_sites.fract_transf_matrix[2][2]   0.00882287 
_atom_sites.fract_transf_matrix[2][3]   -0.00922349 
_atom_sites.fract_transf_matrix[3][1]   0.01407645 
_atom_sites.fract_transf_matrix[3][2]   0.01226935 
_atom_sites.fract_transf_matrix[3][3]   -0.01315575 
_atom_sites.fract_transf_vector[1]      0.181407 
_atom_sites.fract_transf_vector[2]      -0.003016 
_atom_sites.fract_transf_vector[3]      0.263252 
# 
loop_
_atom_type.symbol 
C 
N 
O 
S 
# 
loop_
_atom_site.group_PDB 
_atom_site.id 
_atom_site.type_symbol 
_atom_site.label_atom_id 
_atom_site.label_alt_id 
_atom_site.label_comp_id 
_atom_site.label_asym_id 
_atom_site.label_entity_id 
_atom_site.label_seq_id 
_atom_site.pdbx_PDB_ins_code 
_atom_site.Cartn_x 
_atom_site.Cartn_y 
_atom_site.Cartn_z 
_atom_site.occupancy 
_atom_site.B_iso_or_equiv 
_atom_site.pdbx_formal_charge 
_atom_site.auth_seq_id 
_atom_site.auth_comp_id 
_atom_site.auth_asym_id 
_atom_site.auth_atom_id 
_atom_site.pdbx_PDB_model_num 
ATOM   1    N N   . ALA A 1 5   ? -0.776  18.885  7.532   1.00 29.53 ? 110 ALA A N   1 
ATOM   2    C CA  . ALA A 1 5   ? -1.359  17.516  7.432   1.00 29.52 ? 110 ALA A CA  1 
ATOM   3    C C   . ALA A 1 5   ? -0.363  16.517  6.852   1.00 29.48 ? 110 ALA A C   1 
ATOM   4    O O   . ALA A 1 5   ? -0.252  15.401  7.355   1.00 29.77 ? 110 ALA A O   1 
ATOM   5    C CB  . ALA A 1 5   ? -2.636  17.539  6.578   1.00 29.49 ? 110 ALA A CB  1 
ATOM   6    N N   . THR A 1 6   ? 0.365   16.921  5.811   1.00 29.22 ? 111 THR A N   1 
ATOM   7    C CA  . THR A 1 6   ? 1.079   15.972  4.954   1.00 29.02 ? 111 THR A CA  1 
ATOM   8    C C   . THR A 1 6   ? 2.499   16.397  4.539   1.00 28.72 ? 111 THR A C   1 
ATOM   9    O O   . THR A 1 6   ? 2.711   17.519  4.101   1.00 28.58 ? 111 THR A O   1 
ATOM   10   C CB  . THR A 1 6   ? 0.232   15.666  3.682   1.00 29.14 ? 111 THR A CB  1 
ATOM   11   O OG1 . THR A 1 6   ? -0.705  14.618  3.975   1.00 29.34 ? 111 THR A OG1 1 
ATOM   12   C CG2 . THR A 1 6   ? 1.098   15.222  2.538   1.00 29.27 ? 111 THR A CG2 1 
ATOM   13   N N   . LYS A 1 7   ? 3.454   15.469  4.671   1.00 28.41 ? 112 LYS A N   1 
ATOM   14   C CA  . LYS A 1 7   ? 4.810   15.634  4.125   1.00 28.09 ? 112 LYS A CA  1 
ATOM   15   C C   . LYS A 1 7   ? 5.025   14.700  2.942   1.00 27.75 ? 112 LYS A C   1 
ATOM   16   O O   . LYS A 1 7   ? 4.803   13.498  3.026   1.00 27.53 ? 112 LYS A O   1 
ATOM   17   C CB  . LYS A 1 7   ? 5.907   15.436  5.181   1.00 28.29 ? 112 LYS A CB  1 
ATOM   18   C CG  . LYS A 1 7   ? 5.836   14.172  6.014   1.00 28.12 ? 112 LYS A CG  1 
ATOM   19   C CD  . LYS A 1 7   ? 6.649   14.322  7.315   1.00 28.12 ? 112 LYS A CD  1 
ATOM   20   C CE  . LYS A 1 7   ? 6.670   13.015  8.120   1.00 27.59 ? 112 LYS A CE  1 
ATOM   21   N NZ  . LYS A 1 7   ? 7.632   13.059  9.251   1.00 27.63 ? 112 LYS A NZ  1 
ATOM   22   N N   . THR A 1 8   ? 5.443   15.282  1.832   1.00 27.43 ? 113 THR A N   1 
ATOM   23   C CA  . THR A 1 8   ? 5.639   14.546  0.609   1.00 27.46 ? 113 THR A CA  1 
ATOM   24   C C   . THR A 1 8   ? 7.082   14.753  0.097   1.00 27.13 ? 113 THR A C   1 
ATOM   25   O O   . THR A 1 8   ? 7.728   15.715  0.435   1.00 27.23 ? 113 THR A O   1 
ATOM   26   C CB  . THR A 1 8   ? 4.561   14.924  -0.436  1.00 27.37 ? 113 THR A CB  1 
ATOM   27   O OG1 . THR A 1 8   ? 4.716   16.280  -0.830  1.00 27.88 ? 113 THR A OG1 1 
ATOM   28   C CG2 . THR A 1 8   ? 3.162   14.741  0.128   1.00 26.25 ? 113 THR A CG2 1 
ATOM   29   N N   . LEU A 1 9   ? 7.563   13.796  -0.687  1.00 27.50 ? 114 LEU A N   1 
ATOM   30   C CA  . LEU A 1 9   ? 8.967   13.630  -1.031  1.00 27.22 ? 114 LEU A CA  1 
ATOM   31   C C   . LEU A 1 9   ? 8.951   12.792  -2.298  1.00 26.86 ? 114 LEU A C   1 
ATOM   32   O O   . LEU A 1 9   ? 8.221   11.827  -2.370  1.00 27.17 ? 114 LEU A O   1 
ATOM   33   C CB  . LEU A 1 9   ? 9.665   12.853  0.108   1.00 27.84 ? 114 LEU A CB  1 
ATOM   34   C CG  . LEU A 1 9   ? 11.168  12.919  0.395   1.00 27.77 ? 114 LEU A CG  1 
ATOM   35   C CD1 . LEU A 1 9   ? 11.441  12.144  1.659   1.00 29.34 ? 114 LEU A CD1 1 
ATOM   36   C CD2 . LEU A 1 9   ? 12.035  12.374  -0.708  1.00 29.19 ? 114 LEU A CD2 1 
ATOM   37   N N   . ALA A 1 10  ? 9.728   13.159  -3.304  1.00 26.90 ? 115 ALA A N   1 
ATOM   38   C CA  . ALA A 1 10  ? 9.896   12.326  -4.488  1.00 26.19 ? 115 ALA A CA  1 
ATOM   39   C C   . ALA A 1 10  ? 11.288  11.726  -4.393  1.00 26.10 ? 115 ALA A C   1 
ATOM   40   O O   . ALA A 1 10  ? 12.227  12.386  -3.909  1.00 25.50 ? 115 ALA A O   1 
ATOM   41   C CB  . ALA A 1 10  ? 9.738   13.147  -5.770  1.00 26.35 ? 115 ALA A CB  1 
ATOM   42   N N   . ALA A 1 11  ? 11.413  10.471  -4.817  1.00 25.57 ? 116 ALA A N   1 
ATOM   43   C CA  . ALA A 1 11  ? 12.702  9.775   -4.840  1.00 25.45 ? 116 ALA A CA  1 
ATOM   44   C C   . ALA A 1 11  ? 12.757  8.743   -5.976  1.00 25.05 ? 116 ALA A C   1 
ATOM   45   O O   . ALA A 1 11  ? 11.732  8.278   -6.475  1.00 25.55 ? 116 ALA A O   1 
ATOM   46   C CB  . ALA A 1 11  ? 12.991  9.118   -3.469  1.00 24.19 ? 116 ALA A CB  1 
ATOM   47   N N   . ASP A 1 12  ? 13.969  8.405   -6.389  1.00 25.52 ? 117 ASP A N   1 
ATOM   48   C CA  . ASP A 1 12  ? 14.197  7.424   -7.440  1.00 25.40 ? 117 ASP A CA  1 
ATOM   49   C C   . ASP A 1 12  ? 14.573  6.075   -6.824  1.00 25.34 ? 117 ASP A C   1 
ATOM   50   O O   . ASP A 1 12  ? 15.240  6.012   -5.797  1.00 24.18 ? 117 ASP A O   1 
ATOM   51   C CB  . ASP A 1 12  ? 15.317  7.893   -8.393  1.00 25.62 ? 117 ASP A CB  1 
ATOM   52   C CG  . ASP A 1 12  ? 14.963  9.157   -9.155  1.00 25.99 ? 117 ASP A CG  1 
ATOM   53   O OD1 . ASP A 1 12  ? 13.829  9.296   -9.624  1.00 30.81 ? 117 ASP A OD1 1 
ATOM   54   O OD2 . ASP A 1 12  ? 15.823  10.025  -9.308  1.00 27.64 ? 117 ASP A OD2 1 
ATOM   55   N N   . VAL A 1 13  ? 14.164  5.004   -7.504  1.00 25.77 ? 118 VAL A N   1 
ATOM   56   C CA  . VAL A 1 13  ? 14.553  3.641   -7.144  1.00 25.75 ? 118 VAL A CA  1 
ATOM   57   C C   . VAL A 1 13  ? 15.981  3.439   -7.574  1.00 25.88 ? 118 VAL A C   1 
ATOM   58   O O   . VAL A 1 13  ? 16.327  3.696   -8.719  1.00 25.94 ? 118 VAL A O   1 
ATOM   59   C CB  . VAL A 1 13  ? 13.632  2.608   -7.823  1.00 25.34 ? 118 VAL A CB  1 
ATOM   60   C CG1 . VAL A 1 13  ? 14.147  1.167   -7.635  1.00 22.98 ? 118 VAL A CG1 1 
ATOM   61   C CG2 . VAL A 1 13  ? 12.183  2.801   -7.273  1.00 26.32 ? 118 VAL A CG2 1 
ATOM   62   N N   . ILE A 1 14  ? 16.816  3.009   -6.642  1.00 26.01 ? 119 ILE A N   1 
ATOM   63   C CA  . ILE A 1 14  ? 18.222  2.790   -6.937  1.00 26.24 ? 119 ILE A CA  1 
ATOM   64   C C   . ILE A 1 14  ? 18.615  1.333   -6.734  1.00 26.68 ? 119 ILE A C   1 
ATOM   65   O O   . ILE A 1 14  ? 19.725  0.938   -7.076  1.00 27.05 ? 119 ILE A O   1 
ATOM   66   C CB  . ILE A 1 14  ? 19.152  3.738   -6.121  1.00 25.77 ? 119 ILE A CB  1 
ATOM   67   C CG1 . ILE A 1 14  ? 18.970  3.551   -4.611  1.00 25.11 ? 119 ILE A CG1 1 
ATOM   68   C CG2 . ILE A 1 14  ? 18.878  5.165   -6.489  1.00 25.89 ? 119 ILE A CG2 1 
ATOM   69   C CD1 . ILE A 1 14  ? 19.908  4.380   -3.797  1.00 24.73 ? 119 ILE A CD1 1 
ATOM   70   N N   . MET A 1 15  ? 17.723  0.536   -6.170  1.00 27.58 ? 120 MET A N   1 
ATOM   71   C CA  . MET A 1 15  ? 17.961  -0.891  -6.083  1.00 28.26 ? 120 MET A CA  1 
ATOM   72   C C   . MET A 1 15  ? 16.652  -1.659  -5.975  1.00 27.73 ? 120 MET A C   1 
ATOM   73   O O   . MET A 1 15  ? 15.681  -1.162  -5.432  1.00 26.69 ? 120 MET A O   1 
ATOM   74   C CB  . MET A 1 15  ? 18.849  -1.189  -4.876  1.00 28.23 ? 120 MET A CB  1 
ATOM   75   C CG  . MET A 1 15  ? 19.855  -2.313  -5.137  1.00 30.01 ? 120 MET A CG  1 
ATOM   76   S SD  . MET A 1 15  ? 20.734  -2.864  -3.674  1.00 31.33 ? 120 MET A SD  1 
ATOM   77   C CE  . MET A 1 15  ? 19.497  -3.966  -2.943  1.00 33.32 ? 120 MET A CE  1 
ATOM   78   N N   . ARG A 1 16  ? 16.651  -2.880  -6.495  1.00 28.53 ? 121 ARG A N   1 
ATOM   79   C CA  . ARG A 1 16  ? 15.566  -3.832  -6.289  1.00 29.66 ? 121 ARG A CA  1 
ATOM   80   C C   . ARG A 1 16  ? 16.083  -5.058  -5.523  1.00 30.20 ? 121 ARG A C   1 
ATOM   81   O O   . ARG A 1 16  ? 17.287  -5.365  -5.575  1.00 29.96 ? 121 ARG A O   1 
ATOM   82   C CB  . ARG A 1 16  ? 15.001  -4.235  -7.630  1.00 29.51 ? 121 ARG A CB  1 
ATOM   83   C CG  . ARG A 1 16  ? 14.508  -3.053  -8.395  1.00 29.93 ? 121 ARG A CG  1 
ATOM   84   C CD  . ARG A 1 16  ? 14.023  -3.416  -9.764  1.00 31.08 ? 121 ARG A CD  1 
ATOM   85   N NE  . ARG A 1 16  ? 13.915  -2.205  -10.581 1.00 33.00 ? 121 ARG A NE  1 
ATOM   86   C CZ  . ARG A 1 16  ? 12.957  -1.289  -10.463 1.00 32.52 ? 121 ARG A CZ  1 
ATOM   87   N NH1 . ARG A 1 16  ? 11.971  -1.425  -9.571  1.00 32.75 ? 121 ARG A NH1 1 
ATOM   88   N NH2 . ARG A 1 16  ? 12.981  -0.238  -11.260 1.00 32.80 ? 121 ARG A NH2 1 
ATOM   89   N N   . SER A 1 17  ? 15.191  -5.765  -4.822  1.00 30.60 ? 122 SER A N   1 
ATOM   90   C CA  . SER A 1 17  ? 15.627  -6.909  -4.019  1.00 31.25 ? 122 SER A CA  1 
ATOM   91   C C   . SER A 1 17  ? 16.015  -8.044  -4.944  1.00 31.78 ? 122 SER A C   1 
ATOM   92   O O   . SER A 1 17  ? 15.545  -8.090  -6.073  1.00 31.89 ? 122 SER A O   1 
ATOM   93   C CB  . SER A 1 17  ? 14.549  -7.372  -3.035  1.00 31.21 ? 122 SER A CB  1 
ATOM   94   O OG  . SER A 1 17  ? 13.317  -7.616  -3.694  1.00 32.08 ? 122 SER A OG  1 
ATOM   95   N N   . PRO A 1 18  ? 16.886  -8.961  -4.477  1.00 32.43 ? 123 PRO A N   1 
ATOM   96   C CA  . PRO A 1 18  ? 17.179  -10.148 -5.293  1.00 32.90 ? 123 PRO A CA  1 
ATOM   97   C C   . PRO A 1 18  ? 15.935  -11.022 -5.539  1.00 33.33 ? 123 PRO A C   1 
ATOM   98   O O   . PRO A 1 18  ? 15.071  -11.143 -4.662  1.00 32.89 ? 123 PRO A O   1 
ATOM   99   C CB  . PRO A 1 18  ? 18.215  -10.911 -4.456  1.00 32.82 ? 123 PRO A CB  1 
ATOM   100  C CG  . PRO A 1 18  ? 18.732  -9.916  -3.466  1.00 32.47 ? 123 PRO A CG  1 
ATOM   101  C CD  . PRO A 1 18  ? 17.635  -8.961  -3.209  1.00 32.17 ? 123 PRO A CD  1 
ATOM   102  N N   . VAL A 1 19  ? 15.860  -11.606 -6.737  1.00 34.16 ? 124 VAL A N   1 
ATOM   103  C CA  . VAL A 1 19  ? 14.775  -12.517 -7.117  1.00 34.55 ? 124 VAL A CA  1 
ATOM   104  C C   . VAL A 1 19  ? 14.497  -13.514 -5.990  1.00 34.99 ? 124 VAL A C   1 
ATOM   105  O O   . VAL A 1 19  ? 15.401  -14.253 -5.566  1.00 34.98 ? 124 VAL A O   1 
ATOM   106  C CB  . VAL A 1 19  ? 15.105  -13.338 -8.408  1.00 34.72 ? 124 VAL A CB  1 
ATOM   107  C CG1 . VAL A 1 19  ? 13.926  -14.238 -8.785  1.00 35.15 ? 124 VAL A CG1 1 
ATOM   108  C CG2 . VAL A 1 19  ? 15.480  -12.437 -9.583  1.00 34.66 ? 124 VAL A CG2 1 
ATOM   109  N N   . SER A 1 20  ? 13.248  -13.516 -5.521  1.00 35.34 ? 125 SER A N   1 
ATOM   110  C CA  . SER A 1 20  ? 12.735  -14.469 -4.518  1.00 35.52 ? 125 SER A CA  1 
ATOM   111  C C   . SER A 1 20  ? 12.890  -14.007 -3.063  1.00 35.71 ? 125 SER A C   1 
ATOM   112  O O   . SER A 1 20  ? 12.355  -14.650 -2.152  1.00 36.13 ? 125 SER A O   1 
ATOM   113  C CB  . SER A 1 20  ? 13.316  -15.871 -4.697  1.00 35.64 ? 125 SER A CB  1 
ATOM   114  O OG  . SER A 1 20  ? 13.194  -16.289 -6.043  1.00 36.77 ? 125 SER A OG  1 
ATOM   115  N N   . TRP A 1 21  ? 13.605  -12.907 -2.833  1.00 35.60 ? 126 TRP A N   1 
ATOM   116  C CA  . TRP A 1 21  ? 13.722  -12.369 -1.477  1.00 35.39 ? 126 TRP A CA  1 
ATOM   117  C C   . TRP A 1 21  ? 12.451  -11.563 -1.136  1.00 35.40 ? 126 TRP A C   1 
ATOM   118  O O   . TRP A 1 21  ? 11.480  -11.549 -1.894  1.00 35.78 ? 126 TRP A O   1 
ATOM   119  C CB  . TRP A 1 21  ? 14.999  -11.519 -1.331  1.00 35.38 ? 126 TRP A CB  1 
ATOM   120  C CG  . TRP A 1 21  ? 16.298  -12.293 -1.495  1.00 35.18 ? 126 TRP A CG  1 
ATOM   121  C CD1 . TRP A 1 21  ? 16.499  -13.413 -2.249  1.00 34.88 ? 126 TRP A CD1 1 
ATOM   122  C CD2 . TRP A 1 21  ? 17.581  -11.960 -0.929  1.00 35.36 ? 126 TRP A CD2 1 
ATOM   123  N NE1 . TRP A 1 21  ? 17.812  -13.816 -2.169  1.00 35.25 ? 126 TRP A NE1 1 
ATOM   124  C CE2 . TRP A 1 21  ? 18.502  -12.938 -1.374  1.00 35.62 ? 126 TRP A CE2 1 
ATOM   125  C CE3 . TRP A 1 21  ? 18.039  -10.937 -0.083  1.00 35.59 ? 126 TRP A CE3 1 
ATOM   126  C CZ2 . TRP A 1 21  ? 19.857  -12.925 -1.000  1.00 35.06 ? 126 TRP A CZ2 1 
ATOM   127  C CZ3 . TRP A 1 21  ? 19.395  -10.920 0.277   1.00 35.28 ? 126 TRP A CZ3 1 
ATOM   128  C CH2 . TRP A 1 21  ? 20.281  -11.909 -0.183  1.00 34.83 ? 126 TRP A CH2 1 
ATOM   129  N N   . LYS A 1 22  ? 12.437  -10.929 0.027   1.00 35.16 ? 127 LYS A N   1 
ATOM   130  C CA  . LYS A 1 22  ? 11.390  -9.982  0.343   1.00 34.55 ? 127 LYS A CA  1 
ATOM   131  C C   . LYS A 1 22  ? 11.353  -8.988  -0.826  1.00 34.06 ? 127 LYS A C   1 
ATOM   132  O O   . LYS A 1 22  ? 12.384  -8.443  -1.222  1.00 34.11 ? 127 LYS A O   1 
ATOM   133  C CB  . LYS A 1 22  ? 11.684  -9.285  1.680   1.00 35.22 ? 127 LYS A CB  1 
ATOM   134  C CG  . LYS A 1 22  ? 10.549  -8.425  2.247   1.00 35.30 ? 127 LYS A CG  1 
ATOM   135  C CD  . LYS A 1 22  ? 9.703   -9.185  3.245   1.00 36.90 ? 127 LYS A CD  1 
ATOM   136  C CE  . LYS A 1 22  ? 8.830   -8.261  4.099   1.00 36.69 ? 127 LYS A CE  1 
ATOM   137  N NZ  . LYS A 1 22  ? 9.631   -7.277  4.915   1.00 37.55 ? 127 LYS A NZ  1 
ATOM   138  N N   . GLN A 1 23  ? 10.173  -8.816  -1.414  1.00 32.94 ? 128 GLN A N   1 
ATOM   139  C CA  . GLN A 1 23  ? 9.940   -7.815  -2.461  1.00 32.07 ? 128 GLN A CA  1 
ATOM   140  C C   . GLN A 1 23  ? 10.096  -6.382  -1.912  1.00 30.94 ? 128 GLN A C   1 
ATOM   141  O O   . GLN A 1 23  ? 9.227   -5.873  -1.199  1.00 30.82 ? 128 GLN A O   1 
ATOM   142  C CB  . GLN A 1 23  ? 8.539   -8.021  -3.037  1.00 32.16 ? 128 GLN A CB  1 
ATOM   143  C CG  . GLN A 1 23  ? 8.295   -7.351  -4.354  1.00 33.30 ? 128 GLN A CG  1 
ATOM   144  C CD  . GLN A 1 23  ? 8.364   -8.299  -5.550  1.00 32.99 ? 128 GLN A CD  1 
ATOM   145  O OE1 . GLN A 1 23  ? 9.000   -7.978  -6.568  1.00 31.84 ? 128 GLN A OE1 1 
ATOM   146  N NE2 . GLN A 1 23  ? 7.697   -9.451  -5.442  1.00 30.79 ? 128 GLN A NE2 1 
ATOM   147  N N   . GLU A 1 24  ? 11.219  -5.744  -2.214  1.00 30.01 ? 129 GLU A N   1 
ATOM   148  C CA  . GLU A 1 24  ? 11.471  -4.392  -1.711  1.00 29.48 ? 129 GLU A CA  1 
ATOM   149  C C   . GLU A 1 24  ? 12.327  -3.497  -2.606  1.00 28.47 ? 129 GLU A C   1 
ATOM   150  O O   . GLU A 1 24  ? 13.129  -3.956  -3.418  1.00 28.71 ? 129 GLU A O   1 
ATOM   151  C CB  . GLU A 1 24  ? 12.036  -4.440  -0.296  1.00 29.58 ? 129 GLU A CB  1 
ATOM   152  C CG  . GLU A 1 24  ? 13.256  -5.250  -0.147  1.00 30.50 ? 129 GLU A CG  1 
ATOM   153  C CD  . GLU A 1 24  ? 13.686  -5.367  1.278   1.00 30.40 ? 129 GLU A CD  1 
ATOM   154  O OE1 . GLU A 1 24  ? 12.821  -5.431  2.167   1.00 28.97 ? 129 GLU A OE1 1 
ATOM   155  O OE2 . GLU A 1 24  ? 14.909  -5.424  1.499   1.00 34.37 ? 129 GLU A OE2 1 
ATOM   156  N N   . LEU A 1 25  ? 12.085  -2.198  -2.488  1.00 27.60 ? 130 LEU A N   1 
ATOM   157  C CA  . LEU A 1 25  ? 12.778  -1.211  -3.287  1.00 26.55 ? 130 LEU A CA  1 
ATOM   158  C C   . LEU A 1 25  ? 13.655  -0.387  -2.392  1.00 25.72 ? 130 LEU A C   1 
ATOM   159  O O   . LEU A 1 25  ? 13.357  -0.202  -1.223  1.00 25.22 ? 130 LEU A O   1 
ATOM   160  C CB  . LEU A 1 25  ? 11.778  -0.310  -4.003  1.00 26.82 ? 130 LEU A CB  1 
ATOM   161  C CG  . LEU A 1 25  ? 11.026  -0.936  -5.171  1.00 26.13 ? 130 LEU A CG  1 
ATOM   162  C CD1 . LEU A 1 25  ? 10.115  0.080   -5.783  1.00 26.88 ? 130 LEU A CD1 1 
ATOM   163  C CD2 . LEU A 1 25  ? 11.976  -1.494  -6.235  1.00 27.86 ? 130 LEU A CD2 1 
ATOM   164  N N   . THR A 1 26  ? 14.754  0.105   -2.942  1.00 25.36 ? 131 THR A N   1 
ATOM   165  C CA  . THR A 1 26  ? 15.621  1.044   -2.236  1.00 25.14 ? 131 THR A CA  1 
ATOM   166  C C   . THR A 1 26  ? 15.465  2.383   -2.957  1.00 24.88 ? 131 THR A C   1 
ATOM   167  O O   . THR A 1 26  ? 15.479  2.433   -4.179  1.00 24.43 ? 131 THR A O   1 
ATOM   168  C CB  . THR A 1 26  ? 17.118  0.579   -2.211  1.00 24.68 ? 131 THR A CB  1 
ATOM   169  O OG1 . THR A 1 26  ? 17.227  -0.757  -1.675  1.00 24.33 ? 131 THR A OG1 1 
ATOM   170  C CG2 . THR A 1 26  ? 17.946  1.519   -1.380  1.00 25.35 ? 131 THR A CG2 1 
ATOM   171  N N   . LEU A 1 27  ? 15.294  3.457   -2.185  1.00 24.93 ? 132 LEU A N   1 
ATOM   172  C CA  . LEU A 1 27  ? 15.104  4.803   -2.733  1.00 24.52 ? 132 LEU A CA  1 
ATOM   173  C C   . LEU A 1 27  ? 16.295  5.647   -2.366  1.00 24.07 ? 132 LEU A C   1 
ATOM   174  O O   . LEU A 1 27  ? 16.886  5.427   -1.321  1.00 24.60 ? 132 LEU A O   1 
ATOM   175  C CB  . LEU A 1 27  ? 13.828  5.459   -2.167  1.00 24.71 ? 132 LEU A CB  1 
ATOM   176  C CG  . LEU A 1 27  ? 12.461  4.845   -2.529  1.00 23.52 ? 132 LEU A CG  1 
ATOM   177  C CD1 . LEU A 1 27  ? 11.363  5.621   -1.881  1.00 21.54 ? 132 LEU A CD1 1 
ATOM   178  C CD2 . LEU A 1 27  ? 12.255  4.875   -3.999  1.00 26.65 ? 132 LEU A CD2 1 
ATOM   179  N N   . ASP A 1 28  ? 16.609  6.627   -3.206  1.00 23.97 ? 133 ASP A N   1 
ATOM   180  C CA  . ASP A 1 28  ? 17.702  7.587   -2.990  1.00 24.90 ? 133 ASP A CA  1 
ATOM   181  C C   . ASP A 1 28  ? 17.343  8.798   -2.135  1.00 25.10 ? 133 ASP A C   1 
ATOM   182  O O   . ASP A 1 28  ? 17.897  9.871   -2.299  1.00 26.70 ? 133 ASP A O   1 
ATOM   183  C CB  . ASP A 1 28  ? 18.306  8.057   -4.332  1.00 24.50 ? 133 ASP A CB  1 
ATOM   184  C CG  . ASP A 1 28  ? 17.395  9.009   -5.129  1.00 24.54 ? 133 ASP A CG  1 
ATOM   185  O OD1 . ASP A 1 28  ? 16.210  9.224   -4.775  1.00 24.73 ? 133 ASP A OD1 1 
ATOM   186  O OD2 . ASP A 1 28  ? 17.888  9.550   -6.144  1.00 22.87 ? 133 ASP A OD2 1 
ATOM   187  N N   . ALA A 1 29  ? 16.412  8.639   -1.224  1.00 25.65 ? 134 ALA A N   1 
ATOM   188  C CA  . ALA A 1 29  ? 16.172  9.678   -0.242  1.00 25.75 ? 134 ALA A CA  1 
ATOM   189  C C   . ALA A 1 29  ? 15.941  8.977   1.065   1.00 25.61 ? 134 ALA A C   1 
ATOM   190  O O   . ALA A 1 29  ? 15.241  7.962   1.109   1.00 26.19 ? 134 ALA A O   1 
ATOM   191  C CB  . ALA A 1 29  ? 14.956  10.515  -0.624  1.00 26.12 ? 134 ALA A CB  1 
ATOM   192  N N   . GLY A 1 30  ? 16.537  9.512   2.123   1.00 25.53 ? 135 GLY A N   1 
ATOM   193  C CA  . GLY A 1 30  ? 16.318  9.014   3.474   1.00 25.10 ? 135 GLY A CA  1 
ATOM   194  C C   . GLY A 1 30  ? 16.031  10.166  4.415   1.00 24.51 ? 135 GLY A C   1 
ATOM   195  O O   . GLY A 1 30  ? 15.384  11.150  4.049   1.00 24.24 ? 135 GLY A O   1 
ATOM   196  N N   . ARG A 1 31  ? 16.537  10.047  5.627   1.00 24.25 ? 136 ARG A N   1 
ATOM   197  C CA  . ARG A 1 31  ? 16.190  10.962  6.705   1.00 24.92 ? 136 ARG A CA  1 
ATOM   198  C C   . ARG A 1 31  ? 16.686  12.396  6.473   1.00 25.21 ? 136 ARG A C   1 
ATOM   199  O O   . ARG A 1 31  ? 16.150  13.342  7.068   1.00 25.56 ? 136 ARG A O   1 
ATOM   200  C CB  . ARG A 1 31  ? 16.756  10.442  8.030   1.00 24.41 ? 136 ARG A CB  1 
ATOM   201  C CG  . ARG A 1 31  ? 15.948  10.845  9.215   1.00 25.03 ? 136 ARG A CG  1 
ATOM   202  C CD  . ARG A 1 31  ? 16.461  10.214  10.507  1.00 25.66 ? 136 ARG A CD  1 
ATOM   203  N NE  . ARG A 1 31  ? 16.063  8.807   10.659  1.00 26.11 ? 136 ARG A NE  1 
ATOM   204  C CZ  . ARG A 1 31  ? 16.825  7.745   10.379  1.00 26.49 ? 136 ARG A CZ  1 
ATOM   205  N NH1 . ARG A 1 31  ? 18.063  7.885   9.895   1.00 27.62 ? 136 ARG A NH1 1 
ATOM   206  N NH2 . ARG A 1 31  ? 16.342  6.524   10.585  1.00 25.56 ? 136 ARG A NH2 1 
ATOM   207  N N   . SER A 1 32  ? 17.711  12.567  5.636   1.00 25.44 ? 137 SER A N   1 
ATOM   208  C CA  . SER A 1 32  ? 18.339  13.889  5.437   1.00 25.75 ? 137 SER A CA  1 
ATOM   209  C C   . SER A 1 32  ? 17.461  14.794  4.568   1.00 25.68 ? 137 SER A C   1 
ATOM   210  O O   . SER A 1 32  ? 17.693  15.997  4.479   1.00 25.22 ? 137 SER A O   1 
ATOM   211  C CB  . SER A 1 32  ? 19.731  13.736  4.793   1.00 25.40 ? 137 SER A CB  1 
ATOM   212  O OG  . SER A 1 32  ? 19.681  12.875  3.660   1.00 26.80 ? 137 SER A OG  1 
ATOM   213  N N   . LYS A 1 33  ? 16.498  14.180  3.888   1.00 25.57 ? 138 LYS A N   1 
ATOM   214  C CA  . LYS A 1 33  ? 15.586  14.869  2.986   1.00 25.81 ? 138 LYS A CA  1 
ATOM   215  C C   . LYS A 1 33  ? 14.134  14.698  3.428   1.00 25.86 ? 138 LYS A C   1 
ATOM   216  O O   . LYS A 1 33  ? 13.216  14.975  2.653   1.00 25.61 ? 138 LYS A O   1 
ATOM   217  C CB  . LYS A 1 33  ? 15.762  14.305  1.564   1.00 26.11 ? 138 LYS A CB  1 
ATOM   218  C CG  . LYS A 1 33  ? 17.072  14.730  0.894   1.00 25.87 ? 138 LYS A CG  1 
ATOM   219  C CD  . LYS A 1 33  ? 17.132  14.218  -0.501  1.00 25.99 ? 138 LYS A CD  1 
ATOM   220  C CE  . LYS A 1 33  ? 18.468  14.498  -1.156  1.00 26.52 ? 138 LYS A CE  1 
ATOM   221  N NZ  . LYS A 1 33  ? 18.522  13.793  -2.461  1.00 26.94 ? 138 LYS A NZ  1 
ATOM   222  N N   . GLY A 1 34  ? 13.936  14.207  4.655   1.00 25.92 ? 139 GLY A N   1 
ATOM   223  C CA  . GLY A 1 34  ? 12.613  14.113  5.264   1.00 26.79 ? 139 GLY A CA  1 
ATOM   224  C C   . GLY A 1 34  ? 11.844  12.797  5.167   1.00 27.15 ? 139 GLY A C   1 
ATOM   225  O O   . GLY A 1 34  ? 10.632  12.790  5.381   1.00 27.92 ? 139 GLY A O   1 
ATOM   226  N N   . ALA A 1 35  ? 12.506  11.693  4.833   1.00 27.76 ? 140 ALA A N   1 
ATOM   227  C CA  . ALA A 1 35  ? 11.822  10.399  4.827   1.00 27.75 ? 140 ALA A CA  1 
ATOM   228  C C   . ALA A 1 35  ? 11.603  9.992   6.279   1.00 28.07 ? 140 ALA A C   1 
ATOM   229  O O   . ALA A 1 35  ? 12.472  10.235  7.123   1.00 28.91 ? 140 ALA A O   1 
ATOM   230  C CB  . ALA A 1 35  ? 12.631  9.326   4.063   1.00 28.27 ? 140 ALA A CB  1 
ATOM   231  N N   . SER A 1 36  ? 10.438  9.395   6.565   1.00 28.07 ? 141 SER A N   1 
ATOM   232  C CA  . SER A 1 36  ? 10.065  8.944   7.919   1.00 27.45 ? 141 SER A CA  1 
ATOM   233  C C   . SER A 1 36  ? 9.472   7.549   7.823   1.00 27.12 ? 141 SER A C   1 
ATOM   234  O O   . SER A 1 36  ? 8.891   7.185   6.821   1.00 26.66 ? 141 SER A O   1 
ATOM   235  C CB  . SER A 1 36  ? 9.014   9.864   8.557   1.00 27.34 ? 141 SER A CB  1 
ATOM   236  O OG  . SER A 1 36  ? 9.218   11.216  8.206   1.00 27.93 ? 141 SER A OG  1 
ATOM   237  N N   . GLU A 1 37  ? 9.562   6.807   8.918   1.00 27.02 ? 142 GLU A N   1 
ATOM   238  C CA  . GLU A 1 37  ? 9.154   5.410   8.956   1.00 26.86 ? 142 GLU A CA  1 
ATOM   239  C C   . GLU A 1 37  ? 7.624   5.208   8.913   1.00 26.39 ? 142 GLU A C   1 
ATOM   240  O O   . GLU A 1 37  ? 7.150   4.090   8.770   1.00 26.28 ? 142 GLU A O   1 
ATOM   241  C CB  . GLU A 1 37  ? 9.789   4.666   10.155  1.00 27.23 ? 142 GLU A CB  1 
ATOM   242  C CG  . GLU A 1 37  ? 10.262  5.518   11.331  1.00 29.51 ? 142 GLU A CG  1 
ATOM   243  C CD  . GLU A 1 37  ? 11.693  6.073   11.157  1.00 31.42 ? 142 GLU A CD  1 
ATOM   244  O OE1 . GLU A 1 37  ? 12.651  5.270   11.140  1.00 31.79 ? 142 GLU A OE1 1 
ATOM   245  O OE2 . GLU A 1 37  ? 11.854  7.313   11.064  1.00 32.96 ? 142 GLU A OE2 1 
ATOM   246  N N   . ASN A 1 38  ? 6.857   6.288   9.025   1.00 26.09 ? 143 ASN A N   1 
ATOM   247  C CA  . ASN A 1 38  ? 5.399   6.190   8.939   1.00 25.82 ? 143 ASN A CA  1 
ATOM   248  C C   . ASN A 1 38  ? 4.864   6.430   7.519   1.00 25.11 ? 143 ASN A C   1 
ATOM   249  O O   . ASN A 1 38  ? 3.661   6.516   7.313   1.00 25.01 ? 143 ASN A O   1 
ATOM   250  C CB  . ASN A 1 38  ? 4.745   7.161   9.939   1.00 26.01 ? 143 ASN A CB  1 
ATOM   251  C CG  . ASN A 1 38  ? 5.021   8.656   9.613   1.00 26.19 ? 143 ASN A CG  1 
ATOM   252  O OD1 . ASN A 1 38  ? 5.645   8.998   8.594   1.00 24.87 ? 143 ASN A OD1 1 
ATOM   253  N ND2 . ASN A 1 38  ? 4.531   9.535   10.481  1.00 25.75 ? 143 ASN A ND2 1 
ATOM   254  N N   . MET A 1 39  ? 5.759   6.539   6.548   1.00 24.35 ? 144 MET A N   1 
ATOM   255  C CA  . MET A 1 39  ? 5.373   6.936   5.195   1.00 23.83 ? 144 MET A CA  1 
ATOM   256  C C   . MET A 1 39  ? 4.921   5.787   4.327   1.00 23.23 ? 144 MET A C   1 
ATOM   257  O O   . MET A 1 39  ? 5.373   4.651   4.485   1.00 22.82 ? 144 MET A O   1 
ATOM   258  C CB  . MET A 1 39  ? 6.521   7.647   4.483   1.00 23.76 ? 144 MET A CB  1 
ATOM   259  C CG  . MET A 1 39  ? 6.713   9.045   4.985   1.00 23.87 ? 144 MET A CG  1 
ATOM   260  S SD  . MET A 1 39  ? 8.054   9.919   4.193   1.00 23.42 ? 144 MET A SD  1 
ATOM   261  C CE  . MET A 1 39  ? 7.242   11.518  4.097   1.00 24.07 ? 144 MET A CE  1 
ATOM   262  N N   . LEU A 1 40  ? 4.016   6.137   3.411   1.00 22.46 ? 145 LEU A N   1 
ATOM   263  C CA  . LEU A 1 40  ? 3.552   5.260   2.357   1.00 21.93 ? 145 LEU A CA  1 
ATOM   264  C C   . LEU A 1 40  ? 4.216   5.655   1.032   1.00 21.28 ? 145 LEU A C   1 
ATOM   265  O O   . LEU A 1 40  ? 4.737   6.774   0.893   1.00 21.67 ? 145 LEU A O   1 
ATOM   266  C CB  . LEU A 1 40  ? 2.022   5.298   2.272   1.00 21.50 ? 145 LEU A CB  1 
ATOM   267  C CG  . LEU A 1 40  ? 1.270   4.588   3.396   1.00 20.80 ? 145 LEU A CG  1 
ATOM   268  C CD1 . LEU A 1 40  ? -0.256  4.708   3.238   1.00 20.45 ? 145 LEU A CD1 1 
ATOM   269  C CD2 . LEU A 1 40  ? 1.646   3.122   3.470   1.00 19.81 ? 145 LEU A CD2 1 
ATOM   270  N N   . ALA A 1 41  ? 4.254   4.709   0.099   1.00 20.73 ? 146 ALA A N   1 
ATOM   271  C CA  . ALA A 1 41  ? 4.918   4.876   -1.207  1.00 20.49 ? 146 ALA A CA  1 
ATOM   272  C C   . ALA A 1 41  ? 3.882   4.862   -2.344  1.00 20.20 ? 146 ALA A C   1 
ATOM   273  O O   . ALA A 1 41  ? 3.129   3.910   -2.480  1.00 18.76 ? 146 ALA A O   1 
ATOM   274  C CB  . ALA A 1 41  ? 5.950   3.767   -1.431  1.00 19.68 ? 146 ALA A CB  1 
ATOM   275  N N   . ILE A 1 42  ? 3.878   5.914   -3.164  1.00 20.43 ? 147 ILE A N   1 
ATOM   276  C CA  . ILE A 1 42  ? 2.973   6.033   -4.319  1.00 20.71 ? 147 ILE A CA  1 
ATOM   277  C C   . ILE A 1 42  ? 3.791   5.985   -5.629  1.00 20.33 ? 147 ILE A C   1 
ATOM   278  O O   . ILE A 1 42  ? 4.836   6.611   -5.731  1.00 20.97 ? 147 ILE A O   1 
ATOM   279  C CB  . ILE A 1 42  ? 2.174   7.348   -4.229  1.00 20.17 ? 147 ILE A CB  1 
ATOM   280  C CG1 . ILE A 1 42  ? 1.275   7.353   -3.001  1.00 20.47 ? 147 ILE A CG1 1 
ATOM   281  C CG2 . ILE A 1 42  ? 1.353   7.568   -5.466  1.00 20.72 ? 147 ILE A CG2 1 
ATOM   282  C CD1 . ILE A 1 42  ? 0.694   8.708   -2.696  1.00 20.47 ? 147 ILE A CD1 1 
ATOM   283  N N   . ALA A 1 43  ? 3.329   5.221   -6.608  1.00 20.71 ? 148 ALA A N   1 
ATOM   284  C CA  . ALA A 1 43  ? 3.986   5.138   -7.927  1.00 21.03 ? 148 ALA A CA  1 
ATOM   285  C C   . ALA A 1 43  ? 3.046   4.573   -8.965  1.00 21.36 ? 148 ALA A C   1 
ATOM   286  O O   . ALA A 1 43  ? 2.245   3.677   -8.663  1.00 22.80 ? 148 ALA A O   1 
ATOM   287  C CB  . ALA A 1 43  ? 5.232   4.234   -7.865  1.00 21.11 ? 148 ALA A CB  1 
ATOM   288  N N   . ASN A 1 44  ? 3.194   5.041   -10.204 1.00 20.99 ? 149 ASN A N   1 
ATOM   289  C CA  . ASN A 1 44  ? 2.520   4.440   -11.338 1.00 20.05 ? 149 ASN A CA  1 
ATOM   290  C C   . ASN A 1 44  ? 0.997   4.325   -11.152 1.00 19.21 ? 149 ASN A C   1 
ATOM   291  O O   . ASN A 1 44  ? 0.409   3.361   -11.587 1.00 18.23 ? 149 ASN A O   1 
ATOM   292  C CB  . ASN A 1 44  ? 3.133   3.062   -11.633 1.00 20.11 ? 149 ASN A CB  1 
ATOM   293  C CG  . ASN A 1 44  ? 4.598   3.135   -12.136 1.00 20.89 ? 149 ASN A CG  1 
ATOM   294  O OD1 . ASN A 1 44  ? 5.195   4.221   -12.267 1.00 18.18 ? 149 ASN A OD1 1 
ATOM   295  N ND2 . ASN A 1 44  ? 5.172   1.945   -12.440 1.00 20.26 ? 149 ASN A ND2 1 
ATOM   296  N N   . GLY A 1 45  ? 0.371   5.322   -10.523 1.00 18.75 ? 150 GLY A N   1 
ATOM   297  C CA  . GLY A 1 45  ? -1.084  5.382   -10.397 1.00 18.88 ? 150 GLY A CA  1 
ATOM   298  C C   . GLY A 1 45  ? -1.685  5.121   -9.025  1.00 18.70 ? 150 GLY A C   1 
ATOM   299  O O   . GLY A 1 45  ? -2.897  5.227   -8.855  1.00 18.70 ? 150 GLY A O   1 
ATOM   300  N N   . GLY A 1 46  ? -0.867  4.725   -8.057  1.00 18.69 ? 151 GLY A N   1 
ATOM   301  C CA  . GLY A 1 46  ? -1.373  4.522   -6.680  1.00 18.92 ? 151 GLY A CA  1 
ATOM   302  C C   . GLY A 1 46  ? -0.375  3.932   -5.702  1.00 18.22 ? 151 GLY A C   1 
ATOM   303  O O   . GLY A 1 46  ? 0.824   3.946   -5.964  1.00 17.01 ? 151 GLY A O   1 
ATOM   304  N N   . LEU A 1 47  ? -0.890  3.419   -4.581  1.00 18.66 ? 152 LEU A N   1 
ATOM   305  C CA  . LEU A 1 47  ? -0.077  2.803   -3.510  1.00 19.16 ? 152 LEU A CA  1 
ATOM   306  C C   . LEU A 1 47  ? 0.676   1.610   -4.038  1.00 19.40 ? 152 LEU A C   1 
ATOM   307  O O   . LEU A 1 47  ? 0.068   0.693   -4.606  1.00 19.71 ? 152 LEU A O   1 
ATOM   308  C CB  . LEU A 1 47  ? -0.959  2.325   -2.340  1.00 19.32 ? 152 LEU A CB  1 
ATOM   309  C CG  . LEU A 1 47  ? -0.258  1.913   -1.037  1.00 18.84 ? 152 LEU A CG  1 
ATOM   310  C CD1 . LEU A 1 47  ? 0.380   3.118   -0.365  1.00 18.03 ? 152 LEU A CD1 1 
ATOM   311  C CD2 . LEU A 1 47  ? -1.224  1.216   -0.092  1.00 17.47 ? 152 LEU A CD2 1 
ATOM   312  N N   . ILE A 1 48  ? 1.991   1.625   -3.861  1.00 19.86 ? 153 ILE A N   1 
ATOM   313  C CA  . ILE A 1 48  ? 2.865   0.521   -4.291  1.00 20.72 ? 153 ILE A CA  1 
ATOM   314  C C   . ILE A 1 48  ? 3.570   -0.183  -3.124  1.00 20.36 ? 153 ILE A C   1 
ATOM   315  O O   . ILE A 1 48  ? 4.099   -1.278  -3.268  1.00 20.67 ? 153 ILE A O   1 
ATOM   316  C CB  . ILE A 1 48  ? 3.945   1.031   -5.277  1.00 21.10 ? 153 ILE A CB  1 
ATOM   317  C CG1 . ILE A 1 48  ? 4.877   2.032   -4.577  1.00 21.12 ? 153 ILE A CG1 1 
ATOM   318  C CG2 . ILE A 1 48  ? 3.294   1.723   -6.429  1.00 22.84 ? 153 ILE A CG2 1 
ATOM   319  C CD1 . ILE A 1 48  ? 6.227   2.086   -5.174  1.00 22.25 ? 153 ILE A CD1 1 
ATOM   320  N N   . GLY A 1 49  ? 3.607   0.467   -1.968  1.00 21.01 ? 154 GLY A N   1 
ATOM   321  C CA  . GLY A 1 49  ? 4.233   -0.130  -0.796  1.00 20.12 ? 154 GLY A CA  1 
ATOM   322  C C   . GLY A 1 49  ? 4.212   0.769   0.415   1.00 19.53 ? 154 GLY A C   1 
ATOM   323  O O   . GLY A 1 49  ? 3.575   1.822   0.418   1.00 19.74 ? 154 GLY A O   1 
ATOM   324  N N   . SER A 1 50  ? 4.935   0.339   1.436   1.00 18.69 ? 155 SER A N   1 
ATOM   325  C CA  . SER A 1 50  ? 5.133   1.111   2.660   1.00 18.42 ? 155 SER A CA  1 
ATOM   326  C C   . SER A 1 50  ? 6.629   1.136   3.038   1.00 17.92 ? 155 SER A C   1 
ATOM   327  O O   . SER A 1 50  ? 7.377   0.212   2.742   1.00 17.21 ? 155 SER A O   1 
ATOM   328  C CB  . SER A 1 50  ? 4.302   0.515   3.778   1.00 17.63 ? 155 SER A CB  1 
ATOM   329  O OG  . SER A 1 50  ? 4.541   -0.860  3.896   1.00 17.19 ? 155 SER A OG  1 
ATOM   330  N N   . VAL A 1 51  ? 7.076   2.226   3.640   1.00 17.78 ? 156 VAL A N   1 
ATOM   331  C CA  . VAL A 1 51  ? 8.434   2.285   4.139   1.00 18.12 ? 156 VAL A CA  1 
ATOM   332  C C   . VAL A 1 51  ? 8.657   1.220   5.212   1.00 18.17 ? 156 VAL A C   1 
ATOM   333  O O   . VAL A 1 51  ? 7.838   1.084   6.136   1.00 17.80 ? 156 VAL A O   1 
ATOM   334  C CB  . VAL A 1 51  ? 8.753   3.679   4.742   1.00 18.14 ? 156 VAL A CB  1 
ATOM   335  C CG1 . VAL A 1 51  ? 10.080  3.656   5.486   1.00 15.75 ? 156 VAL A CG1 1 
ATOM   336  C CG2 . VAL A 1 51  ? 8.756   4.737   3.653   1.00 17.56 ? 156 VAL A CG2 1 
ATOM   337  N N   . SER A 1 52  ? 9.770   0.491   5.097   1.00 18.54 ? 157 SER A N   1 
ATOM   338  C CA  . SER A 1 52  ? 10.158  -0.525  6.085   1.00 18.98 ? 157 SER A CA  1 
ATOM   339  C C   . SER A 1 52  ? 11.391  -0.130  6.865   1.00 19.52 ? 157 SER A C   1 
ATOM   340  O O   . SER A 1 52  ? 11.567  -0.565  8.001   1.00 20.16 ? 157 SER A O   1 
ATOM   341  C CB  . SER A 1 52  ? 10.362  -1.901  5.416   1.00 18.71 ? 157 SER A CB  1 
ATOM   342  O OG  . SER A 1 52  ? 11.151  -1.796  4.241   1.00 18.46 ? 157 SER A OG  1 
ATOM   343  N N   . LYS A 1 53  ? 12.266  0.671   6.259   1.00 20.49 ? 158 LYS A N   1 
ATOM   344  C CA  . LYS A 1 53  ? 13.460  1.166   6.947   1.00 20.15 ? 158 LYS A CA  1 
ATOM   345  C C   . LYS A 1 53  ? 13.853  2.535   6.399   1.00 20.01 ? 158 LYS A C   1 
ATOM   346  O O   . LYS A 1 53  ? 13.775  2.765   5.209   1.00 20.72 ? 158 LYS A O   1 
ATOM   347  C CB  . LYS A 1 53  ? 14.605  0.164   6.796   1.00 20.11 ? 158 LYS A CB  1 
ATOM   348  C CG  . LYS A 1 53  ? 15.674  0.276   7.888   1.00 21.22 ? 158 LYS A CG  1 
ATOM   349  C CD  . LYS A 1 53  ? 16.776  -0.753  7.681   1.00 21.07 ? 158 LYS A CD  1 
ATOM   350  C CE  . LYS A 1 53  ? 17.855  -0.630  8.731   1.00 22.64 ? 158 LYS A CE  1 
ATOM   351  N NZ  . LYS A 1 53  ? 19.103  -1.329  8.326   1.00 23.75 ? 158 LYS A NZ  1 
ATOM   352  N N   . VAL A 1 54  ? 14.234  3.457   7.271   1.00 20.01 ? 159 VAL A N   1 
ATOM   353  C CA  . VAL A 1 54  ? 14.731  4.752   6.844   1.00 19.66 ? 159 VAL A CA  1 
ATOM   354  C C   . VAL A 1 54  ? 16.189  4.821   7.259   1.00 19.96 ? 159 VAL A C   1 
ATOM   355  O O   . VAL A 1 54  ? 16.537  4.453   8.379   1.00 19.76 ? 159 VAL A O   1 
ATOM   356  C CB  . VAL A 1 54  ? 13.920  5.922   7.455   1.00 20.13 ? 159 VAL A CB  1 
ATOM   357  C CG1 . VAL A 1 54  ? 14.572  7.304   7.128   1.00 17.94 ? 159 VAL A CG1 1 
ATOM   358  C CG2 . VAL A 1 54  ? 12.468  5.865   6.981   1.00 18.77 ? 159 VAL A CG2 1 
ATOM   359  N N   . GLU A 1 55  ? 17.043  5.205   6.312   1.00 19.90 ? 160 GLU A N   1 
ATOM   360  C CA  . GLU A 1 55  ? 18.454  5.436   6.567   1.00 20.28 ? 160 GLU A CA  1 
ATOM   361  C C   . GLU A 1 55  ? 18.671  6.936   6.508   1.00 19.84 ? 160 GLU A C   1 
ATOM   362  O O   . GLU A 1 55  ? 17.745  7.681   6.280   1.00 20.47 ? 160 GLU A O   1 
ATOM   363  C CB  . GLU A 1 55  ? 19.298  4.753   5.487   1.00 20.75 ? 160 GLU A CB  1 
ATOM   364  C CG  . GLU A 1 55  ? 19.766  3.404   5.854   1.00 23.56 ? 160 GLU A CG  1 
ATOM   365  C CD  . GLU A 1 55  ? 18.743  2.347   5.703   1.00 26.45 ? 160 GLU A CD  1 
ATOM   366  O OE1 . GLU A 1 55  ? 18.070  2.307   4.653   1.00 29.88 ? 160 GLU A OE1 1 
ATOM   367  O OE2 . GLU A 1 55  ? 18.640  1.538   6.647   1.00 29.15 ? 160 GLU A OE2 1 
ATOM   368  N N   . GLU A 1 56  ? 19.896  7.388   6.680   1.00 20.09 ? 161 GLU A N   1 
ATOM   369  C CA  . GLU A 1 56  ? 20.176  8.817   6.595   1.00 19.96 ? 161 GLU A CA  1 
ATOM   370  C C   . GLU A 1 56  ? 19.964  9.314   5.149   1.00 19.40 ? 161 GLU A C   1 
ATOM   371  O O   . GLU A 1 56  ? 19.381  10.377  4.933   1.00 18.94 ? 161 GLU A O   1 
ATOM   372  C CB  . GLU A 1 56  ? 21.594  9.102   7.107   1.00 20.27 ? 161 GLU A CB  1 
ATOM   373  C CG  . GLU A 1 56  ? 22.005  10.567  7.102   1.00 21.81 ? 161 GLU A CG  1 
ATOM   374  C CD  . GLU A 1 56  ? 21.237  11.432  8.106   1.00 26.17 ? 161 GLU A CD  1 
ATOM   375  O OE1 . GLU A 1 56  ? 20.533  10.893  9.002   1.00 27.38 ? 161 GLU A OE1 1 
ATOM   376  O OE2 . GLU A 1 56  ? 21.364  12.677  8.002   1.00 30.21 ? 161 GLU A OE2 1 
ATOM   377  N N   . ASN A 1 57  ? 20.405  8.519   4.174   1.00 18.97 ? 162 ASN A N   1 
ATOM   378  C CA  . ASN A 1 57  ? 20.404  8.910   2.764   1.00 18.68 ? 162 ASN A CA  1 
ATOM   379  C C   . ASN A 1 57  ? 19.620  8.015   1.818   1.00 17.97 ? 162 ASN A C   1 
ATOM   380  O O   . ASN A 1 57  ? 19.626  8.259   0.626   1.00 18.15 ? 162 ASN A O   1 
ATOM   381  C CB  . ASN A 1 57  ? 21.848  8.982   2.251   1.00 18.61 ? 162 ASN A CB  1 
ATOM   382  C CG  . ASN A 1 57  ? 22.627  10.083  2.887   1.00 18.96 ? 162 ASN A CG  1 
ATOM   383  O OD1 . ASN A 1 57  ? 22.150  11.209  3.022   1.00 18.81 ? 162 ASN A OD1 1 
ATOM   384  N ND2 . ASN A 1 57  ? 23.849  9.772   3.276   1.00 21.03 ? 162 ASN A ND2 1 
ATOM   385  N N   . SER A 1 58  ? 18.983  6.973   2.335   1.00 18.27 ? 163 SER A N   1 
ATOM   386  C CA  . SER A 1 58  ? 18.175  6.058   1.521   1.00 18.11 ? 163 SER A CA  1 
ATOM   387  C C   . SER A 1 58  ? 17.002  5.555   2.312   1.00 18.08 ? 163 SER A C   1 
ATOM   388  O O   . SER A 1 58  ? 16.979  5.678   3.513   1.00 18.90 ? 163 SER A O   1 
ATOM   389  C CB  . SER A 1 58  ? 18.996  4.858   1.046   1.00 17.37 ? 163 SER A CB  1 
ATOM   390  O OG  . SER A 1 58  ? 19.714  4.280   2.118   1.00 16.49 ? 163 SER A OG  1 
ATOM   391  N N   . THR A 1 59  ? 16.034  4.973   1.620   1.00 18.76 ? 164 THR A N   1 
ATOM   392  C CA  . THR A 1 59  ? 14.873  4.383   2.274   1.00 19.28 ? 164 THR A CA  1 
ATOM   393  C C   . THR A 1 59  ? 14.523  3.058   1.622   1.00 19.23 ? 164 THR A C   1 
ATOM   394  O O   . THR A 1 59  ? 14.666  2.881   0.401   1.00 19.20 ? 164 THR A O   1 
ATOM   395  C CB  . THR A 1 59  ? 13.677  5.353   2.203   1.00 19.19 ? 164 THR A CB  1 
ATOM   396  O OG1 . THR A 1 59  ? 13.972  6.472   3.032   1.00 20.80 ? 164 THR A OG1 1 
ATOM   397  C CG2 . THR A 1 59  ? 12.417  4.704   2.683   1.00 18.42 ? 164 THR A CG2 1 
ATOM   398  N N   . ILE A 1 60  ? 14.102  2.106   2.444   1.00 19.63 ? 165 ILE A N   1 
ATOM   399  C CA  . ILE A 1 60  ? 13.647  0.811   1.939   1.00 19.33 ? 165 ILE A CA  1 
ATOM   400  C C   . ILE A 1 60  ? 12.127  0.822   1.959   1.00 18.90 ? 165 ILE A C   1 
ATOM   401  O O   . ILE A 1 60  ? 11.514  1.159   2.960   1.00 16.77 ? 165 ILE A O   1 
ATOM   402  C CB  . ILE A 1 60  ? 14.157  -0.353  2.800   1.00 20.21 ? 165 ILE A CB  1 
ATOM   403  C CG1 . ILE A 1 60  ? 15.684  -0.283  2.943   1.00 20.73 ? 165 ILE A CG1 1 
ATOM   404  C CG2 . ILE A 1 60  ? 13.683  -1.720  2.228   1.00 19.28 ? 165 ILE A CG2 1 
ATOM   405  C CD1 . ILE A 1 60  ? 16.444  -0.409  1.632   1.00 23.49 ? 165 ILE A CD1 1 
ATOM   406  N N   . VAL A 1 61  ? 11.529  0.436   0.838   1.00 19.44 ? 166 VAL A N   1 
ATOM   407  C CA  . VAL A 1 61  ? 10.106  0.390   0.693   1.00 19.75 ? 166 VAL A CA  1 
ATOM   408  C C   . VAL A 1 61  ? 9.681   -1.062  0.573   1.00 20.50 ? 166 VAL A C   1 
ATOM   409  O O   . VAL A 1 61  ? 10.233  -1.819  -0.256  1.00 20.87 ? 166 VAL A O   1 
ATOM   410  C CB  . VAL A 1 61  ? 9.649   1.188   -0.548  1.00 20.15 ? 166 VAL A CB  1 
ATOM   411  C CG1 . VAL A 1 61  ? 8.177   0.876   -0.907  1.00 18.28 ? 166 VAL A CG1 1 
ATOM   412  C CG2 . VAL A 1 61  ? 9.820   2.664   -0.306  1.00 19.43 ? 166 VAL A CG2 1 
ATOM   413  N N   . ASN A 1 62  ? 8.720   -1.458  1.407   1.00 20.87 ? 167 ASN A N   1 
ATOM   414  C CA  . ASN A 1 62  ? 8.170   -2.813  1.336   1.00 21.21 ? 167 ASN A CA  1 
ATOM   415  C C   . ASN A 1 62  ? 7.076   -2.759  0.324   1.00 21.15 ? 167 ASN A C   1 
ATOM   416  O O   . ASN A 1 62  ? 6.186   -1.936  0.458   1.00 22.75 ? 167 ASN A O   1 
ATOM   417  C CB  . ASN A 1 62  ? 7.616   -3.303  2.686   1.00 21.00 ? 167 ASN A CB  1 
ATOM   418  C CG  . ASN A 1 62  ? 7.249   -4.779  2.656   1.00 22.86 ? 167 ASN A CG  1 
ATOM   419  O OD1 . ASN A 1 62  ? 6.082   -5.156  2.862   1.00 25.76 ? 167 ASN A OD1 1 
ATOM   420  N ND2 . ASN A 1 62  ? 8.244   -5.631  2.376   1.00 24.48 ? 167 ASN A ND2 1 
ATOM   421  N N   . LEU A 1 63  ? 7.135   -3.620  -0.677  1.00 21.03 ? 168 LEU A N   1 
ATOM   422  C CA  . LEU A 1 63  ? 6.171   -3.622  -1.770  1.00 21.41 ? 168 LEU A CA  1 
ATOM   423  C C   . LEU A 1 63  ? 4.889   -4.408  -1.462  1.00 21.45 ? 168 LEU A C   1 
ATOM   424  O O   . LEU A 1 63  ? 4.915   -5.466  -0.787  1.00 21.84 ? 168 LEU A O   1 
ATOM   425  C CB  . LEU A 1 63  ? 6.828   -4.174  -3.055  1.00 21.31 ? 168 LEU A CB  1 
ATOM   426  C CG  . LEU A 1 63  ? 7.847   -3.259  -3.764  1.00 23.47 ? 168 LEU A CG  1 
ATOM   427  C CD1 . LEU A 1 63  ? 8.583   -3.993  -4.899  1.00 22.88 ? 168 LEU A CD1 1 
ATOM   428  C CD2 . LEU A 1 63  ? 7.220   -1.981  -4.317  1.00 22.26 ? 168 LEU A CD2 1 
ATOM   429  N N   . LEU A 1 64  ? 3.773   -3.919  -2.014  1.00 21.24 ? 169 LEU A N   1 
ATOM   430  C CA  . LEU A 1 64  ? 2.442   -4.571  -1.860  1.00 20.80 ? 169 LEU A CA  1 
ATOM   431  C C   . LEU A 1 64  ? 2.298   -5.934  -2.506  1.00 20.82 ? 169 LEU A C   1 
ATOM   432  O O   . LEU A 1 64  ? 1.318   -6.635  -2.246  1.00 21.59 ? 169 LEU A O   1 
ATOM   433  C CB  . LEU A 1 64  ? 1.320   -3.659  -2.408  1.00 20.36 ? 169 LEU A CB  1 
ATOM   434  C CG  . LEU A 1 64  ? 1.036   -2.408  -1.607  1.00 18.36 ? 169 LEU A CG  1 
ATOM   435  C CD1 . LEU A 1 64  ? -0.194  -1.650  -2.184  1.00 15.74 ? 169 LEU A CD1 1 
ATOM   436  C CD2 . LEU A 1 64  ? 0.817   -2.790  -0.162  1.00 17.87 ? 169 LEU A CD2 1 
ATOM   437  N N   . THR A 1 65  ? 3.255   -6.313  -3.347  1.00 20.66 ? 170 THR A N   1 
ATOM   438  C CA  . THR A 1 65  ? 3.187   -7.584  -4.067  1.00 20.50 ? 170 THR A CA  1 
ATOM   439  C C   . THR A 1 65  ? 3.777   -8.758  -3.278  1.00 20.42 ? 170 THR A C   1 
ATOM   440  O O   . THR A 1 65  ? 3.761   -9.889  -3.732  1.00 19.63 ? 170 THR A O   1 
ATOM   441  C CB  . THR A 1 65  ? 3.860   -7.447  -5.418  1.00 20.44 ? 170 THR A CB  1 
ATOM   442  O OG1 . THR A 1 65  ? 5.113   -6.800  -5.230  1.00 20.71 ? 170 THR A OG1 1 
ATOM   443  C CG2 . THR A 1 65  ? 2.990   -6.587  -6.346  1.00 20.41 ? 170 THR A CG2 1 
ATOM   444  N N   . ASN A 1 66  ? 4.273   -8.475  -2.079  1.00 20.86 ? 171 ASN A N   1 
ATOM   445  C CA  . ASN A 1 66  ? 4.634   -9.517  -1.137  1.00 20.90 ? 171 ASN A CA  1 
ATOM   446  C C   . ASN A 1 66  ? 3.413   -10.363 -0.794  1.00 20.79 ? 171 ASN A C   1 
ATOM   447  O O   . ASN A 1 66  ? 2.338   -9.851  -0.517  1.00 20.81 ? 171 ASN A O   1 
ATOM   448  C CB  . ASN A 1 66  ? 5.242   -8.904  0.116   1.00 21.12 ? 171 ASN A CB  1 
ATOM   449  C CG  . ASN A 1 66  ? 6.665   -8.418  -0.108  1.00 21.42 ? 171 ASN A CG  1 
ATOM   450  O OD1 . ASN A 1 66  ? 6.967   -7.212  0.021   1.00 25.29 ? 171 ASN A OD1 1 
ATOM   451  N ND2 . ASN A 1 66  ? 7.544   -9.340  -0.436  1.00 15.90 ? 171 ASN A ND2 1 
ATOM   452  N N   . THR A 1 67  ? 3.585   -11.670 -0.860  1.00 21.25 ? 172 THR A N   1 
ATOM   453  C CA  . THR A 1 67  ? 2.522   -12.617 -0.566  1.00 21.28 ? 172 THR A CA  1 
ATOM   454  C C   . THR A 1 67  ? 1.924   -12.397 0.829   1.00 20.83 ? 172 THR A C   1 
ATOM   455  O O   . THR A 1 67  ? 0.720   -12.358 0.992   1.00 19.77 ? 172 THR A O   1 
ATOM   456  C CB  . THR A 1 67  ? 3.064   -14.030 -0.684  1.00 21.28 ? 172 THR A CB  1 
ATOM   457  O OG1 . THR A 1 67  ? 3.515   -14.229 -2.025  1.00 23.73 ? 172 THR A OG1 1 
ATOM   458  C CG2 . THR A 1 67  ? 1.996   -15.052 -0.348  1.00 21.72 ? 172 THR A CG2 1 
ATOM   459  N N   . GLU A 1 68  ? 2.774   -12.243 1.835   1.00 21.53 ? 173 GLU A N   1 
ATOM   460  C CA  . GLU A 1 68  ? 2.301   -11.973 3.186   1.00 21.93 ? 173 GLU A CA  1 
ATOM   461  C C   . GLU A 1 68  ? 2.637   -10.532 3.492   1.00 21.95 ? 173 GLU A C   1 
ATOM   462  O O   . GLU A 1 68  ? 3.663   -10.019 3.059   1.00 21.76 ? 173 GLU A O   1 
ATOM   463  C CB  . GLU A 1 68  ? 2.946   -12.898 4.215   1.00 22.67 ? 173 GLU A CB  1 
ATOM   464  C CG  . GLU A 1 68  ? 2.933   -14.399 3.854   1.00 26.62 ? 173 GLU A CG  1 
ATOM   465  C CD  . GLU A 1 68  ? 1.534   -14.976 3.680   1.00 32.15 ? 173 GLU A CD  1 
ATOM   466  O OE1 . GLU A 1 68  ? 0.615   -14.605 4.454   1.00 34.87 ? 173 GLU A OE1 1 
ATOM   467  O OE2 . GLU A 1 68  ? 1.358   -15.827 2.768   1.00 37.65 ? 173 GLU A OE2 1 
ATOM   468  N N   . ASN A 1 69  ? 1.738   -9.875  4.219   1.00 21.99 ? 174 ASN A N   1 
ATOM   469  C CA  . ASN A 1 69  ? 1.949   -8.536  4.672   1.00 21.72 ? 174 ASN A CA  1 
ATOM   470  C C   . ASN A 1 69  ? 1.554   -8.388  6.152   1.00 21.61 ? 174 ASN A C   1 
ATOM   471  O O   . ASN A 1 69  ? 0.395   -8.551  6.544   1.00 20.48 ? 174 ASN A O   1 
ATOM   472  C CB  . ASN A 1 69  ? 1.230   -7.539  3.766   1.00 21.90 ? 174 ASN A CB  1 
ATOM   473  C CG  . ASN A 1 69  ? 1.798   -6.131  3.895   1.00 19.91 ? 174 ASN A CG  1 
ATOM   474  O OD1 . ASN A 1 69  ? 1.780   -5.568  4.962   1.00 20.74 ? 174 ASN A OD1 1 
ATOM   475  N ND2 . ASN A 1 69  ? 2.314   -5.582  2.809   1.00 18.66 ? 174 ASN A ND2 1 
ATOM   476  N N   . ALA A 1 70  ? 2.563   -8.068  6.955   1.00 21.75 ? 175 ALA A N   1 
ATOM   477  C CA  . ALA A 1 70  ? 2.439   -7.994  8.387   1.00 22.71 ? 175 ALA A CA  1 
ATOM   478  C C   . ALA A 1 70  ? 2.341   -6.548  8.864   1.00 22.74 ? 175 ALA A C   1 
ATOM   479  O O   . ALA A 1 70  ? 2.229   -6.303  10.055  1.00 23.14 ? 175 ALA A O   1 
ATOM   480  C CB  . ALA A 1 70  ? 3.659   -8.700  9.044   1.00 22.12 ? 175 ALA A CB  1 
ATOM   481  N N   . ASP A 1 71  ? 2.373   -5.596  7.934   1.00 23.49 ? 176 ASP A N   1 
ATOM   482  C CA  . ASP A 1 71  ? 2.508   -4.179  8.288   1.00 23.68 ? 176 ASP A CA  1 
ATOM   483  C C   . ASP A 1 71  ? 1.212   -3.492  8.687   1.00 23.44 ? 176 ASP A C   1 
ATOM   484  O O   . ASP A 1 71  ? 1.243   -2.332  9.040   1.00 23.49 ? 176 ASP A O   1 
ATOM   485  C CB  . ASP A 1 71  ? 3.141   -3.387  7.138   1.00 24.34 ? 176 ASP A CB  1 
ATOM   486  C CG  . ASP A 1 71  ? 4.502   -3.900  6.762   1.00 25.15 ? 176 ASP A CG  1 
ATOM   487  O OD1 . ASP A 1 71  ? 5.267   -4.244  7.673   1.00 26.34 ? 176 ASP A OD1 1 
ATOM   488  O OD2 . ASP A 1 71  ? 4.802   -3.939  5.553   1.00 28.34 ? 176 ASP A OD2 1 
ATOM   489  N N   . LYS A 1 72  ? 0.082   -4.187  8.587   1.00 23.37 ? 177 LYS A N   1 
ATOM   490  C CA  . LYS A 1 72  ? -1.210  -3.693  9.095   1.00 23.69 ? 177 LYS A CA  1 
ATOM   491  C C   . LYS A 1 72  ? -1.559  -2.326  8.536   1.00 23.37 ? 177 LYS A C   1 
ATOM   492  O O   . LYS A 1 72  ? -1.957  -1.420  9.269   1.00 22.39 ? 177 LYS A O   1 
ATOM   493  C CB  . LYS A 1 72  ? -1.243  -3.659  10.640  1.00 23.88 ? 177 LYS A CB  1 
ATOM   494  C CG  . LYS A 1 72  ? -1.229  -5.009  11.312  1.00 24.46 ? 177 LYS A CG  1 
ATOM   495  C CD  . LYS A 1 72  ? -1.122  -4.843  12.840  1.00 24.50 ? 177 LYS A CD  1 
ATOM   496  C CE  . LYS A 1 72  ? -0.988  -6.181  13.570  1.00 24.88 ? 177 LYS A CE  1 
ATOM   497  N NZ  . LYS A 1 72  ? -0.804  -5.959  15.070  1.00 26.34 ? 177 LYS A NZ  1 
ATOM   498  N N   . ILE A 1 73  ? -1.431  -2.204  7.213   1.00 23.97 ? 178 ILE A N   1 
ATOM   499  C CA  . ILE A 1 73  ? -1.724  -0.949  6.512   1.00 23.82 ? 178 ILE A CA  1 
ATOM   500  C C   . ILE A 1 73  ? -3.224  -0.792  6.463   1.00 24.02 ? 178 ILE A C   1 
ATOM   501  O O   . ILE A 1 73  ? -3.920  -1.649  5.949   1.00 23.81 ? 178 ILE A O   1 
ATOM   502  C CB  . ILE A 1 73  ? -1.149  -0.938  5.081   1.00 23.66 ? 178 ILE A CB  1 
ATOM   503  C CG1 . ILE A 1 73  ? 0.376   -1.050  5.128   1.00 23.37 ? 178 ILE A CG1 1 
ATOM   504  C CG2 . ILE A 1 73  ? -1.629  0.297   4.328   1.00 23.60 ? 178 ILE A CG2 1 
ATOM   505  C CD1 . ILE A 1 73  ? 1.007   -1.482  3.795   1.00 23.20 ? 178 ILE A CD1 1 
ATOM   506  N N   . SER A 1 74  ? -3.702  0.315   7.026   1.00 24.79 ? 179 SER A N   1 
ATOM   507  C CA  . SER A 1 74  ? -5.103  0.635   7.097   1.00 24.60 ? 179 SER A CA  1 
ATOM   508  C C   . SER A 1 74  ? -5.670  1.026   5.742   1.00 25.37 ? 179 SER A C   1 
ATOM   509  O O   . SER A 1 74  ? -5.149  1.943   5.066   1.00 25.84 ? 179 SER A O   1 
ATOM   510  C CB  . SER A 1 74  ? -5.304  1.792   8.088   1.00 24.70 ? 179 SER A CB  1 
ATOM   511  O OG  . SER A 1 74  ? -6.570  2.388   7.914   1.00 24.23 ? 179 SER A OG  1 
ATOM   512  N N   . VAL A 1 75  ? -6.766  0.362   5.363   1.00 25.17 ? 180 VAL A N   1 
ATOM   513  C CA  . VAL A 1 75  ? -7.475  0.661   4.118   1.00 24.92 ? 180 VAL A CA  1 
ATOM   514  C C   . VAL A 1 75  ? -8.970  0.788   4.401   1.00 25.10 ? 180 VAL A C   1 
ATOM   515  O O   . VAL A 1 75  ? -9.452  0.282   5.409   1.00 25.42 ? 180 VAL A O   1 
ATOM   516  C CB  . VAL A 1 75  ? -7.187  -0.391  2.985   1.00 25.26 ? 180 VAL A CB  1 
ATOM   517  C CG1 . VAL A 1 75  ? -5.715  -0.343  2.569   1.00 23.83 ? 180 VAL A CG1 1 
ATOM   518  C CG2 . VAL A 1 75  ? -7.581  -1.795  3.412   1.00 23.39 ? 180 VAL A CG2 1 
ATOM   519  N N   . LYS A 1 76  ? -9.670  1.565   3.576   1.00 24.94 ? 181 LYS A N   1 
ATOM   520  C CA  . LYS A 1 76  ? -11.125 1.628   3.619   1.00 24.81 ? 181 LYS A CA  1 
ATOM   521  C C   . LYS A 1 76  ? -11.690 1.391   2.218   1.00 24.08 ? 181 LYS A C   1 
ATOM   522  O O   . LYS A 1 76  ? -11.052 1.670   1.219   1.00 22.88 ? 181 LYS A O   1 
ATOM   523  C CB  . LYS A 1 76  ? -11.642 2.951   4.166   1.00 24.45 ? 181 LYS A CB  1 
ATOM   524  C CG  . LYS A 1 76  ? -11.308 4.155   3.324   1.00 25.41 ? 181 LYS A CG  1 
ATOM   525  C CD  . LYS A 1 76  ? -11.802 5.417   3.994   1.00 26.20 ? 181 LYS A CD  1 
ATOM   526  C CE  . LYS A 1 76  ? -10.949 6.611   3.708   1.00 27.22 ? 181 LYS A CE  1 
ATOM   527  N NZ  . LYS A 1 76  ? -10.604 6.720   2.322   1.00 27.93 ? 181 LYS A NZ  1 
ATOM   528  N N   . ILE A 1 77  ? -12.905 0.864   2.205   1.00 24.11 ? 182 ILE A N   1 
ATOM   529  C CA  . ILE A 1 77  ? -13.619 0.486   1.010   1.00 24.32 ? 182 ILE A CA  1 
ATOM   530  C C   . ILE A 1 77  ? -14.906 1.270   1.022   1.00 23.94 ? 182 ILE A C   1 
ATOM   531  O O   . ILE A 1 77  ? -15.623 1.284   2.032   1.00 22.83 ? 182 ILE A O   1 
ATOM   532  C CB  . ILE A 1 77  ? -13.954 -1.013  1.043   1.00 24.27 ? 182 ILE A CB  1 
ATOM   533  C CG1 . ILE A 1 77  ? -12.656 -1.848  1.045   1.00 25.13 ? 182 ILE A CG1 1 
ATOM   534  C CG2 . ILE A 1 77  ? -14.862 -1.376  -0.132  1.00 23.37 ? 182 ILE A CG2 1 
ATOM   535  C CD1 . ILE A 1 77  ? -12.816 -3.201  1.651   1.00 24.43 ? 182 ILE A CD1 1 
ATOM   536  N N   . GLN A 1 78  ? -15.197 1.915   -0.094  1.00 24.49 ? 183 GLN A N   1 
ATOM   537  C CA  . GLN A 1 78  ? -16.398 2.729   -0.221  1.00 24.96 ? 183 GLN A CA  1 
ATOM   538  C C   . GLN A 1 78  ? -17.446 1.953   -1.016  1.00 25.13 ? 183 GLN A C   1 
ATOM   539  O O   . GLN A 1 78  ? -17.208 1.541   -2.136  1.00 25.80 ? 183 GLN A O   1 
ATOM   540  C CB  . GLN A 1 78  ? -16.076 4.071   -0.871  1.00 24.90 ? 183 GLN A CB  1 
ATOM   541  C CG  . GLN A 1 78  ? -17.208 5.085   -0.822  1.00 25.22 ? 183 GLN A CG  1 
ATOM   542  C CD  . GLN A 1 78  ? -17.591 5.532   0.585   1.00 27.56 ? 183 GLN A CD  1 
ATOM   543  O OE1 . GLN A 1 78  ? -18.724 5.975   0.815   1.00 28.93 ? 183 GLN A OE1 1 
ATOM   544  N NE2 . GLN A 1 78  ? -16.659 5.434   1.520   1.00 26.38 ? 183 GLN A NE2 1 
ATOM   545  N N   . HIS A 1 79  ? -18.580 1.710   -0.383  1.00 25.54 ? 184 HIS A N   1 
ATOM   546  C CA  . HIS A 1 79  ? -19.693 1.022   -0.988  1.00 25.75 ? 184 HIS A CA  1 
ATOM   547  C C   . HIS A 1 79  ? -20.858 1.975   -0.878  1.00 25.75 ? 184 HIS A C   1 
ATOM   548  O O   . HIS A 1 79  ? -21.515 2.050   0.160   1.00 26.18 ? 184 HIS A O   1 
ATOM   549  C CB  . HIS A 1 79  ? -19.975 -0.293  -0.252  1.00 25.79 ? 184 HIS A CB  1 
ATOM   550  C CG  . HIS A 1 79  ? -21.090 -1.086  -0.852  1.00 26.25 ? 184 HIS A CG  1 
ATOM   551  N ND1 . HIS A 1 79  ? -20.913 -1.924  -1.931  1.00 26.52 ? 184 HIS A ND1 1 
ATOM   552  C CD2 . HIS A 1 79  ? -22.406 -1.163  -0.529  1.00 27.04 ? 184 HIS A CD2 1 
ATOM   553  C CE1 . HIS A 1 79  ? -22.069 -2.485  -2.245  1.00 27.39 ? 184 HIS A CE1 1 
ATOM   554  N NE2 . HIS A 1 79  ? -22.992 -2.034  -1.414  1.00 26.50 ? 184 HIS A NE2 1 
ATOM   555  N N   . GLY A 1 80  ? -21.080 2.725   -1.956  1.00 26.06 ? 185 GLY A N   1 
ATOM   556  C CA  . GLY A 1 80  ? -22.074 3.780   -1.997  1.00 25.81 ? 185 GLY A CA  1 
ATOM   557  C C   . GLY A 1 80  ? -21.809 4.756   -0.879  1.00 25.77 ? 185 GLY A C   1 
ATOM   558  O O   . GLY A 1 80  ? -20.843 5.497   -0.917  1.00 26.55 ? 185 GLY A O   1 
ATOM   559  N N   . SER A 1 81  ? -22.633 4.682   0.151   1.00 25.78 ? 186 SER A N   1 
ATOM   560  C CA  . SER A 1 81  ? -22.639 5.624   1.264   1.00 25.63 ? 186 SER A CA  1 
ATOM   561  C C   . SER A 1 81  ? -21.829 5.113   2.485   1.00 25.35 ? 186 SER A C   1 
ATOM   562  O O   . SER A 1 81  ? -21.430 5.887   3.365   1.00 24.81 ? 186 SER A O   1 
ATOM   563  C CB  . SER A 1 81  ? -24.100 5.834   1.662   1.00 25.93 ? 186 SER A CB  1 
ATOM   564  O OG  . SER A 1 81  ? -24.332 7.165   2.050   1.00 27.32 ? 186 SER A OG  1 
ATOM   565  N N   . THR A 1 82  ? -21.607 3.800   2.520   1.00 24.74 ? 187 THR A N   1 
ATOM   566  C CA  . THR A 1 82  ? -20.931 3.120   3.629   1.00 24.56 ? 187 THR A CA  1 
ATOM   567  C C   . THR A 1 82  ? -19.419 3.029   3.405   1.00 24.10 ? 187 THR A C   1 
ATOM   568  O O   . THR A 1 82  ? -18.950 2.881   2.263   1.00 23.42 ? 187 THR A O   1 
ATOM   569  C CB  . THR A 1 82  ? -21.517 1.709   3.780   1.00 24.64 ? 187 THR A CB  1 
ATOM   570  O OG1 . THR A 1 82  ? -22.932 1.835   3.831   1.00 24.57 ? 187 THR A OG1 1 
ATOM   571  C CG2 . THR A 1 82  ? -21.044 1.004   5.042   1.00 24.14 ? 187 THR A CG2 1 
ATOM   572  N N   . THR A 1 83  ? -18.663 3.174   4.496   1.00 23.57 ? 188 THR A N   1 
ATOM   573  C CA  . THR A 1 83  ? -17.224 2.997   4.469   1.00 23.53 ? 188 THR A CA  1 
ATOM   574  C C   . THR A 1 83  ? -16.892 1.846   5.422   1.00 23.52 ? 188 THR A C   1 
ATOM   575  O O   . THR A 1 83  ? -17.248 1.881   6.624   1.00 23.94 ? 188 THR A O   1 
ATOM   576  C CB  . THR A 1 83  ? -16.429 4.290   4.877   1.00 24.09 ? 188 THR A CB  1 
ATOM   577  O OG1 . THR A 1 83  ? -16.892 5.422   4.127   1.00 23.20 ? 188 THR A OG1 1 
ATOM   578  C CG2 . THR A 1 83  ? -14.935 4.111   4.591   1.00 22.90 ? 188 THR A CG2 1 
ATOM   579  N N   . ILE A 1 84  ? -16.255 0.819   4.859   1.00 23.12 ? 189 ILE A N   1 
ATOM   580  C CA  . ILE A 1 84  ? -15.773 -0.341  5.599   1.00 22.68 ? 189 ILE A CA  1 
ATOM   581  C C   . ILE A 1 84  ? -14.254 -0.231  5.687   1.00 21.97 ? 189 ILE A C   1 
ATOM   582  O O   . ILE A 1 84  ? -13.588 -0.032  4.685   1.00 21.33 ? 189 ILE A O   1 
ATOM   583  C CB  . ILE A 1 84  ? -16.152 -1.694  4.907   1.00 22.87 ? 189 ILE A CB  1 
ATOM   584  C CG1 . ILE A 1 84  ? -17.671 -1.828  4.729   1.00 23.15 ? 189 ILE A CG1 1 
ATOM   585  C CG2 . ILE A 1 84  ? -15.666 -2.899  5.744   1.00 22.84 ? 189 ILE A CG2 1 
ATOM   586  C CD1 . ILE A 1 84  ? -18.146 -1.439  3.356   1.00 26.85 ? 189 ILE A CD1 1 
ATOM   587  N N   . TYR A 1 85  ? -13.709 -0.355  6.888   1.00 21.70 ? 190 TYR A N   1 
ATOM   588  C CA  . TYR A 1 85  ? -12.259 -0.327  7.052   1.00 21.66 ? 190 TYR A CA  1 
ATOM   589  C C   . TYR A 1 85  ? -11.728 -1.732  7.282   1.00 21.82 ? 190 TYR A C   1 
ATOM   590  O O   . TYR A 1 85  ? -12.434 -2.598  7.762   1.00 21.06 ? 190 TYR A O   1 
ATOM   591  C CB  . TYR A 1 85  ? -11.857 0.535   8.236   1.00 20.79 ? 190 TYR A CB  1 
ATOM   592  C CG  . TYR A 1 85  ? -11.983 2.013   8.050   1.00 19.90 ? 190 TYR A CG  1 
ATOM   593  C CD1 . TYR A 1 85  ? -13.235 2.616   7.935   1.00 19.07 ? 190 TYR A CD1 1 
ATOM   594  C CD2 . TYR A 1 85  ? -10.855 2.825   8.011   1.00 18.04 ? 190 TYR A CD2 1 
ATOM   595  C CE1 . TYR A 1 85  ? -13.363 3.978   7.768   1.00 18.14 ? 190 TYR A CE1 1 
ATOM   596  C CE2 . TYR A 1 85  ? -10.975 4.203   7.859   1.00 18.33 ? 190 TYR A CE2 1 
ATOM   597  C CZ  . TYR A 1 85  ? -12.239 4.773   7.747   1.00 19.26 ? 190 TYR A CZ  1 
ATOM   598  O OH  . TYR A 1 85  ? -12.378 6.154   7.588   1.00 20.63 ? 190 TYR A OH  1 
ATOM   599  N N   . GLY A 1 86  ? -10.461 -1.920  6.926   1.00 23.11 ? 191 GLY A N   1 
ATOM   600  C CA  . GLY A 1 86  ? -9.715  -3.129  7.225   1.00 23.13 ? 191 GLY A CA  1 
ATOM   601  C C   . GLY A 1 86  ? -8.220  -2.905  7.063   1.00 23.74 ? 191 GLY A C   1 
ATOM   602  O O   . GLY A 1 86  ? -7.706  -1.788  7.213   1.00 23.96 ? 191 GLY A O   1 
ATOM   603  N N   . ILE A 1 87  ? -7.501  -3.977  6.771   1.00 23.39 ? 192 ILE A N   1 
ATOM   604  C CA  . ILE A 1 87  ? -6.067  -3.869  6.620   1.00 23.14 ? 192 ILE A CA  1 
ATOM   605  C C   . ILE A 1 87  ? -5.610  -4.747  5.468   1.00 23.01 ? 192 ILE A C   1 
ATOM   606  O O   . ILE A 1 87  ? -6.246  -5.763  5.138   1.00 22.53 ? 192 ILE A O   1 
ATOM   607  C CB  . ILE A 1 87  ? -5.306  -4.232  7.938   1.00 23.53 ? 192 ILE A CB  1 
ATOM   608  C CG1 . ILE A 1 87  ? -5.562  -5.662  8.361   1.00 23.14 ? 192 ILE A CG1 1 
ATOM   609  C CG2 . ILE A 1 87  ? -5.674  -3.286  9.102   1.00 23.07 ? 192 ILE A CG2 1 
ATOM   610  C CD1 . ILE A 1 87  ? -4.560  -6.124  9.383   1.00 22.90 ? 192 ILE A CD1 1 
ATOM   611  N N   . ILE A 1 88  ? -4.505  -4.352  4.854   1.00 22.81 ? 193 ILE A N   1 
ATOM   612  C CA  . ILE A 1 88  ? -3.895  -5.164  3.797   1.00 22.77 ? 193 ILE A CA  1 
ATOM   613  C C   . ILE A 1 88  ? -3.201  -6.299  4.491   1.00 22.93 ? 193 ILE A C   1 
ATOM   614  O O   . ILE A 1 88  ? -2.420  -6.070  5.407   1.00 23.03 ? 193 ILE A O   1 
ATOM   615  C CB  . ILE A 1 88  ? -2.869  -4.355  2.976   1.00 23.58 ? 193 ILE A CB  1 
ATOM   616  C CG1 . ILE A 1 88  ? -3.582  -3.219  2.197   1.00 23.81 ? 193 ILE A CG1 1 
ATOM   617  C CG2 . ILE A 1 88  ? -2.010  -5.268  2.083   1.00 22.26 ? 193 ILE A CG2 1 
ATOM   618  C CD1 . ILE A 1 88  ? -2.629  -2.108  1.731   1.00 21.21 ? 193 ILE A CD1 1 
ATOM   619  N N   . ILE A 1 89  ? -3.505  -7.529  4.073   1.00 23.32 ? 194 ILE A N   1 
ATOM   620  C CA  . ILE A 1 89  ? -2.908  -8.721  4.687   1.00 22.81 ? 194 ILE A CA  1 
ATOM   621  C C   . ILE A 1 89  ? -1.953  -9.510  3.778   1.00 22.00 ? 194 ILE A C   1 
ATOM   622  O O   . ILE A 1 89  ? -1.190  -10.323 4.252   1.00 19.46 ? 194 ILE A O   1 
ATOM   623  C CB  . ILE A 1 89  ? -3.988  -9.677  5.261   1.00 23.40 ? 194 ILE A CB  1 
ATOM   624  C CG1 . ILE A 1 89  ? -4.948  -10.156 4.154   1.00 23.25 ? 194 ILE A CG1 1 
ATOM   625  C CG2 . ILE A 1 89  ? -4.717  -9.022  6.456   1.00 22.50 ? 194 ILE A CG2 1 
ATOM   626  C CD1 . ILE A 1 89  ? -5.565  -11.527 4.471   1.00 22.47 ? 194 ILE A CD1 1 
ATOM   627  N N   . GLY A 1 90  ? -2.001  -9.249  2.482   1.00 22.86 ? 195 GLY A N   1 
ATOM   628  C CA  . GLY A 1 90  ? -1.128  -9.914  1.545   1.00 23.53 ? 195 GLY A CA  1 
ATOM   629  C C   . GLY A 1 90  ? -1.456  -9.625  0.094   1.00 24.09 ? 195 GLY A C   1 
ATOM   630  O O   . GLY A 1 90  ? -2.188  -8.697  -0.230  1.00 22.79 ? 195 GLY A O   1 
ATOM   631  N N   . TYR A 1 91  ? -0.896  -10.454 -0.781  1.00 24.79 ? 196 TYR A N   1 
ATOM   632  C CA  . TYR A 1 91  ? -1.072  -10.320 -2.220  1.00 25.03 ? 196 TYR A CA  1 
ATOM   633  C C   . TYR A 1 91  ? -1.166  -11.706 -2.819  1.00 25.40 ? 196 TYR A C   1 
ATOM   634  O O   . TYR A 1 91  ? -0.559  -12.627 -2.313  1.00 24.26 ? 196 TYR A O   1 
ATOM   635  C CB  . TYR A 1 91  ? 0.105   -9.569  -2.822  1.00 25.21 ? 196 TYR A CB  1 
ATOM   636  C CG  . TYR A 1 91  ? -0.052  -9.201  -4.277  1.00 24.82 ? 196 TYR A CG  1 
ATOM   637  C CD1 . TYR A 1 91  ? 0.613   -9.914  -5.272  1.00 25.28 ? 196 TYR A CD1 1 
ATOM   638  C CD2 . TYR A 1 91  ? -0.841  -8.127  -4.658  1.00 25.57 ? 196 TYR A CD2 1 
ATOM   639  C CE1 . TYR A 1 91  ? 0.476   -9.570  -6.607  1.00 25.02 ? 196 TYR A CE1 1 
ATOM   640  C CE2 . TYR A 1 91  ? -0.973  -7.771  -5.999  1.00 25.82 ? 196 TYR A CE2 1 
ATOM   641  C CZ  . TYR A 1 91  ? -0.323  -8.488  -6.957  1.00 25.44 ? 196 TYR A CZ  1 
ATOM   642  O OH  . TYR A 1 91  ? -0.467  -8.136  -8.283  1.00 27.51 ? 196 TYR A OH  1 
ATOM   643  N N   . ASP A 1 92  ? -1.974  -11.832 -3.868  1.00 26.64 ? 197 ASP A N   1 
ATOM   644  C CA  . ASP A 1 92  ? -2.137  -13.071 -4.612  1.00 27.45 ? 197 ASP A CA  1 
ATOM   645  C C   . ASP A 1 92  ? -1.415  -12.859 -5.935  1.00 28.12 ? 197 ASP A C   1 
ATOM   646  O O   . ASP A 1 92  ? -1.842  -12.062 -6.765  1.00 27.88 ? 197 ASP A O   1 
ATOM   647  C CB  . ASP A 1 92  ? -3.626  -13.359 -4.816  1.00 27.57 ? 197 ASP A CB  1 
ATOM   648  C CG  . ASP A 1 92  ? -3.898  -14.662 -5.568  1.00 27.34 ? 197 ASP A CG  1 
ATOM   649  O OD1 . ASP A 1 92  ? -5.073  -15.072 -5.549  1.00 28.41 ? 197 ASP A OD1 1 
ATOM   650  O OD2 . ASP A 1 92  ? -2.980  -15.260 -6.180  1.00 26.29 ? 197 ASP A OD2 1 
ATOM   651  N N   . LYS A 1 93  ? -0.303  -13.561 -6.103  1.00 29.03 ? 198 LYS A N   1 
ATOM   652  C CA  . LYS A 1 93  ? 0.594   -13.321 -7.209  1.00 30.08 ? 198 LYS A CA  1 
ATOM   653  C C   . LYS A 1 93  ? 0.061   -13.932 -8.481  1.00 30.47 ? 198 LYS A C   1 
ATOM   654  O O   . LYS A 1 93  ? 0.264   -13.396 -9.557  1.00 31.32 ? 198 LYS A O   1 
ATOM   655  C CB  . LYS A 1 93  ? 1.981   -13.901 -6.901  1.00 30.74 ? 198 LYS A CB  1 
ATOM   656  C CG  . LYS A 1 93  ? 2.714   -13.094 -5.844  1.00 32.25 ? 198 LYS A CG  1 
ATOM   657  C CD  . LYS A 1 93  ? 4.134   -13.628 -5.555  1.00 32.13 ? 198 LYS A CD  1 
ATOM   658  C CE  . LYS A 1 93  ? 4.961   -12.545 -4.862  1.00 33.32 ? 198 LYS A CE  1 
ATOM   659  N NZ  . LYS A 1 93  ? 4.990   -11.281 -5.664  1.00 32.41 ? 198 LYS A NZ  1 
ATOM   660  N N   . GLU A 1 94  ? -0.621  -15.056 -8.353  1.00 30.65 ? 199 GLU A N   1 
ATOM   661  C CA  . GLU A 1 94  ? -1.173  -15.751 -9.504  1.00 30.38 ? 199 GLU A CA  1 
ATOM   662  C C   . GLU A 1 94  ? -2.334  -15.015 -10.136 1.00 29.94 ? 199 GLU A C   1 
ATOM   663  O O   . GLU A 1 94  ? -2.443  -14.972 -11.357 1.00 28.79 ? 199 GLU A O   1 
ATOM   664  C CB  . GLU A 1 94  ? -1.635  -17.136 -9.090  1.00 30.51 ? 199 GLU A CB  1 
ATOM   665  C CG  . GLU A 1 94  ? -0.496  -18.039 -8.705  1.00 31.31 ? 199 GLU A CG  1 
ATOM   666  C CD  . GLU A 1 94  ? -0.982  -19.395 -8.288  1.00 30.92 ? 199 GLU A CD  1 
ATOM   667  O OE1 . GLU A 1 94  ? -0.415  -20.402 -8.758  1.00 31.43 ? 199 GLU A OE1 1 
ATOM   668  O OE2 . GLU A 1 94  ? -1.954  -19.438 -7.501  1.00 31.72 ? 199 GLU A OE2 1 
ATOM   669  N N   . ASN A 1 95  ? -3.198  -14.451 -9.291  1.00 30.20 ? 200 ASN A N   1 
ATOM   670  C CA  . ASN A 1 95  ? -4.381  -13.723 -9.742  1.00 30.48 ? 200 ASN A CA  1 
ATOM   671  C C   . ASN A 1 95  ? -4.167  -12.214 -9.752  1.00 30.88 ? 200 ASN A C   1 
ATOM   672  O O   . ASN A 1 95  ? -5.004  -11.471 -10.278 1.00 31.25 ? 200 ASN A O   1 
ATOM   673  C CB  . ASN A 1 95  ? -5.599  -14.101 -8.888  1.00 30.39 ? 200 ASN A CB  1 
ATOM   674  C CG  . ASN A 1 95  ? -6.064  -15.536 -9.144  1.00 30.77 ? 200 ASN A CG  1 
ATOM   675  O OD1 . ASN A 1 95  ? -6.100  -15.985 -10.285 1.00 32.43 ? 200 ASN A OD1 1 
ATOM   676  N ND2 . ASN A 1 95  ? -6.415  -16.256 -8.082  1.00 29.10 ? 200 ASN A ND2 1 
ATOM   677  N N   . ASP A 1 96  ? -3.032  -11.777 -9.203  1.00 30.95 ? 201 ASP A N   1 
ATOM   678  C CA  . ASP A 1 96  ? -2.631  -10.374 -9.181  1.00 30.88 ? 201 ASP A CA  1 
ATOM   679  C C   . ASP A 1 96  ? -3.681  -9.483  -8.539  1.00 30.77 ? 201 ASP A C   1 
ATOM   680  O O   . ASP A 1 96  ? -4.155  -8.531  -9.151  1.00 30.51 ? 201 ASP A O   1 
ATOM   681  C CB  . ASP A 1 96  ? -2.265  -9.886  -10.579 1.00 31.58 ? 201 ASP A CB  1 
ATOM   682  C CG  . ASP A 1 96  ? -0.885  -10.345 -11.003 1.00 32.70 ? 201 ASP A CG  1 
ATOM   683  O OD1 . ASP A 1 96  ? 0.108   -9.920  -10.366 1.00 38.27 ? 201 ASP A OD1 1 
ATOM   684  O OD2 . ASP A 1 96  ? -0.791  -11.109 -11.967 1.00 33.97 ? 201 ASP A OD2 1 
ATOM   685  N N   . VAL A 1 97  ? -4.034  -9.842  -7.303  1.00 30.17 ? 202 VAL A N   1 
ATOM   686  C CA  . VAL A 1 97  ? -4.956  -9.079  -6.483  1.00 29.48 ? 202 VAL A CA  1 
ATOM   687  C C   . VAL A 1 97  ? -4.383  -8.962  -5.081  1.00 29.09 ? 202 VAL A C   1 
ATOM   688  O O   . VAL A 1 97  ? -3.765  -9.887  -4.555  1.00 28.99 ? 202 VAL A O   1 
ATOM   689  C CB  . VAL A 1 97  ? -6.387  -9.672  -6.459  1.00 29.46 ? 202 VAL A CB  1 
ATOM   690  C CG1 . VAL A 1 97  ? -7.055  -9.483  -7.822  1.00 28.74 ? 202 VAL A CG1 1 
ATOM   691  C CG2 . VAL A 1 97  ? -6.388  -11.164 -6.072  1.00 29.81 ? 202 VAL A CG2 1 
ATOM   692  N N   . LEU A 1 98  ? -4.565  -7.780  -4.515  1.00 28.81 ? 203 LEU A N   1 
ATOM   693  C CA  . LEU A 1 98  ? -4.189  -7.472  -3.145  1.00 28.60 ? 203 LEU A CA  1 
ATOM   694  C C   . LEU A 1 98  ? -5.232  -8.112  -2.241  1.00 28.49 ? 203 LEU A C   1 
ATOM   695  O O   . LEU A 1 98  ? -6.395  -8.125  -2.593  1.00 28.79 ? 203 LEU A O   1 
ATOM   696  C CB  . LEU A 1 98  ? -4.185  -5.947  -2.963  1.00 27.73 ? 203 LEU A CB  1 
ATOM   697  C CG  . LEU A 1 98  ? -3.498  -5.324  -1.746  1.00 28.95 ? 203 LEU A CG  1 
ATOM   698  C CD1 . LEU A 1 98  ? -1.970  -5.450  -1.865  1.00 27.61 ? 203 LEU A CD1 1 
ATOM   699  C CD2 . LEU A 1 98  ? -3.896  -3.873  -1.559  1.00 25.75 ? 203 LEU A CD2 1 
ATOM   700  N N   . LYS A 1 99  ? -4.816  -8.627  -1.085  1.00 28.51 ? 204 LYS A N   1 
ATOM   701  C CA  . LYS A 1 99  ? -5.736  -9.211  -0.106  1.00 29.04 ? 204 LYS A CA  1 
ATOM   702  C C   . LYS A 1 99  ? -5.979  -8.266  1.078   1.00 28.77 ? 204 LYS A C   1 
ATOM   703  O O   . LYS A 1 99  ? -5.034  -7.736  1.674   1.00 28.65 ? 204 LYS A O   1 
ATOM   704  C CB  . LYS A 1 99  ? -5.187  -10.546 0.417   1.00 28.95 ? 204 LYS A CB  1 
ATOM   705  C CG  . LYS A 1 99  ? -5.113  -11.672 -0.615  1.00 29.73 ? 204 LYS A CG  1 
ATOM   706  C CD  . LYS A 1 99  ? -4.615  -12.947 0.058   1.00 30.16 ? 204 LYS A CD  1 
ATOM   707  C CE  . LYS A 1 99  ? -5.038  -14.202 -0.686  1.00 31.87 ? 204 LYS A CE  1 
ATOM   708  N NZ  . LYS A 1 99  ? -4.837  -15.462 0.134   1.00 31.45 ? 204 LYS A NZ  1 
ATOM   709  N N   . ILE A 1 100 ? -7.255  -8.063  1.402   1.00 29.14 ? 205 ILE A N   1 
ATOM   710  C CA  . ILE A 1 100 ? -7.684  -7.236  2.538   1.00 29.34 ? 205 ILE A CA  1 
ATOM   711  C C   . ILE A 1 100 ? -8.575  -8.055  3.471   1.00 29.51 ? 205 ILE A C   1 
ATOM   712  O O   . ILE A 1 100 ? -9.461  -8.771  3.021   1.00 30.13 ? 205 ILE A O   1 
ATOM   713  C CB  . ILE A 1 100 ? -8.397  -5.947  2.042   1.00 29.69 ? 205 ILE A CB  1 
ATOM   714  C CG1 . ILE A 1 100 ? -7.330  -5.005  1.448   1.00 29.44 ? 205 ILE A CG1 1 
ATOM   715  C CG2 . ILE A 1 100 ? -9.172  -5.269  3.182   1.00 28.88 ? 205 ILE A CG2 1 
ATOM   716  C CD1 . ILE A 1 100 ? -7.842  -3.910  0.634   1.00 30.04 ? 205 ILE A CD1 1 
ATOM   717  N N   . SER A 1 101 ? -8.302  -7.993  4.772   1.00 29.62 ? 206 SER A N   1 
ATOM   718  C CA  . SER A 1 101 ? -9.111  -8.697  5.761   1.00 29.07 ? 206 SER A CA  1 
ATOM   719  C C   . SER A 1 101 ? -9.342  -7.834  6.999   1.00 29.14 ? 206 SER A C   1 
ATOM   720  O O   . SER A 1 101 ? -9.106  -6.620  6.964   1.00 29.43 ? 206 SER A O   1 
ATOM   721  C CB  . SER A 1 101 ? -8.463  -10.024 6.146   1.00 29.06 ? 206 SER A CB  1 
ATOM   722  O OG  . SER A 1 101 ? -9.367  -10.823 6.905   1.00 28.52 ? 206 SER A OG  1 
ATOM   723  N N   . GLN A 1 102 ? -9.819  -8.466  8.076   1.00 28.66 ? 207 GLN A N   1 
ATOM   724  C CA  . GLN A 1 102 ? -10.159 -7.793  9.338   1.00 28.50 ? 207 GLN A CA  1 
ATOM   725  C C   . GLN A 1 102 ? -11.104 -6.600  9.156   1.00 27.95 ? 207 GLN A C   1 
ATOM   726  O O   . GLN A 1 102 ? -10.916 -5.517  9.726   1.00 27.80 ? 207 GLN A O   1 
ATOM   727  C CB  . GLN A 1 102 ? -8.885  -7.412  10.080  1.00 28.34 ? 207 GLN A CB  1 
ATOM   728  C CG  . GLN A 1 102 ? -8.100  -8.644  10.465  1.00 29.37 ? 207 GLN A CG  1 
ATOM   729  C CD  . GLN A 1 102 ? -6.788  -8.333  11.169  1.00 30.21 ? 207 GLN A CD  1 
ATOM   730  O OE1 . GLN A 1 102 ? -5.789  -9.042  10.966  1.00 32.68 ? 207 GLN A OE1 1 
ATOM   731  N NE2 . GLN A 1 102 ? -6.783  -7.292  12.013  1.00 29.35 ? 207 GLN A NE2 1 
ATOM   732  N N   . LEU A 1 103 ? -12.142 -6.828  8.364   1.00 27.37 ? 208 LEU A N   1 
ATOM   733  C CA  . LEU A 1 103 ? -13.098 -5.788  8.026   1.00 27.31 ? 208 LEU A CA  1 
ATOM   734  C C   . LEU A 1 103 ? -13.991 -5.490  9.220   1.00 26.70 ? 208 LEU A C   1 
ATOM   735  O O   . LEU A 1 103 ? -14.450 -6.401  9.883   1.00 25.19 ? 208 LEU A O   1 
ATOM   736  C CB  . LEU A 1 103 ? -13.946 -6.204  6.822   1.00 27.21 ? 208 LEU A CB  1 
ATOM   737  C CG  . LEU A 1 103 ? -13.212 -6.380  5.484   1.00 27.26 ? 208 LEU A CG  1 
ATOM   738  C CD1 . LEU A 1 103 ? -14.065 -7.258  4.547   1.00 27.10 ? 208 LEU A CD1 1 
ATOM   739  C CD2 . LEU A 1 103 ? -12.894 -5.022  4.853   1.00 26.49 ? 208 LEU A CD2 1 
ATOM   740  N N   . ASN A 1 104 ? -14.243 -4.204  9.460   1.00 26.88 ? 209 ASN A N   1 
ATOM   741  C CA  . ASN A 1 104 ? -15.045 -3.758  10.598  1.00 27.09 ? 209 ASN A CA  1 
ATOM   742  C C   . ASN A 1 104 ? -16.549 -3.696  10.332  1.00 27.16 ? 209 ASN A C   1 
ATOM   743  O O   . ASN A 1 104 ? -17.290 -3.102  11.110  1.00 27.51 ? 209 ASN A O   1 
ATOM   744  C CB  . ASN A 1 104 ? -14.512 -2.411  11.130  1.00 26.63 ? 209 ASN A CB  1 
ATOM   745  C CG  . ASN A 1 104 ? -14.930 -1.218  10.297  1.00 25.63 ? 209 ASN A CG  1 
ATOM   746  O OD1 . ASN A 1 104 ? -15.328 -1.351  9.145   1.00 25.46 ? 209 ASN A OD1 1 
ATOM   747  N ND2 . ASN A 1 104 ? -14.825 -0.031  10.878  1.00 24.65 ? 209 ASN A ND2 1 
ATOM   748  N N   . SER A 1 105 ? -16.998 -4.310  9.240   1.00 27.79 ? 210 SER A N   1 
ATOM   749  C CA  . SER A 1 105 ? -18.423 -4.397  8.931   1.00 28.29 ? 210 SER A CA  1 
ATOM   750  C C   . SER A 1 105 ? -18.777 -5.613  8.067   1.00 28.81 ? 210 SER A C   1 
ATOM   751  O O   . SER A 1 105 ? -17.932 -6.132  7.333   1.00 28.80 ? 210 SER A O   1 
ATOM   752  C CB  . SER A 1 105 ? -18.891 -3.126  8.216   1.00 28.20 ? 210 SER A CB  1 
ATOM   753  O OG  . SER A 1 105 ? -20.309 -3.119  8.101   1.00 29.14 ? 210 SER A OG  1 
ATOM   754  N N   . ASN A 1 106 ? -20.040 -6.044  8.167   1.00 29.25 ? 211 ASN A N   1 
ATOM   755  C CA  . ASN A 1 106 ? -20.609 -7.098  7.327   1.00 30.04 ? 211 ASN A CA  1 
ATOM   756  C C   . ASN A 1 106 ? -21.456 -6.556  6.171   1.00 30.24 ? 211 ASN A C   1 
ATOM   757  O O   . ASN A 1 106 ? -22.161 -7.321  5.512   1.00 30.28 ? 211 ASN A O   1 
ATOM   758  C CB  . ASN A 1 106 ? -21.470 -8.059  8.175   1.00 30.51 ? 211 ASN A CB  1 
ATOM   759  C CG  . ASN A 1 106 ? -20.644 -9.137  8.845   1.00 32.34 ? 211 ASN A CG  1 
ATOM   760  O OD1 . ASN A 1 106 ? -19.530 -9.449  8.406   1.00 34.40 ? 211 ASN A OD1 1 
ATOM   761  N ND2 . ASN A 1 106 ? -21.183 -9.719  9.918   1.00 34.90 ? 211 ASN A ND2 1 
ATOM   762  N N   . SER A 1 107 ? -21.399 -5.244  5.952   1.00 30.57 ? 212 SER A N   1 
ATOM   763  C CA  . SER A 1 107 ? -22.061 -4.587  4.813   1.00 30.98 ? 212 SER A CA  1 
ATOM   764  C C   . SER A 1 107 ? -21.641 -5.193  3.469   1.00 30.81 ? 212 SER A C   1 
ATOM   765  O O   . SER A 1 107 ? -20.538 -5.731  3.328   1.00 30.32 ? 212 SER A O   1 
ATOM   766  C CB  . SER A 1 107 ? -21.764 -3.063  4.828   1.00 31.66 ? 212 SER A CB  1 
ATOM   767  O OG  . SER A 1 107 ? -21.474 -2.525  3.523   1.00 34.31 ? 212 SER A OG  1 
ATOM   768  N N   . ASP A 1 108 ? -22.543 -5.092  2.496   1.00 30.83 ? 213 ASP A N   1 
ATOM   769  C CA  . ASP A 1 108 ? -22.284 -5.470  1.091   1.00 30.63 ? 213 ASP A CA  1 
ATOM   770  C C   . ASP A 1 108 ? -21.011 -4.795  0.591   1.00 30.24 ? 213 ASP A C   1 
ATOM   771  O O   . ASP A 1 108 ? -20.792 -3.600  0.826   1.00 30.54 ? 213 ASP A O   1 
ATOM   772  C CB  . ASP A 1 108 ? -23.473 -5.040  0.199   1.00 30.98 ? 213 ASP A CB  1 
ATOM   773  C CG  . ASP A 1 108 ? -23.904 -6.111  -0.817  1.00 32.26 ? 213 ASP A CG  1 
ATOM   774  O OD1 . ASP A 1 108 ? -23.091 -6.485  -1.710  1.00 31.77 ? 213 ASP A OD1 1 
ATOM   775  O OD2 . ASP A 1 108 ? -25.091 -6.540  -0.734  1.00 33.15 ? 213 ASP A OD2 1 
ATOM   776  N N   . ILE A 1 109 ? -20.165 -5.574  -0.072  1.00 29.79 ? 214 ILE A N   1 
ATOM   777  C CA  . ILE A 1 109 ? -19.015 -5.060  -0.791  1.00 29.31 ? 214 ILE A CA  1 
ATOM   778  C C   . ILE A 1 109 ? -19.152 -5.624  -2.189  1.00 29.14 ? 214 ILE A C   1 
ATOM   779  O O   . ILE A 1 109 ? -19.376 -6.829  -2.353  1.00 29.10 ? 214 ILE A O   1 
ATOM   780  C CB  . ILE A 1 109 ? -17.678 -5.495  -0.159  1.00 29.70 ? 214 ILE A CB  1 
ATOM   781  C CG1 . ILE A 1 109 ? -17.448 -4.782  1.175   1.00 29.34 ? 214 ILE A CG1 1 
ATOM   782  C CG2 . ILE A 1 109 ? -16.503 -5.203  -1.107  1.00 29.48 ? 214 ILE A CG2 1 
ATOM   783  C CD1 . ILE A 1 109 ? -16.224 -5.270  1.924   1.00 29.14 ? 214 ILE A CD1 1 
ATOM   784  N N   . SER A 1 110 ? -19.037 -4.741  -3.182  1.00 28.57 ? 215 SER A N   1 
ATOM   785  C CA  . SER A 1 110 ? -19.309 -5.041  -4.593  1.00 27.56 ? 215 SER A CA  1 
ATOM   786  C C   . SER A 1 110 ? -18.061 -4.804  -5.425  1.00 26.87 ? 215 SER A C   1 
ATOM   787  O O   . SER A 1 110 ? -17.281 -3.907  -5.115  1.00 27.45 ? 215 SER A O   1 
ATOM   788  C CB  . SER A 1 110 ? -20.403 -4.120  -5.121  1.00 27.30 ? 215 SER A CB  1 
ATOM   789  O OG  . SER A 1 110 ? -21.661 -4.469  -4.598  1.00 28.00 ? 215 SER A OG  1 
ATOM   790  N N   . ALA A 1 111 ? -17.882 -5.602  -6.478  1.00 26.18 ? 216 ALA A N   1 
ATOM   791  C CA  . ALA A 1 111 ? -16.819 -5.386  -7.449  1.00 25.58 ? 216 ALA A CA  1 
ATOM   792  C C   . ALA A 1 111 ? -16.852 -3.945  -7.909  1.00 24.78 ? 216 ALA A C   1 
ATOM   793  O O   . ALA A 1 111 ? -17.923 -3.368  -8.086  1.00 24.72 ? 216 ALA A O   1 
ATOM   794  C CB  . ALA A 1 111 ? -16.977 -6.314  -8.639  1.00 25.04 ? 216 ALA A CB  1 
ATOM   795  N N   . GLY A 1 112 ? -15.678 -3.361  -8.089  1.00 24.51 ? 217 GLY A N   1 
ATOM   796  C CA  . GLY A 1 112 ? -15.575 -1.973  -8.493  1.00 24.85 ? 217 GLY A CA  1 
ATOM   797  C C   . GLY A 1 112 ? -15.612 -0.981  -7.346  1.00 25.00 ? 217 GLY A C   1 
ATOM   798  O O   . GLY A 1 112 ? -15.357 0.199   -7.570  1.00 25.97 ? 217 GLY A O   1 
ATOM   799  N N   . ASP A 1 113 ? -15.916 -1.427  -6.119  1.00 25.00 ? 218 ASP A N   1 
ATOM   800  C CA  . ASP A 1 113 ? -15.944 -0.510  -4.980  1.00 24.65 ? 218 ASP A CA  1 
ATOM   801  C C   . ASP A 1 113 ? -14.519 -0.018  -4.745  1.00 24.69 ? 218 ASP A C   1 
ATOM   802  O O   . ASP A 1 113 ? -13.569 -0.776  -4.898  1.00 24.15 ? 218 ASP A O   1 
ATOM   803  C CB  . ASP A 1 113 ? -16.437 -1.188  -3.712  1.00 25.03 ? 218 ASP A CB  1 
ATOM   804  C CG  . ASP A 1 113 ? -17.945 -1.355  -3.654  1.00 25.64 ? 218 ASP A CG  1 
ATOM   805  O OD1 . ASP A 1 113 ? -18.722 -0.771  -4.465  1.00 27.66 ? 218 ASP A OD1 1 
ATOM   806  O OD2 . ASP A 1 113 ? -18.349 -2.111  -2.753  1.00 25.30 ? 218 ASP A OD2 1 
ATOM   807  N N   . LYS A 1 114 ? -14.380 1.252   -4.377  1.00 24.46 ? 219 LYS A N   1 
ATOM   808  C CA  . LYS A 1 114 ? -13.074 1.927   -4.375  1.00 24.37 ? 219 LYS A CA  1 
ATOM   809  C C   . LYS A 1 114 ? -12.350 1.741   -3.042  1.00 24.33 ? 219 LYS A C   1 
ATOM   810  O O   . LYS A 1 114 ? -12.933 1.970   -1.988  1.00 24.59 ? 219 LYS A O   1 
ATOM   811  C CB  . LYS A 1 114 ? -13.238 3.414   -4.638  1.00 24.08 ? 219 LYS A CB  1 
ATOM   812  C CG  . LYS A 1 114 ? -13.562 3.752   -6.064  1.00 24.36 ? 219 LYS A CG  1 
ATOM   813  C CD  . LYS A 1 114 ? -13.321 5.228   -6.280  1.00 25.86 ? 219 LYS A CD  1 
ATOM   814  C CE  . LYS A 1 114 ? -13.870 5.722   -7.605  1.00 26.30 ? 219 LYS A CE  1 
ATOM   815  N NZ  . LYS A 1 114 ? -13.101 5.119   -8.716  1.00 29.90 ? 219 LYS A NZ  1 
ATOM   816  N N   . VAL A 1 115 ? -11.087 1.332   -3.114  1.00 23.48 ? 220 VAL A N   1 
ATOM   817  C CA  . VAL A 1 115 ? -10.263 1.068   -1.948  1.00 23.33 ? 220 VAL A CA  1 
ATOM   818  C C   . VAL A 1 115 ? -9.145  2.133   -1.854  1.00 23.15 ? 220 VAL A C   1 
ATOM   819  O O   . VAL A 1 115 ? -8.441  2.413   -2.832  1.00 22.52 ? 220 VAL A O   1 
ATOM   820  C CB  . VAL A 1 115 ? -9.665  -0.317  -2.027  1.00 23.09 ? 220 VAL A CB  1 
ATOM   821  C CG1 . VAL A 1 115 ? -8.821  -0.628  -0.753  1.00 24.26 ? 220 VAL A CG1 1 
ATOM   822  C CG2 . VAL A 1 115 ? -10.783 -1.338  -2.254  1.00 21.13 ? 220 VAL A CG2 1 
ATOM   823  N N   . THR A 1 116 ? -9.074  2.777   -0.700  1.00 22.96 ? 221 THR A N   1 
ATOM   824  C CA  . THR A 1 116 ? -8.169  3.882   -0.455  1.00 22.81 ? 221 THR A CA  1 
ATOM   825  C C   . THR A 1 116 ? -7.546  3.621   0.891   1.00 22.96 ? 221 THR A C   1 
ATOM   826  O O   . THR A 1 116 ? -8.073  2.826   1.672   1.00 23.27 ? 221 THR A O   1 
ATOM   827  C CB  . THR A 1 116 ? -8.905  5.249   -0.423  1.00 23.24 ? 221 THR A CB  1 
ATOM   828  O OG1 . THR A 1 116 ? -10.058 5.161   0.424   1.00 24.83 ? 221 THR A OG1 1 
ATOM   829  C CG2 . THR A 1 116 ? -9.353  5.693   -1.825  1.00 20.97 ? 221 THR A CG2 1 
ATOM   830  N N   . THR A 1 117 ? -6.441  4.287   1.194   1.00 22.72 ? 222 THR A N   1 
ATOM   831  C CA  . THR A 1 117 ? -5.888  4.195   2.540   1.00 22.52 ? 222 THR A CA  1 
ATOM   832  C C   . THR A 1 117 ? -6.817  4.859   3.586   1.00 22.57 ? 222 THR A C   1 
ATOM   833  O O   . THR A 1 117 ? -7.542  5.805   3.295   1.00 22.74 ? 222 THR A O   1 
ATOM   834  C CB  . THR A 1 117 ? -4.411  4.709   2.606   1.00 22.20 ? 222 THR A CB  1 
ATOM   835  O OG1 . THR A 1 117 ? -4.332  6.105   2.288   1.00 21.77 ? 222 THR A OG1 1 
ATOM   836  C CG2 . THR A 1 117 ? -3.552  3.932   1.625   1.00 23.04 ? 222 THR A CG2 1 
ATOM   837  N N   . GLY A 1 118 ? -6.798  4.324   4.807   1.00 23.19 ? 223 GLY A N   1 
ATOM   838  C CA  . GLY A 1 118 ? -7.721  4.743   5.871   1.00 22.70 ? 223 GLY A CA  1 
ATOM   839  C C   . GLY A 1 118 ? -7.089  5.673   6.870   1.00 23.27 ? 223 GLY A C   1 
ATOM   840  O O   . GLY A 1 118 ? -7.798  6.336   7.637   1.00 23.59 ? 223 GLY A O   1 
ATOM   841  N N   . GLY A 1 119 ? -5.756  5.720   6.888   1.00 23.00 ? 224 GLY A N   1 
ATOM   842  C CA  . GLY A 1 119 ? -5.056  6.626   7.773   1.00 23.17 ? 224 GLY A CA  1 
ATOM   843  C C   . GLY A 1 119 ? -5.031  6.231   9.240   1.00 23.22 ? 224 GLY A C   1 
ATOM   844  O O   . GLY A 1 119 ? -4.749  7.064   10.089  1.00 22.85 ? 224 GLY A O   1 
ATOM   845  N N   . LEU A 1 120 ? -5.304  4.955   9.539   1.00 23.53 ? 225 LEU A N   1 
ATOM   846  C CA  . LEU A 1 120 ? -5.194  4.458   10.895  1.00 23.51 ? 225 LEU A CA  1 
ATOM   847  C C   . LEU A 1 120 ? -3.908  3.656   11.080  1.00 24.00 ? 225 LEU A C   1 
ATOM   848  O O   . LEU A 1 120 ? -3.152  3.396   10.130  1.00 24.63 ? 225 LEU A O   1 
ATOM   849  C CB  . LEU A 1 120 ? -6.432  3.642   11.268  1.00 23.86 ? 225 LEU A CB  1 
ATOM   850  C CG  . LEU A 1 120 ? -7.742  4.452   11.354  1.00 23.16 ? 225 LEU A CG  1 
ATOM   851  C CD1 . LEU A 1 120 ? -8.971  3.576   11.092  1.00 20.90 ? 225 LEU A CD1 1 
ATOM   852  C CD2 . LEU A 1 120 ? -7.835  5.189   12.692  1.00 21.31 ? 225 LEU A CD2 1 
ATOM   853  N N   . GLY A 1 121 ? -3.644  3.293   12.324  1.00 24.50 ? 226 GLY A N   1 
ATOM   854  C CA  . GLY A 1 121 ? -2.433  2.589   12.675  1.00 24.67 ? 226 GLY A CA  1 
ATOM   855  C C   . GLY A 1 121 ? -1.187  3.384   12.336  1.00 24.68 ? 226 GLY A C   1 
ATOM   856  O O   . GLY A 1 121 ? -1.143  4.613   12.478  1.00 25.21 ? 226 GLY A O   1 
ATOM   857  N N   . ASN A 1 122 ? -0.156  2.681   11.895  1.00 24.47 ? 227 ASN A N   1 
ATOM   858  C CA  . ASN A 1 122 ? 1.176   3.309   11.784  1.00 24.19 ? 227 ASN A CA  1 
ATOM   859  C C   . ASN A 1 122 ? 1.334   4.106   10.489  1.00 23.67 ? 227 ASN A C   1 
ATOM   860  O O   . ASN A 1 122 ? 1.956   5.160   10.486  1.00 23.35 ? 227 ASN A O   1 
ATOM   861  C CB  . ASN A 1 122 ? 2.280   2.261   11.936  1.00 23.92 ? 227 ASN A CB  1 
ATOM   862  C CG  . ASN A 1 122 ? 2.378   1.723   13.342  1.00 24.95 ? 227 ASN A CG  1 
ATOM   863  O OD1 . ASN A 1 122 ? 2.352   2.481   14.315  1.00 26.85 ? 227 ASN A OD1 1 
ATOM   864  N ND2 . ASN A 1 122 ? 2.472   0.414   13.466  1.00 25.82 ? 227 ASN A ND2 1 
ATOM   865  N N   . PHE A 1 123 ? 0.745   3.596   9.406   1.00 23.57 ? 228 PHE A N   1 
ATOM   866  C CA  . PHE A 1 123 ? 0.785   4.240   8.080   1.00 23.17 ? 228 PHE A CA  1 
ATOM   867  C C   . PHE A 1 123 ? -0.406  5.181   7.922   1.00 22.97 ? 228 PHE A C   1 
ATOM   868  O O   . PHE A 1 123 ? -1.328  4.975   7.137   1.00 22.34 ? 228 PHE A O   1 
ATOM   869  C CB  . PHE A 1 123 ? 0.935   3.158   6.994   1.00 23.01 ? 228 PHE A CB  1 
ATOM   870  C CG  . PHE A 1 123 ? 2.227   2.401   7.142   1.00 22.68 ? 228 PHE A CG  1 
ATOM   871  C CD1 . PHE A 1 123 ? 3.447   3.014   6.799   1.00 23.39 ? 228 PHE A CD1 1 
ATOM   872  C CD2 . PHE A 1 123 ? 2.257   1.140   7.732   1.00 23.66 ? 228 PHE A CD2 1 
ATOM   873  C CE1 . PHE A 1 123 ? 4.672   2.370   6.992   1.00 22.04 ? 228 PHE A CE1 1 
ATOM   874  C CE2 . PHE A 1 123 ? 3.474   0.475   7.931   1.00 24.54 ? 228 PHE A CE2 1 
ATOM   875  C CZ  . PHE A 1 123 ? 4.696   1.094   7.555   1.00 23.15 ? 228 PHE A CZ  1 
ATOM   876  N N   . ASN A 1 124 ? -0.317  6.265   8.696   1.00 23.46 ? 229 ASN A N   1 
ATOM   877  C CA  . ASN A 1 124 ? -1.448  7.108   9.051   1.00 22.72 ? 229 ASN A CA  1 
ATOM   878  C C   . ASN A 1 124 ? -1.680  8.246   8.049   1.00 22.99 ? 229 ASN A C   1 
ATOM   879  O O   . ASN A 1 124 ? -1.686  9.416   8.392   1.00 23.38 ? 229 ASN A O   1 
ATOM   880  C CB  . ASN A 1 124 ? -1.290  7.597   10.523  1.00 22.58 ? 229 ASN A CB  1 
ATOM   881  C CG  . ASN A 1 124 ? -0.121  8.554   10.746  1.00 20.26 ? 229 ASN A CG  1 
ATOM   882  O OD1 . ASN A 1 124 ? 0.887   8.513   10.056  1.00 22.39 ? 229 ASN A OD1 1 
ATOM   883  N ND2 . ASN A 1 124 ? -0.256  9.412   11.744  1.00 20.21 ? 229 ASN A ND2 1 
ATOM   884  N N   . VAL A 1 125 ? -1.820  7.881   6.781   1.00 23.97 ? 230 VAL A N   1 
ATOM   885  C CA  . VAL A 1 125 ? -2.188  8.826   5.731   1.00 23.78 ? 230 VAL A CA  1 
ATOM   886  C C   . VAL A 1 125 ? -3.365  8.239   4.936   1.00 23.78 ? 230 VAL A C   1 
ATOM   887  O O   . VAL A 1 125 ? -3.248  7.193   4.247   1.00 23.70 ? 230 VAL A O   1 
ATOM   888  C CB  . VAL A 1 125 ? -0.972  9.204   4.819   1.00 24.21 ? 230 VAL A CB  1 
ATOM   889  C CG1 . VAL A 1 125 ? -0.389  7.979   4.147   1.00 26.47 ? 230 VAL A CG1 1 
ATOM   890  C CG2 . VAL A 1 125 ? -1.393  10.262  3.792   1.00 24.38 ? 230 VAL A CG2 1 
ATOM   891  N N   . ALA A 1 126 ? -4.511  8.910   5.068   1.00 23.75 ? 231 ALA A N   1 
ATOM   892  C CA  . ALA A 1 126 ? -5.743  8.521   4.408   1.00 23.65 ? 231 ALA A CA  1 
ATOM   893  C C   . ALA A 1 126 ? -5.796  8.970   2.951   1.00 24.03 ? 231 ALA A C   1 
ATOM   894  O O   . ALA A 1 126 ? -5.139  9.937   2.573   1.00 24.45 ? 231 ALA A O   1 
ATOM   895  C CB  . ALA A 1 126 ? -6.921  9.116   5.152   1.00 23.59 ? 231 ALA A CB  1 
ATOM   896  N N   . ASP A 1 127 ? -6.612  8.252   2.163   1.00 24.33 ? 232 ASP A N   1 
ATOM   897  C CA  . ASP A 1 127 ? -7.215  8.718   0.910   1.00 23.80 ? 232 ASP A CA  1 
ATOM   898  C C   . ASP A 1 127 ? -6.337  8.470   -0.298  1.00 24.01 ? 232 ASP A C   1 
ATOM   899  O O   . ASP A 1 127 ? -6.589  9.010   -1.375  1.00 23.92 ? 232 ASP A O   1 
ATOM   900  C CB  . ASP A 1 127 ? -7.610  10.208  0.977   1.00 24.10 ? 232 ASP A CB  1 
ATOM   901  C CG  . ASP A 1 127 ? -8.698  10.493  1.990   1.00 24.74 ? 232 ASP A CG  1 
ATOM   902  O OD1 . ASP A 1 127 ? -9.611  9.666   2.164   1.00 24.85 ? 232 ASP A OD1 1 
ATOM   903  O OD2 . ASP A 1 127 ? -8.656  11.587  2.584   1.00 28.43 ? 232 ASP A OD2 1 
ATOM   904  N N   . ILE A 1 128 ? -5.301  7.654   -0.127  1.00 23.78 ? 233 ILE A N   1 
ATOM   905  C CA  . ILE A 1 128 ? -4.416  7.320   -1.213  1.00 23.18 ? 233 ILE A CA  1 
ATOM   906  C C   . ILE A 1 128 ? -5.080  6.178   -1.972  1.00 23.14 ? 233 ILE A C   1 
ATOM   907  O O   . ILE A 1 128 ? -5.522  5.215   -1.352  1.00 22.20 ? 233 ILE A O   1 
ATOM   908  C CB  . ILE A 1 128 ? -3.029  6.871   -0.687  1.00 24.04 ? 233 ILE A CB  1 
ATOM   909  C CG1 . ILE A 1 128 ? -2.301  8.047   -0.042  1.00 21.90 ? 233 ILE A CG1 1 
ATOM   910  C CG2 . ILE A 1 128 ? -2.180  6.236   -1.803  1.00 22.69 ? 233 ILE A CG2 1 
ATOM   911  C CD1 . ILE A 1 128 ? -1.064  7.588   0.716   1.00 23.44 ? 233 ILE A CD1 1 
ATOM   912  N N   . PRO A 1 129 ? -5.201  6.297   -3.313  1.00 22.98 ? 234 PRO A N   1 
ATOM   913  C CA  . PRO A 1 129 ? -5.774  5.175   -4.056  1.00 23.18 ? 234 PRO A CA  1 
ATOM   914  C C   . PRO A 1 129 ? -5.011  3.870   -3.883  1.00 22.99 ? 234 PRO A C   1 
ATOM   915  O O   . PRO A 1 129 ? -3.792  3.834   -4.071  1.00 22.34 ? 234 PRO A O   1 
ATOM   916  C CB  . PRO A 1 129 ? -5.716  5.650   -5.521  1.00 23.21 ? 234 PRO A CB  1 
ATOM   917  C CG  . PRO A 1 129 ? -4.755  6.800   -5.540  1.00 23.25 ? 234 PRO A CG  1 
ATOM   918  C CD  . PRO A 1 129 ? -4.901  7.434   -4.188  1.00 23.16 ? 234 PRO A CD  1 
ATOM   919  N N   . VAL A 1 130 ? -5.738  2.800   -3.574  1.00 23.31 ? 235 VAL A N   1 
ATOM   920  C CA  . VAL A 1 130 ? -5.176  1.437   -3.572  1.00 23.25 ? 235 VAL A CA  1 
ATOM   921  C C   . VAL A 1 130 ? -5.603  0.684   -4.816  1.00 23.78 ? 235 VAL A C   1 
ATOM   922  O O   . VAL A 1 130 ? -4.766  0.041   -5.506  1.00 22.81 ? 235 VAL A O   1 
ATOM   923  C CB  . VAL A 1 130 ? -5.552  0.663   -2.293  1.00 23.04 ? 235 VAL A CB  1 
ATOM   924  C CG1 . VAL A 1 130 ? -5.091  -0.792  -2.352  1.00 22.96 ? 235 VAL A CG1 1 
ATOM   925  C CG2 . VAL A 1 130 ? -4.939  1.342   -1.089  1.00 21.75 ? 235 VAL A CG2 1 
ATOM   926  N N   . GLY A 1 131 ? -6.900  0.766   -5.104  1.00 23.87 ? 236 GLY A N   1 
ATOM   927  C CA  . GLY A 1 131 ? -7.491  0.089   -6.237  1.00 24.41 ? 236 GLY A CA  1 
ATOM   928  C C   . GLY A 1 131 ? -8.992  -0.066  -6.110  1.00 24.93 ? 236 GLY A C   1 
ATOM   929  O O   . GLY A 1 131 ? -9.658  0.713   -5.429  1.00 25.23 ? 236 GLY A O   1 
ATOM   930  N N   . GLU A 1 132 ? -9.527  -1.074  -6.785  1.00 26.14 ? 237 GLU A N   1 
ATOM   931  C CA  . GLU A 1 132 ? -10.962 -1.367  -6.741  1.00 26.58 ? 237 GLU A CA  1 
ATOM   932  C C   . GLU A 1 132 ? -11.171 -2.845  -6.461  1.00 26.68 ? 237 GLU A C   1 
ATOM   933  O O   . GLU A 1 132 ? -10.339 -3.695  -6.831  1.00 27.07 ? 237 GLU A O   1 
ATOM   934  C CB  . GLU A 1 132 ? -11.641 -0.927  -8.044  1.00 26.77 ? 237 GLU A CB  1 
ATOM   935  C CG  . GLU A 1 132 ? -11.644 0.634   -8.208  1.00 27.71 ? 237 GLU A CG  1 
ATOM   936  C CD  . GLU A 1 132 ? -12.019 1.111   -9.612  1.00 29.15 ? 237 GLU A CD  1 
ATOM   937  O OE1 . GLU A 1 132 ? -12.052 2.342   -9.840  1.00 32.75 ? 237 GLU A OE1 1 
ATOM   938  O OE2 . GLU A 1 132 ? -12.308 0.267   -10.480 1.00 32.32 ? 237 GLU A OE2 1 
ATOM   939  N N   . VAL A 1 133 ? -12.256 -3.139  -5.762  1.00 26.52 ? 238 VAL A N   1 
ATOM   940  C CA  . VAL A 1 133 ? -12.591 -4.514  -5.389  1.00 27.39 ? 238 VAL A CA  1 
ATOM   941  C C   . VAL A 1 133 ? -12.843 -5.403  -6.608  1.00 27.82 ? 238 VAL A C   1 
ATOM   942  O O   . VAL A 1 133 ? -13.518 -5.009  -7.543  1.00 27.64 ? 238 VAL A O   1 
ATOM   943  C CB  . VAL A 1 133 ? -13.836 -4.554  -4.472  1.00 27.31 ? 238 VAL A CB  1 
ATOM   944  C CG1 . VAL A 1 133 ? -14.346 -5.998  -4.294  1.00 26.38 ? 238 VAL A CG1 1 
ATOM   945  C CG2 . VAL A 1 133 ? -13.522 -3.860  -3.128  1.00 25.20 ? 238 VAL A CG2 1 
ATOM   946  N N   . VAL A 1 134 ? -12.292 -6.608  -6.559  1.00 28.88 ? 239 VAL A N   1 
ATOM   947  C CA  . VAL A 1 134 ? -12.493 -7.640  -7.578  1.00 29.36 ? 239 VAL A CA  1 
ATOM   948  C C   . VAL A 1 134 ? -13.508 -8.690  -7.113  1.00 30.08 ? 239 VAL A C   1 
ATOM   949  O O   . VAL A 1 134 ? -14.379 -9.104  -7.892  1.00 30.22 ? 239 VAL A O   1 
ATOM   950  C CB  . VAL A 1 134 ? -11.154 -8.362  -7.889  1.00 29.42 ? 239 VAL A CB  1 
ATOM   951  C CG1 . VAL A 1 134 ? -11.406 -9.709  -8.573  1.00 29.36 ? 239 VAL A CG1 1 
ATOM   952  C CG2 . VAL A 1 134 ? -10.247 -7.469  -8.705  1.00 28.18 ? 239 VAL A CG2 1 
ATOM   953  N N   . ALA A 1 135 ? -13.370 -9.139  -5.859  1.00 30.70 ? 240 ALA A N   1 
ATOM   954  C CA  . ALA A 1 135 ? -14.279 -10.140 -5.265  1.00 31.00 ? 240 ALA A CA  1 
ATOM   955  C C   . ALA A 1 135 ? -14.203 -10.126 -3.731  1.00 31.71 ? 240 ALA A C   1 
ATOM   956  O O   . ALA A 1 135 ? -13.232 -9.631  -3.150  1.00 30.35 ? 240 ALA A O   1 
ATOM   957  C CB  . ALA A 1 135 ? -13.941 -11.539 -5.784  1.00 30.79 ? 240 ALA A CB  1 
ATOM   958  N N   . THR A 1 136 ? -15.243 -10.659 -3.090  1.00 32.64 ? 241 THR A N   1 
ATOM   959  C CA  . THR A 1 136 ? -15.213 -10.949 -1.662  1.00 33.73 ? 241 THR A CA  1 
ATOM   960  C C   . THR A 1 136 ? -15.148 -12.454 -1.465  1.00 34.30 ? 241 THR A C   1 
ATOM   961  O O   . THR A 1 136 ? -15.878 -13.215 -2.094  1.00 34.26 ? 241 THR A O   1 
ATOM   962  C CB  . THR A 1 136 ? -16.410 -10.366 -0.903  1.00 33.84 ? 241 THR A CB  1 
ATOM   963  O OG1 . THR A 1 136 ? -17.641 -10.793 -1.512  1.00 34.66 ? 241 THR A OG1 1 
ATOM   964  C CG2 . THR A 1 136 ? -16.327 -8.842  -0.888  1.00 34.38 ? 241 THR A CG2 1 
ATOM   965  N N   . THR A 1 137 ? -14.243 -12.860 -0.586  1.00 35.54 ? 242 THR A N   1 
ATOM   966  C CA  . THR A 1 137 ? -13.925 -14.255 -0.346  1.00 36.24 ? 242 THR A CA  1 
ATOM   967  C C   . THR A 1 137 ? -14.351 -14.617 1.062   1.00 36.69 ? 242 THR A C   1 
ATOM   968  O O   . THR A 1 137 ? -14.321 -13.777 1.955   1.00 36.77 ? 242 THR A O   1 
ATOM   969  C CB  . THR A 1 137 ? -12.395 -14.497 -0.438  1.00 36.75 ? 242 THR A CB  1 
ATOM   970  O OG1 . THR A 1 137 ? -11.751 -13.424 -1.163  1.00 36.60 ? 242 THR A OG1 1 
ATOM   971  C CG2 . THR A 1 137 ? -12.118 -15.881 -1.079  1.00 37.29 ? 242 THR A CG2 1 
ATOM   972  N N   . HIS A 1 138 ? -14.732 -15.870 1.261   1.00 37.37 ? 243 HIS A N   1 
ATOM   973  C CA  . HIS A 1 138 ? -15.095 -16.361 2.593   1.00 37.75 ? 243 HIS A CA  1 
ATOM   974  C C   . HIS A 1 138 ? -14.305 -17.608 2.977   1.00 38.17 ? 243 HIS A C   1 
ATOM   975  O O   . HIS A 1 138 ? -13.510 -17.573 3.917   1.00 38.66 ? 243 HIS A O   1 
ATOM   976  C CB  . HIS A 1 138 ? -16.596 -16.639 2.670   1.00 37.59 ? 243 HIS A CB  1 
ATOM   977  C CG  . HIS A 1 138 ? -17.407 -15.454 3.094   1.00 36.82 ? 243 HIS A CG  1 
ATOM   978  N ND1 . HIS A 1 138 ? -17.733 -15.211 4.411   1.00 36.43 ? 243 HIS A ND1 1 
ATOM   979  C CD2 . HIS A 1 138 ? -17.950 -14.443 2.380   1.00 37.13 ? 243 HIS A CD2 1 
ATOM   980  C CE1 . HIS A 1 138 ? -18.453 -14.106 4.489   1.00 36.88 ? 243 HIS A CE1 1 
ATOM   981  N NE2 . HIS A 1 138 ? -18.598 -13.619 3.270   1.00 37.02 ? 243 HIS A NE2 1 
ATOM   982  N N   . SER A 1 139 ? -14.515 -18.688 2.229   1.00 38.72 ? 244 SER A N   1 
ATOM   983  C CA  . SER A 1 139 ? -14.059 -20.038 2.611   1.00 38.85 ? 244 SER A CA  1 
ATOM   984  C C   . SER A 1 139 ? -14.804 -20.531 3.856   1.00 39.11 ? 244 SER A C   1 
ATOM   985  O O   . SER A 1 139 ? -14.876 -21.739 4.121   1.00 39.76 ? 244 SER A O   1 
ATOM   986  C CB  . SER A 1 139 ? -12.533 -20.086 2.840   1.00 39.16 ? 244 SER A CB  1 
ATOM   987  O OG  . SER A 1 139 ? -12.065 -21.434 2.894   1.00 38.68 ? 244 SER A OG  1 
ATOM   988  N N   . ARG A 1 145 ? -13.995 -13.005 6.670   1.00 35.42 ? 250 ARG A N   1 
ATOM   989  C CA  . ARG A 1 145 ? -14.203 -12.488 5.321   1.00 35.02 ? 250 ARG A CA  1 
ATOM   990  C C   . ARG A 1 145 ? -12.995 -11.741 4.808   1.00 34.51 ? 250 ARG A C   1 
ATOM   991  O O   . ARG A 1 145 ? -12.385 -10.922 5.508   1.00 35.32 ? 250 ARG A O   1 
ATOM   992  C CB  . ARG A 1 145 ? -15.423 -11.570 5.262   1.00 35.09 ? 250 ARG A CB  1 
ATOM   993  C CG  . ARG A 1 145 ? -15.845 -11.235 3.849   1.00 35.21 ? 250 ARG A CG  1 
ATOM   994  C CD  . ARG A 1 145 ? -17.262 -10.637 3.762   1.00 35.41 ? 250 ARG A CD  1 
ATOM   995  N NE  . ARG A 1 145 ? -17.331 -9.261  4.265   1.00 35.46 ? 250 ARG A NE  1 
ATOM   996  C CZ  . ARG A 1 145 ? -18.115 -8.291  3.792   1.00 34.06 ? 250 ARG A CZ  1 
ATOM   997  N NH1 . ARG A 1 145 ? -18.926 -8.491  2.757   1.00 33.07 ? 250 ARG A NH1 1 
ATOM   998  N NH2 . ARG A 1 145 ? -18.061 -7.090  4.360   1.00 35.15 ? 250 ARG A NH2 1 
ATOM   999  N N   . GLU A 1 146 ? -12.668 -12.010 3.555   1.00 33.54 ? 251 GLU A N   1 
ATOM   1000 C CA  . GLU A 1 146 ? -11.537 -11.384 2.914   1.00 32.87 ? 251 GLU A CA  1 
ATOM   1001 C C   . GLU A 1 146 ? -12.024 -10.653 1.649   1.00 31.97 ? 251 GLU A C   1 
ATOM   1002 O O   . GLU A 1 146 ? -13.093 -10.958 1.124   1.00 32.12 ? 251 GLU A O   1 
ATOM   1003 C CB  . GLU A 1 146 ? -10.510 -12.463 2.600   1.00 32.99 ? 251 GLU A CB  1 
ATOM   1004 C CG  . GLU A 1 146 ? -9.121  -11.959 2.348   1.00 34.93 ? 251 GLU A CG  1 
ATOM   1005 C CD  . GLU A 1 146 ? -8.131  -13.087 2.286   1.00 35.11 ? 251 GLU A CD  1 
ATOM   1006 O OE1 . GLU A 1 146 ? -7.848  -13.680 3.352   1.00 38.84 ? 251 GLU A OE1 1 
ATOM   1007 O OE2 . GLU A 1 146 ? -7.648  -13.387 1.173   1.00 38.94 ? 251 GLU A OE2 1 
ATOM   1008 N N   . VAL A 1 147 ? -11.258 -9.665  1.195   1.00 30.76 ? 252 VAL A N   1 
ATOM   1009 C CA  . VAL A 1 147 ? -11.552 -8.942  -0.043  1.00 29.86 ? 252 VAL A CA  1 
ATOM   1010 C C   . VAL A 1 147 ? -10.329 -8.957  -0.949  1.00 28.85 ? 252 VAL A C   1 
ATOM   1011 O O   . VAL A 1 147 ? -9.205  -8.734  -0.490  1.00 28.67 ? 252 VAL A O   1 
ATOM   1012 C CB  . VAL A 1 147 ? -11.948 -7.468  0.235   1.00 30.01 ? 252 VAL A CB  1 
ATOM   1013 C CG1 . VAL A 1 147 ? -12.436 -6.789  -1.051  1.00 30.20 ? 252 VAL A CG1 1 
ATOM   1014 C CG2 . VAL A 1 147 ? -13.039 -7.402  1.299   1.00 30.60 ? 252 VAL A CG2 1 
ATOM   1015 N N   . THR A 1 148 ? -10.553 -9.205  -2.235  1.00 27.63 ? 253 THR A N   1 
ATOM   1016 C CA  . THR A 1 148 ? -9.517  -9.043  -3.256  1.00 27.47 ? 253 THR A CA  1 
ATOM   1017 C C   . THR A 1 148 ? -9.702  -7.732  -4.058  1.00 27.22 ? 253 THR A C   1 
ATOM   1018 O O   . THR A 1 148 ? -10.820 -7.310  -4.359  1.00 27.29 ? 253 THR A O   1 
ATOM   1019 C CB  . THR A 1 148 ? -9.474  -10.247 -4.208  1.00 26.97 ? 253 THR A CB  1 
ATOM   1020 O OG1 . THR A 1 148 ? -10.793 -10.535 -4.670  1.00 27.08 ? 253 THR A OG1 1 
ATOM   1021 C CG2 . THR A 1 148 ? -8.895  -11.452 -3.514  1.00 25.21 ? 253 THR A CG2 1 
ATOM   1022 N N   . VAL A 1 149 ? -8.586  -7.107  -4.416  1.00 26.91 ? 254 VAL A N   1 
ATOM   1023 C CA  . VAL A 1 149 ? -8.571  -5.747  -4.939  1.00 26.28 ? 254 VAL A CA  1 
ATOM   1024 C C   . VAL A 1 149 ? -7.550  -5.657  -6.082  1.00 26.35 ? 254 VAL A C   1 
ATOM   1025 O O   . VAL A 1 149 ? -6.413  -6.087  -5.897  1.00 25.56 ? 254 VAL A O   1 
ATOM   1026 C CB  . VAL A 1 149 ? -8.200  -4.760  -3.806  1.00 26.31 ? 254 VAL A CB  1 
ATOM   1027 C CG1 . VAL A 1 149 ? -7.996  -3.306  -4.347  1.00 24.40 ? 254 VAL A CG1 1 
ATOM   1028 C CG2 . VAL A 1 149 ? -9.262  -4.810  -2.653  1.00 24.75 ? 254 VAL A CG2 1 
ATOM   1029 N N   . LYS A 1 150 ? -7.959  -5.138  -7.254  1.00 26.45 ? 255 LYS A N   1 
ATOM   1030 C CA  . LYS A 1 150 ? -7.007  -4.849  -8.331  1.00 27.25 ? 255 LYS A CA  1 
ATOM   1031 C C   . LYS A 1 150 ? -6.376  -3.456  -8.146  1.00 27.38 ? 255 LYS A C   1 
ATOM   1032 O O   . LYS A 1 150 ? -7.062  -2.427  -8.182  1.00 26.88 ? 255 LYS A O   1 
ATOM   1033 C CB  . LYS A 1 150 ? -7.635  -4.976  -9.725  1.00 27.76 ? 255 LYS A CB  1 
ATOM   1034 C CG  . LYS A 1 150 ? -6.599  -5.343  -10.786 1.00 27.89 ? 255 LYS A CG  1 
ATOM   1035 C CD  . LYS A 1 150 ? -7.136  -5.263  -12.208 1.00 29.90 ? 255 LYS A CD  1 
ATOM   1036 C CE  . LYS A 1 150 ? -6.100  -5.795  -13.285 1.00 31.48 ? 255 LYS A CE  1 
ATOM   1037 N NZ  . LYS A 1 150 ? -6.461  -5.480  -14.732 1.00 29.04 ? 255 LYS A NZ  1 
ATOM   1038 N N   . LEU A 1 151 ? -5.057  -3.444  -7.963  1.00 27.67 ? 256 LEU A N   1 
ATOM   1039 C CA  . LEU A 1 151 ? -4.290  -2.223  -7.675  1.00 27.88 ? 256 LEU A CA  1 
ATOM   1040 C C   . LEU A 1 151 ? -4.318  -1.242  -8.846  1.00 27.60 ? 256 LEU A C   1 
ATOM   1041 O O   . LEU A 1 151 ? -4.188  -1.651  -10.008 1.00 26.79 ? 256 LEU A O   1 
ATOM   1042 C CB  . LEU A 1 151 ? -2.810  -2.569  -7.378  1.00 28.29 ? 256 LEU A CB  1 
ATOM   1043 C CG  . LEU A 1 151 ? -2.433  -3.531  -6.247  1.00 29.02 ? 256 LEU A CG  1 
ATOM   1044 C CD1 . LEU A 1 151 ? -3.040  -4.915  -6.504  1.00 32.38 ? 256 LEU A CD1 1 
ATOM   1045 C CD2 . LEU A 1 151 ? -0.935  -3.709  -6.153  1.00 29.07 ? 256 LEU A CD2 1 
ATOM   1046 N N   . SER A 1 152 ? -4.444  0.050   -8.540  1.00 27.74 ? 257 SER A N   1 
ATOM   1047 C CA  . SER A 1 152 ? -4.291  1.111   -9.561  1.00 27.24 ? 257 SER A CA  1 
ATOM   1048 C C   . SER A 1 152 ? -2.864  1.244   -10.038 1.00 26.98 ? 257 SER A C   1 
ATOM   1049 O O   . SER A 1 152 ? -2.606  1.454   -11.247 1.00 27.63 ? 257 SER A O   1 
ATOM   1050 C CB  . SER A 1 152 ? -4.695  2.469   -9.007  1.00 26.80 ? 257 SER A CB  1 
ATOM   1051 O OG  . SER A 1 152 ? -5.765  2.330   -8.140  1.00 29.10 ? 257 SER A OG  1 
ATOM   1052 N N   . ALA A 1 153 ? -1.943  1.191   -9.077  1.00 25.91 ? 258 ALA A N   1 
ATOM   1053 C CA  . ALA A 1 153 ? -0.540  1.266   -9.359  1.00 25.91 ? 258 ALA A CA  1 
ATOM   1054 C C   . ALA A 1 153 ? -0.131  0.117   -10.270 1.00 25.97 ? 258 ALA A C   1 
ATOM   1055 O O   . ALA A 1 153 ? -0.530  -1.019  -10.065 1.00 25.89 ? 258 ALA A O   1 
ATOM   1056 C CB  . ALA A 1 153 ? 0.276   1.254   -8.070  1.00 25.82 ? 258 ALA A CB  1 
ATOM   1057 N N   . ASP A 1 154 ? 0.637   0.440   -11.299 1.00 26.18 ? 259 ASP A N   1 
ATOM   1058 C CA  . ASP A 1 154 ? 1.305   -0.567  -12.096 1.00 26.46 ? 259 ASP A CA  1 
ATOM   1059 C C   . ASP A 1 154 ? 2.560   -1.015  -11.347 1.00 26.52 ? 259 ASP A C   1 
ATOM   1060 O O   . ASP A 1 154 ? 3.326   -0.209  -10.785 1.00 25.81 ? 259 ASP A O   1 
ATOM   1061 C CB  . ASP A 1 154 ? 1.635   -0.047  -13.508 1.00 26.29 ? 259 ASP A CB  1 
ATOM   1062 C CG  . ASP A 1 154 ? 1.659   -1.160  -14.560 1.00 26.29 ? 259 ASP A CG  1 
ATOM   1063 O OD1 . ASP A 1 154 ? 2.604   -1.978  -14.555 1.00 25.74 ? 259 ASP A OD1 1 
ATOM   1064 O OD2 . ASP A 1 154 ? 0.730   -1.216  -15.400 1.00 27.95 ? 259 ASP A OD2 1 
ATOM   1065 N N   . THR A 1 155 ? 2.730   -2.328  -11.351 1.00 27.23 ? 260 THR A N   1 
ATOM   1066 C CA  . THR A 1 155 ? 3.777   -3.033  -10.617 1.00 27.62 ? 260 THR A CA  1 
ATOM   1067 C C   . THR A 1 155 ? 5.060   -3.154  -11.458 1.00 27.59 ? 260 THR A C   1 
ATOM   1068 O O   . THR A 1 155 ? 6.146   -3.393  -10.936 1.00 27.65 ? 260 THR A O   1 
ATOM   1069 C CB  . THR A 1 155 ? 3.216   -4.409  -10.184 1.00 28.01 ? 260 THR A CB  1 
ATOM   1070 O OG1 . THR A 1 155 ? 2.727   -4.290  -8.841  1.00 28.71 ? 260 THR A OG1 1 
ATOM   1071 C CG2 . THR A 1 155 ? 4.247   -5.541  -10.304 1.00 28.66 ? 260 THR A CG2 1 
ATOM   1072 N N   . HIS A 1 156 ? 4.936   -2.925  -12.755 1.00 27.47 ? 261 HIS A N   1 
ATOM   1073 C CA  . HIS A 1 156 ? 6.095   -2.981  -13.636 1.00 27.76 ? 261 HIS A CA  1 
ATOM   1074 C C   . HIS A 1 156 ? 6.748   -1.599  -13.753 1.00 27.62 ? 261 HIS A C   1 
ATOM   1075 O O   . HIS A 1 156 ? 6.059   -0.570  -13.782 1.00 26.96 ? 261 HIS A O   1 
ATOM   1076 C CB  . HIS A 1 156 ? 5.679   -3.493  -15.021 1.00 27.97 ? 261 HIS A CB  1 
ATOM   1077 C CG  . HIS A 1 156 ? 4.935   -4.798  -14.988 1.00 28.73 ? 261 HIS A CG  1 
ATOM   1078 N ND1 . HIS A 1 156 ? 5.516   -5.996  -15.349 1.00 29.39 ? 261 HIS A ND1 1 
ATOM   1079 C CD2 . HIS A 1 156 ? 3.659   -5.091  -14.636 1.00 28.51 ? 261 HIS A CD2 1 
ATOM   1080 C CE1 . HIS A 1 156 ? 4.631   -6.968  -15.220 1.00 29.60 ? 261 HIS A CE1 1 
ATOM   1081 N NE2 . HIS A 1 156 ? 3.498   -6.447  -14.785 1.00 29.22 ? 261 HIS A NE2 1 
ATOM   1082 N N   . ASN A 1 157 ? 8.079   -1.591  -13.838 1.00 27.71 ? 262 ASN A N   1 
ATOM   1083 C CA  . ASN A 1 157 ? 8.840   -0.371  -14.077 1.00 27.81 ? 262 ASN A CA  1 
ATOM   1084 C C   . ASN A 1 157 ? 8.569   0.723   -13.031 1.00 27.66 ? 262 ASN A C   1 
ATOM   1085 O O   . ASN A 1 157 ? 8.302   1.872   -13.363 1.00 27.89 ? 262 ASN A O   1 
ATOM   1086 C CB  . ASN A 1 157 ? 8.576   0.136   -15.508 1.00 28.01 ? 262 ASN A CB  1 
ATOM   1087 C CG  . ASN A 1 157 ? 9.075   -0.829  -16.579 1.00 28.88 ? 262 ASN A CG  1 
ATOM   1088 O OD1 . ASN A 1 157 ? 10.058  -1.548  -16.391 1.00 31.37 ? 262 ASN A OD1 1 
ATOM   1089 N ND2 . ASN A 1 157 ? 8.412   -0.830  -17.719 1.00 29.97 ? 262 ASN A ND2 1 
ATOM   1090 N N   . VAL A 1 158 ? 8.604   0.344   -11.758 1.00 27.56 ? 263 VAL A N   1 
ATOM   1091 C CA  . VAL A 1 158 ? 8.507   1.317   -10.675 1.00 27.32 ? 263 VAL A CA  1 
ATOM   1092 C C   . VAL A 1 158 ? 9.893   1.935   -10.512 1.00 27.11 ? 263 VAL A C   1 
ATOM   1093 O O   . VAL A 1 158 ? 10.796  1.296   -9.972  1.00 26.25 ? 263 VAL A O   1 
ATOM   1094 C CB  . VAL A 1 158 ? 8.045   0.678   -9.327  1.00 27.89 ? 263 VAL A CB  1 
ATOM   1095 C CG1 . VAL A 1 158 ? 8.081   1.712   -8.190  1.00 26.40 ? 263 VAL A CG1 1 
ATOM   1096 C CG2 . VAL A 1 158 ? 6.665   0.073   -9.469  1.00 27.49 ? 263 VAL A CG2 1 
ATOM   1097 N N   . ASP A 1 159 ? 10.029  3.173   -11.000 1.00 27.10 ? 264 ASP A N   1 
ATOM   1098 C CA  . ASP A 1 159 ? 11.298  3.897   -11.126 1.00 27.04 ? 264 ASP A CA  1 
ATOM   1099 C C   . ASP A 1 159 ? 11.346  5.153   -10.256 1.00 27.24 ? 264 ASP A C   1 
ATOM   1100 O O   . ASP A 1 159 ? 12.410  5.525   -9.761  1.00 26.67 ? 264 ASP A O   1 
ATOM   1101 C CB  . ASP A 1 159 ? 11.502  4.311   -12.594 1.00 27.67 ? 264 ASP A CB  1 
ATOM   1102 C CG  . ASP A 1 159 ? 11.798  3.124   -13.514 1.00 27.55 ? 264 ASP A CG  1 
ATOM   1103 O OD1 . ASP A 1 159 ? 12.375  2.132   -13.032 1.00 27.54 ? 264 ASP A OD1 1 
ATOM   1104 O OD2 . ASP A 1 159 ? 11.463  3.183   -14.719 1.00 28.59 ? 264 ASP A OD2 1 
ATOM   1105 N N   . VAL A 1 160 ? 10.184  5.797   -10.080 1.00 27.14 ? 265 VAL A N   1 
ATOM   1106 C CA  . VAL A 1 160 ? 10.055  7.038   -9.324  1.00 26.93 ? 265 VAL A CA  1 
ATOM   1107 C C   . VAL A 1 160 ? 8.917   6.849   -8.318  1.00 26.54 ? 265 VAL A C   1 
ATOM   1108 O O   . VAL A 1 160 ? 7.840   6.428   -8.690  1.00 25.97 ? 265 VAL A O   1 
ATOM   1109 C CB  . VAL A 1 160 ? 9.744   8.226   -10.253 1.00 26.70 ? 265 VAL A CB  1 
ATOM   1110 C CG1 . VAL A 1 160 ? 9.591   9.509   -9.447  1.00 29.50 ? 265 VAL A CG1 1 
ATOM   1111 C CG2 . VAL A 1 160 ? 10.836  8.398   -11.301 1.00 27.38 ? 265 VAL A CG2 1 
ATOM   1112 N N   . ILE A 1 161 ? 9.180   7.110   -7.042  1.00 26.67 ? 266 ILE A N   1 
ATOM   1113 C CA  . ILE A 1 161 ? 8.156   6.968   -5.993  1.00 26.39 ? 266 ILE A CA  1 
ATOM   1114 C C   . ILE A 1 161 ? 7.892   8.299   -5.313  1.00 25.93 ? 266 ILE A C   1 
ATOM   1115 O O   . ILE A 1 161 ? 8.814   9.066   -5.094  1.00 24.68 ? 266 ILE A O   1 
ATOM   1116 C CB  . ILE A 1 161 ? 8.569   5.952   -4.923  1.00 26.68 ? 266 ILE A CB  1 
ATOM   1117 C CG1 . ILE A 1 161 ? 8.343   4.523   -5.411  1.00 27.85 ? 266 ILE A CG1 1 
ATOM   1118 C CG2 . ILE A 1 161 ? 7.783   6.152   -3.603  1.00 26.48 ? 266 ILE A CG2 1 
ATOM   1119 C CD1 . ILE A 1 161 ? 9.057   3.497   -4.543  1.00 26.97 ? 266 ILE A CD1 1 
ATOM   1120 N N   . GLU A 1 162 ? 6.621   8.556   -5.001  1.00 25.84 ? 267 GLU A N   1 
ATOM   1121 C CA  . GLU A 1 162 ? 6.241   9.641   -4.103  1.00 26.01 ? 267 GLU A CA  1 
ATOM   1122 C C   . GLU A 1 162 ? 6.091   9.066   -2.677  1.00 25.29 ? 267 GLU A C   1 
ATOM   1123 O O   . GLU A 1 162 ? 5.228   8.220   -2.411  1.00 24.53 ? 267 GLU A O   1 
ATOM   1124 C CB  . GLU A 1 162 ? 4.946   10.329  -4.578  1.00 25.98 ? 267 GLU A CB  1 
ATOM   1125 C CG  . GLU A 1 162 ? 4.251   11.194  -3.510  1.00 26.89 ? 267 GLU A CG  1 
ATOM   1126 C CD  . GLU A 1 162 ? 2.788   11.575  -3.845  1.00 28.33 ? 267 GLU A CD  1 
ATOM   1127 O OE1 . GLU A 1 162 ? 2.394   11.567  -5.043  1.00 32.59 ? 267 GLU A OE1 1 
ATOM   1128 O OE2 . GLU A 1 162 ? 2.030   11.892  -2.884  1.00 33.85 ? 267 GLU A OE2 1 
ATOM   1129 N N   . LEU A 1 163 ? 6.945   9.515   -1.764  1.00 24.89 ? 268 LEU A N   1 
ATOM   1130 C CA  . LEU A 1 163 ? 6.801   9.161   -0.361  1.00 25.03 ? 268 LEU A CA  1 
ATOM   1131 C C   . LEU A 1 163 ? 5.858   10.169  0.306   1.00 25.11 ? 268 LEU A C   1 
ATOM   1132 O O   . LEU A 1 163 ? 6.020   11.387  0.150   1.00 25.34 ? 268 LEU A O   1 
ATOM   1133 C CB  . LEU A 1 163 ? 8.155   9.125   0.342   1.00 24.55 ? 268 LEU A CB  1 
ATOM   1134 C CG  . LEU A 1 163 ? 9.126   8.021   -0.081  1.00 24.15 ? 268 LEU A CG  1 
ATOM   1135 C CD1 . LEU A 1 163 ? 10.416  8.153   0.740   1.00 22.47 ? 268 LEU A CD1 1 
ATOM   1136 C CD2 . LEU A 1 163 ? 8.478   6.643   0.086   1.00 20.27 ? 268 LEU A CD2 1 
ATOM   1137 N N   . VAL A 1 164 ? 4.865   9.658   1.024   1.00 25.28 ? 269 VAL A N   1 
ATOM   1138 C CA  . VAL A 1 164 ? 3.883   10.511  1.708   1.00 25.47 ? 269 VAL A CA  1 
ATOM   1139 C C   . VAL A 1 164 ? 3.622   10.031  3.139   1.00 25.28 ? 269 VAL A C   1 
ATOM   1140 O O   . VAL A 1 164 ? 3.441   8.848   3.397   1.00 25.05 ? 269 VAL A O   1 
ATOM   1141 C CB  . VAL A 1 164 ? 2.552   10.594  0.943   1.00 25.30 ? 269 VAL A CB  1 
ATOM   1142 C CG1 . VAL A 1 164 ? 1.843   9.278   0.997   1.00 27.03 ? 269 VAL A CG1 1 
ATOM   1143 C CG2 . VAL A 1 164 ? 1.660   11.691  1.546   1.00 25.97 ? 269 VAL A CG2 1 
ATOM   1144 N N   . GLY A 1 165 ? 3.608   10.972  4.069   1.00 26.02 ? 270 GLY A N   1 
ATOM   1145 C CA  . GLY A 1 165 ? 3.427   10.649  5.467   1.00 26.43 ? 270 GLY A CA  1 
ATOM   1146 C C   . GLY A 1 165 ? 2.710   11.762  6.165   1.00 27.42 ? 270 GLY A C   1 
ATOM   1147 O O   . GLY A 1 165 ? 2.594   12.864  5.638   1.00 26.79 ? 270 GLY A O   1 
ATOM   1148 N N   . ASN A 1 166 ? 2.223   11.465  7.364   1.00 28.70 ? 271 ASN A N   1 
ATOM   1149 C CA  . ASN A 1 166 ? 1.533   12.462  8.147   1.00 29.78 ? 271 ASN A CA  1 
ATOM   1150 C C   . ASN A 1 166 ? 2.597   13.302  8.784   1.00 30.18 ? 271 ASN A C   1 
ATOM   1151 O O   . ASN A 1 166 ? 3.590   12.752  9.258   1.00 30.57 ? 271 ASN A O   1 
ATOM   1152 C CB  . ASN A 1 166 ? 0.652   11.821  9.216   1.00 29.79 ? 271 ASN A CB  1 
ATOM   1153 C CG  . ASN A 1 166 ? -0.662  12.504  9.349   1.00 30.09 ? 271 ASN A CG  1 
ATOM   1154 O OD1 . ASN A 1 166 ? -0.962  13.087  10.387  1.00 30.21 ? 271 ASN A OD1 1 
ATOM   1155 N ND2 . ASN A 1 166 ? -1.468  12.457  8.282   1.00 31.79 ? 271 ASN A ND2 1 
ATOM   1156 N N   . SER A 1 167 ? 2.377   14.617  8.807   1.00 30.81 ? 272 SER A N   1 
ATOM   1157 C CA  . SER A 1 167 ? 3.373   15.589  9.267   1.00 31.06 ? 272 SER A CA  1 
ATOM   1158 C C   . SER A 1 167 ? 3.666   15.451  10.759  1.00 31.59 ? 272 SER A C   1 
ATOM   1159 O O   . SER A 1 167 ? 4.781   15.746  11.197  1.00 32.27 ? 272 SER A O   1 
ATOM   1160 C CB  . SER A 1 167 ? 2.902   17.013  8.952   1.00 31.24 ? 272 SER A CB  1 
ATOM   1161 O OG  . SER A 1 167 ? 2.531   17.128  7.587   1.00 31.49 ? 272 SER A OG  1 
HETATM 1162 O O   . HOH B 2 .   ? -0.525  -4.204  5.447   1.00 15.39 ? 1   HOH A O   1 
HETATM 1163 O O   . HOH B 2 .   ? -1.056  -6.866  7.815   1.00 12.58 ? 2   HOH A O   1 
HETATM 1164 O O   . HOH B 2 .   ? 22.374  6.429   4.475   1.00 15.81 ? 3   HOH A O   1 
HETATM 1165 O O   . HOH B 2 .   ? -2.253  0.859   -5.989  1.00 13.03 ? 4   HOH A O   1 
HETATM 1166 O O   . HOH B 2 .   ? -8.072  0.271   8.963   1.00 17.49 ? 5   HOH A O   1 
HETATM 1167 O O   . HOH B 2 .   ? 18.380  11.722  1.695   1.00 16.15 ? 6   HOH A O   1 
HETATM 1168 O O   . HOH B 2 .   ? 21.702  1.721   -8.674  1.00 22.92 ? 7   HOH A O   1 
HETATM 1169 O O   . HOH B 2 .   ? -1.556  1.731   8.936   1.00 13.88 ? 8   HOH A O   1 
HETATM 1170 O O   . HOH B 2 .   ? -3.490  4.095   6.075   1.00 15.74 ? 9   HOH A O   1 
HETATM 1171 O O   . HOH B 2 .   ? -17.003 3.699   8.703   1.00 16.34 ? 10  HOH A O   1 
HETATM 1172 O O   . HOH B 2 .   ? 2.011   8.593   7.681   1.00 20.35 ? 11  HOH A O   1 
HETATM 1173 O O   . HOH B 2 .   ? 16.183  -3.017  -2.329  1.00 16.32 ? 12  HOH A O   1 
HETATM 1174 O O   . HOH B 2 .   ? 1.458   7.728   -9.512  1.00 26.28 ? 13  HOH A O   1 
HETATM 1175 O O   . HOH B 2 .   ? 7.935   4.615   -11.944 1.00 18.23 ? 14  HOH A O   1 
HETATM 1176 O O   . HOH B 2 .   ? 2.611   8.200   -12.487 1.00 31.93 ? 15  HOH A O   1 
HETATM 1177 O O   . HOH B 2 .   ? 11.547  -5.926  -5.859  1.00 41.75 ? 16  HOH A O   1 
HETATM 1178 O O   . HOH B 2 .   ? -0.202  -11.556 6.746   1.00 34.66 ? 17  HOH A O   1 
HETATM 1179 O O   . HOH B 2 .   ? 8.713   -2.492  -10.886 1.00 30.16 ? 18  HOH A O   1 
HETATM 1180 O O   . HOH B 2 .   ? -4.018  -0.493  10.980  1.00 17.78 ? 19  HOH A O   1 
HETATM 1181 O O   . HOH B 2 .   ? -12.235 4.166   -0.729  1.00 16.93 ? 20  HOH A O   1 
HETATM 1182 O O   . HOH B 2 .   ? 5.651   2.553   10.748  1.00 38.41 ? 21  HOH A O   1 
HETATM 1183 O O   . HOH B 2 .   ? 17.713  -15.327 -5.978  1.00 39.44 ? 22  HOH A O   1 
HETATM 1184 O O   . HOH B 2 .   ? -5.172  3.341   14.613  1.00 16.31 ? 23  HOH A O   1 
HETATM 1185 O O   . HOH B 2 .   ? -7.920  -1.210  -10.239 1.00 18.30 ? 24  HOH A O   1 
HETATM 1186 O O   . HOH B 2 .   ? 14.761  -8.605  0.135   1.00 44.31 ? 25  HOH A O   1 
HETATM 1187 O O   . HOH B 2 .   ? -4.744  10.215  9.486   1.00 27.72 ? 26  HOH A O   1 
HETATM 1188 O O   . HOH B 2 .   ? -3.438  -6.145  -8.813  1.00 23.55 ? 27  HOH A O   1 
HETATM 1189 O O   . HOH B 2 .   ? -18.996 -0.704  -7.575  1.00 29.94 ? 28  HOH A O   1 
HETATM 1190 O O   . HOH B 2 .   ? -18.443 0.185   8.678   1.00 36.00 ? 29  HOH A O   1 
HETATM 1191 O O   . HOH B 2 .   ? 2.794   -1.617  10.975  1.00 25.26 ? 30  HOH A O   1 
HETATM 1192 O O   . HOH B 2 .   ? 17.138  -0.139  -9.933  1.00 36.12 ? 31  HOH A O   1 
HETATM 1193 O O   . HOH B 2 .   ? -20.275 4.250   6.619   1.00 26.84 ? 32  HOH A O   1 
HETATM 1194 O O   . HOH B 2 .   ? 13.538  -7.803  -7.128  1.00 33.11 ? 33  HOH A O   1 
HETATM 1195 O O   . HOH B 2 .   ? 1.680   -7.387  0.440   1.00 22.97 ? 34  HOH A O   1 
HETATM 1196 O O   . HOH B 2 .   ? 13.833  -3.052  5.749   1.00 28.08 ? 35  HOH A O   1 
HETATM 1197 O O   . HOH B 2 .   ? -18.357 0.335   11.663  1.00 37.64 ? 36  HOH A O   1 
HETATM 1198 O O   . HOH B 2 .   ? 4.635   1.515   -15.329 1.00 33.98 ? 37  HOH A O   1 
HETATM 1199 O O   . HOH B 2 .   ? 13.480  -15.284 0.477   1.00 45.59 ? 38  HOH A O   1 
HETATM 1200 O O   . HOH B 2 .   ? 11.619  2.087   -17.031 1.00 38.58 ? 39  HOH A O   1 
HETATM 1201 O O   . HOH B 2 .   ? 10.851  -4.140  3.283   1.00 28.40 ? 40  HOH A O   1 
HETATM 1202 O O   . HOH B 2 .   ? -7.447  -14.362 -4.549  1.00 47.76 ? 41  HOH A O   1 
HETATM 1203 O O   . HOH B 2 .   ? 20.664  7.154   -1.867  1.00 28.53 ? 42  HOH A O   1 
HETATM 1204 O O   . HOH B 2 .   ? -0.283  -0.439  11.079  1.00 25.54 ? 43  HOH A O   1 
HETATM 1205 O O   . HOH B 2 .   ? 11.082  -3.167  -13.092 1.00 29.26 ? 44  HOH A O   1 
HETATM 1206 O O   . HOH B 2 .   ? 8.379   1.882   8.807   1.00 23.28 ? 45  HOH A O   1 
HETATM 1207 O O   . HOH B 2 .   ? 17.865  -5.125  -10.590 1.00 30.25 ? 46  HOH A O   1 
HETATM 1208 O O   . HOH B 2 .   ? -5.673  10.919  -2.682  1.00 32.94 ? 47  HOH A O   1 
HETATM 1209 O O   . HOH B 2 .   ? -13.751 -9.433  10.699  1.00 33.42 ? 48  HOH A O   1 
HETATM 1210 O O   . HOH B 2 .   ? 5.793   6.771   -10.362 1.00 32.83 ? 49  HOH A O   1 
HETATM 1211 O O   . HOH B 2 .   ? 7.774   -4.173  5.820   1.00 35.79 ? 50  HOH A O   1 
HETATM 1212 O O   . HOH B 2 .   ? 3.888   -3.500  3.008   1.00 18.79 ? 51  HOH A O   1 
HETATM 1213 O O   . HOH B 2 .   ? -9.312  -14.115 -0.672  1.00 34.59 ? 52  HOH A O   1 
HETATM 1214 O O   . HOH B 2 .   ? 2.918   11.517  13.156  1.00 42.26 ? 53  HOH A O   1 
HETATM 1215 O O   . HOH B 2 .   ? 19.958  11.296  -0.427  1.00 23.83 ? 54  HOH A O   1 
HETATM 1216 O O   . HOH B 2 .   ? 6.514   -1.096  5.880   1.00 21.94 ? 55  HOH A O   1 
HETATM 1217 O O   . HOH B 2 .   ? -9.560  3.218   -7.453  1.00 26.33 ? 56  HOH A O   1 
HETATM 1218 O O   . HOH B 2 .   ? 5.620   -8.137  3.607   1.00 33.46 ? 57  HOH A O   1 
HETATM 1219 O O   . HOH B 2 .   ? 5.221   -7.357  5.740   1.00 25.12 ? 58  HOH A O   1 
HETATM 1220 O O   . HOH B 2 .   ? 0.501   -3.913  -13.028 1.00 22.93 ? 59  HOH A O   1 
HETATM 1221 O O   . HOH B 2 .   ? -4.751  7.720   12.678  1.00 25.41 ? 60  HOH A O   1 
HETATM 1222 O O   . HOH B 2 .   ? -7.629  1.934   14.859  1.00 30.07 ? 61  HOH A O   1 
HETATM 1223 O O   . HOH B 2 .   ? -17.034 5.351   -4.178  1.00 18.96 ? 62  HOH A O   1 
HETATM 1224 O O   . HOH B 2 .   ? 11.278  -4.285  -7.819  1.00 45.45 ? 63  HOH A O   1 
HETATM 1225 O O   . HOH B 2 .   ? 14.294  -16.289 -1.683  1.00 44.18 ? 64  HOH A O   1 
HETATM 1226 O O   . HOH B 2 .   ? -12.784 -9.787  8.066   1.00 26.92 ? 65  HOH A O   1 
HETATM 1227 O O   . HOH B 2 .   ? -9.270  4.191   -5.326  1.00 23.52 ? 66  HOH A O   1 
HETATM 1228 O O   . HOH B 2 .   ? 5.412   10.297  14.404  1.00 33.39 ? 67  HOH A O   1 
HETATM 1229 O O   . HOH B 2 .   ? 5.860   -12.542 1.857   1.00 28.36 ? 68  HOH A O   1 
HETATM 1230 O O   . HOH B 2 .   ? 11.251  15.826  -3.749  1.00 30.87 ? 69  HOH A O   1 
HETATM 1231 O O   . HOH B 2 .   ? -20.216 2.103   -4.777  1.00 30.97 ? 70  HOH A O   1 
HETATM 1232 O O   . HOH B 2 .   ? -13.847 -23.504 5.831   1.00 33.09 ? 71  HOH A O   1 
HETATM 1233 O O   . HOH B 2 .   ? -4.406  -6.583  13.113  1.00 33.34 ? 72  HOH A O   1 
HETATM 1234 O O   . HOH B 2 .   ? -4.697  11.093  7.131   1.00 42.38 ? 73  HOH A O   1 
HETATM 1235 O O   . HOH B 2 .   ? 12.736  -10.024 -4.376  1.00 42.21 ? 74  HOH A O   1 
# 
loop_
_pdbx_poly_seq_scheme.asym_id 
_pdbx_poly_seq_scheme.entity_id 
_pdbx_poly_seq_scheme.seq_id 
_pdbx_poly_seq_scheme.mon_id 
_pdbx_poly_seq_scheme.ndb_seq_num 
_pdbx_poly_seq_scheme.pdb_seq_num 
_pdbx_poly_seq_scheme.auth_seq_num 
_pdbx_poly_seq_scheme.pdb_mon_id 
_pdbx_poly_seq_scheme.auth_mon_id 
_pdbx_poly_seq_scheme.pdb_strand_id 
_pdbx_poly_seq_scheme.pdb_ins_code 
_pdbx_poly_seq_scheme.hetero 
A 1 1   SER 1   106 ?   ?   ?   A . n 
A 1 2   LYS 2   107 ?   ?   ?   A . n 
A 1 3   LEU 3   108 ?   ?   ?   A . n 
A 1 4   GLN 4   109 ?   ?   ?   A . n 
A 1 5   ALA 5   110 110 ALA ALA A . n 
A 1 6   THR 6   111 111 THR THR A . n 
A 1 7   LYS 7   112 112 LYS LYS A . n 
A 1 8   THR 8   113 113 THR THR A . n 
A 1 9   LEU 9   114 114 LEU LEU A . n 
A 1 10  ALA 10  115 115 ALA ALA A . n 
A 1 11  ALA 11  116 116 ALA ALA A . n 
A 1 12  ASP 12  117 117 ASP ASP A . n 
A 1 13  VAL 13  118 118 VAL VAL A . n 
A 1 14  ILE 14  119 119 ILE ILE A . n 
A 1 15  MET 15  120 120 MET MET A . n 
A 1 16  ARG 16  121 121 ARG ARG A . n 
A 1 17  SER 17  122 122 SER SER A . n 
A 1 18  PRO 18  123 123 PRO PRO A . n 
A 1 19  VAL 19  124 124 VAL VAL A . n 
A 1 20  SER 20  125 125 SER SER A . n 
A 1 21  TRP 21  126 126 TRP TRP A . n 
A 1 22  LYS 22  127 127 LYS LYS A . n 
A 1 23  GLN 23  128 128 GLN GLN A . n 
A 1 24  GLU 24  129 129 GLU GLU A . n 
A 1 25  LEU 25  130 130 LEU LEU A . n 
A 1 26  THR 26  131 131 THR THR A . n 
A 1 27  LEU 27  132 132 LEU LEU A . n 
A 1 28  ASP 28  133 133 ASP ASP A . n 
A 1 29  ALA 29  134 134 ALA ALA A . n 
A 1 30  GLY 30  135 135 GLY GLY A . n 
A 1 31  ARG 31  136 136 ARG ARG A . n 
A 1 32  SER 32  137 137 SER SER A . n 
A 1 33  LYS 33  138 138 LYS LYS A . n 
A 1 34  GLY 34  139 139 GLY GLY A . n 
A 1 35  ALA 35  140 140 ALA ALA A . n 
A 1 36  SER 36  141 141 SER SER A . n 
A 1 37  GLU 37  142 142 GLU GLU A . n 
A 1 38  ASN 38  143 143 ASN ASN A . n 
A 1 39  MET 39  144 144 MET MET A . n 
A 1 40  LEU 40  145 145 LEU LEU A . n 
A 1 41  ALA 41  146 146 ALA ALA A . n 
A 1 42  ILE 42  147 147 ILE ILE A . n 
A 1 43  ALA 43  148 148 ALA ALA A . n 
A 1 44  ASN 44  149 149 ASN ASN A . n 
A 1 45  GLY 45  150 150 GLY GLY A . n 
A 1 46  GLY 46  151 151 GLY GLY A . n 
A 1 47  LEU 47  152 152 LEU LEU A . n 
A 1 48  ILE 48  153 153 ILE ILE A . n 
A 1 49  GLY 49  154 154 GLY GLY A . n 
A 1 50  SER 50  155 155 SER SER A . n 
A 1 51  VAL 51  156 156 VAL VAL A . n 
A 1 52  SER 52  157 157 SER SER A . n 
A 1 53  LYS 53  158 158 LYS LYS A . n 
A 1 54  VAL 54  159 159 VAL VAL A . n 
A 1 55  GLU 55  160 160 GLU GLU A . n 
A 1 56  GLU 56  161 161 GLU GLU A . n 
A 1 57  ASN 57  162 162 ASN ASN A . n 
A 1 58  SER 58  163 163 SER SER A . n 
A 1 59  THR 59  164 164 THR THR A . n 
A 1 60  ILE 60  165 165 ILE ILE A . n 
A 1 61  VAL 61  166 166 VAL VAL A . n 
A 1 62  ASN 62  167 167 ASN ASN A . n 
A 1 63  LEU 63  168 168 LEU LEU A . n 
A 1 64  LEU 64  169 169 LEU LEU A . n 
A 1 65  THR 65  170 170 THR THR A . n 
A 1 66  ASN 66  171 171 ASN ASN A . n 
A 1 67  THR 67  172 172 THR THR A . n 
A 1 68  GLU 68  173 173 GLU GLU A . n 
A 1 69  ASN 69  174 174 ASN ASN A . n 
A 1 70  ALA 70  175 175 ALA ALA A . n 
A 1 71  ASP 71  176 176 ASP ASP A . n 
A 1 72  LYS 72  177 177 LYS LYS A . n 
A 1 73  ILE 73  178 178 ILE ILE A . n 
A 1 74  SER 74  179 179 SER SER A . n 
A 1 75  VAL 75  180 180 VAL VAL A . n 
A 1 76  LYS 76  181 181 LYS LYS A . n 
A 1 77  ILE 77  182 182 ILE ILE A . n 
A 1 78  GLN 78  183 183 GLN GLN A . n 
A 1 79  HIS 79  184 184 HIS HIS A . n 
A 1 80  GLY 80  185 185 GLY GLY A . n 
A 1 81  SER 81  186 186 SER SER A . n 
A 1 82  THR 82  187 187 THR THR A . n 
A 1 83  THR 83  188 188 THR THR A . n 
A 1 84  ILE 84  189 189 ILE ILE A . n 
A 1 85  TYR 85  190 190 TYR TYR A . n 
A 1 86  GLY 86  191 191 GLY GLY A . n 
A 1 87  ILE 87  192 192 ILE ILE A . n 
A 1 88  ILE 88  193 193 ILE ILE A . n 
A 1 89  ILE 89  194 194 ILE ILE A . n 
A 1 90  GLY 90  195 195 GLY GLY A . n 
A 1 91  TYR 91  196 196 TYR TYR A . n 
A 1 92  ASP 92  197 197 ASP ASP A . n 
A 1 93  LYS 93  198 198 LYS LYS A . n 
A 1 94  GLU 94  199 199 GLU GLU A . n 
A 1 95  ASN 95  200 200 ASN ASN A . n 
A 1 96  ASP 96  201 201 ASP ASP A . n 
A 1 97  VAL 97  202 202 VAL VAL A . n 
A 1 98  LEU 98  203 203 LEU LEU A . n 
A 1 99  LYS 99  204 204 LYS LYS A . n 
A 1 100 ILE 100 205 205 ILE ILE A . n 
A 1 101 SER 101 206 206 SER SER A . n 
A 1 102 GLN 102 207 207 GLN GLN A . n 
A 1 103 LEU 103 208 208 LEU LEU A . n 
A 1 104 ASN 104 209 209 ASN ASN A . n 
A 1 105 SER 105 210 210 SER SER A . n 
A 1 106 ASN 106 211 211 ASN ASN A . n 
A 1 107 SER 107 212 212 SER SER A . n 
A 1 108 ASP 108 213 213 ASP ASP A . n 
A 1 109 ILE 109 214 214 ILE ILE A . n 
A 1 110 SER 110 215 215 SER SER A . n 
A 1 111 ALA 111 216 216 ALA ALA A . n 
A 1 112 GLY 112 217 217 GLY GLY A . n 
A 1 113 ASP 113 218 218 ASP ASP A . n 
A 1 114 LYS 114 219 219 LYS LYS A . n 
A 1 115 VAL 115 220 220 VAL VAL A . n 
A 1 116 THR 116 221 221 THR THR A . n 
A 1 117 THR 117 222 222 THR THR A . n 
A 1 118 GLY 118 223 223 GLY GLY A . n 
A 1 119 GLY 119 224 224 GLY GLY A . n 
A 1 120 LEU 120 225 225 LEU LEU A . n 
A 1 121 GLY 121 226 226 GLY GLY A . n 
A 1 122 ASN 122 227 227 ASN ASN A . n 
A 1 123 PHE 123 228 228 PHE PHE A . n 
A 1 124 ASN 124 229 229 ASN ASN A . n 
A 1 125 VAL 125 230 230 VAL VAL A . n 
A 1 126 ALA 126 231 231 ALA ALA A . n 
A 1 127 ASP 127 232 232 ASP ASP A . n 
A 1 128 ILE 128 233 233 ILE ILE A . n 
A 1 129 PRO 129 234 234 PRO PRO A . n 
A 1 130 VAL 130 235 235 VAL VAL A . n 
A 1 131 GLY 131 236 236 GLY GLY A . n 
A 1 132 GLU 132 237 237 GLU GLU A . n 
A 1 133 VAL 133 238 238 VAL VAL A . n 
A 1 134 VAL 134 239 239 VAL VAL A . n 
A 1 135 ALA 135 240 240 ALA ALA A . n 
A 1 136 THR 136 241 241 THR THR A . n 
A 1 137 THR 137 242 242 THR THR A . n 
A 1 138 HIS 138 243 243 HIS HIS A . n 
A 1 139 SER 139 244 244 SER SER A . n 
A 1 140 THR 140 245 ?   ?   ?   A . n 
A 1 141 ASP 141 246 ?   ?   ?   A . n 
A 1 142 TYR 142 247 ?   ?   ?   A . n 
A 1 143 LEU 143 248 ?   ?   ?   A . n 
A 1 144 THR 144 249 ?   ?   ?   A . n 
A 1 145 ARG 145 250 250 ARG ARG A . n 
A 1 146 GLU 146 251 251 GLU GLU A . n 
A 1 147 VAL 147 252 252 VAL VAL A . n 
A 1 148 THR 148 253 253 THR THR A . n 
A 1 149 VAL 149 254 254 VAL VAL A . n 
A 1 150 LYS 150 255 255 LYS LYS A . n 
A 1 151 LEU 151 256 256 LEU LEU A . n 
A 1 152 SER 152 257 257 SER SER A . n 
A 1 153 ALA 153 258 258 ALA ALA A . n 
A 1 154 ASP 154 259 259 ASP ASP A . n 
A 1 155 THR 155 260 260 THR THR A . n 
A 1 156 HIS 156 261 261 HIS HIS A . n 
A 1 157 ASN 157 262 262 ASN ASN A . n 
A 1 158 VAL 158 263 263 VAL VAL A . n 
A 1 159 ASP 159 264 264 ASP ASP A . n 
A 1 160 VAL 160 265 265 VAL VAL A . n 
A 1 161 ILE 161 266 266 ILE ILE A . n 
A 1 162 GLU 162 267 267 GLU GLU A . n 
A 1 163 LEU 163 268 268 LEU LEU A . n 
A 1 164 VAL 164 269 269 VAL VAL A . n 
A 1 165 GLY 165 270 270 GLY GLY A . n 
A 1 166 ASN 166 271 271 ASN ASN A . n 
A 1 167 SER 167 272 272 SER SER A . n 
A 1 168 LYS 168 273 ?   ?   ?   A . n 
A 1 169 LEU 169 274 ?   ?   ?   A . n 
A 1 170 VAL 170 275 ?   ?   ?   A . n 
A 1 171 PRO 171 276 ?   ?   ?   A . n 
A 1 172 ARG 172 277 ?   ?   ?   A . n 
# 
loop_
_pdbx_nonpoly_scheme.asym_id 
_pdbx_nonpoly_scheme.entity_id 
_pdbx_nonpoly_scheme.mon_id 
_pdbx_nonpoly_scheme.ndb_seq_num 
_pdbx_nonpoly_scheme.pdb_seq_num 
_pdbx_nonpoly_scheme.auth_seq_num 
_pdbx_nonpoly_scheme.pdb_mon_id 
_pdbx_nonpoly_scheme.auth_mon_id 
_pdbx_nonpoly_scheme.pdb_strand_id 
_pdbx_nonpoly_scheme.pdb_ins_code 
B 2 HOH 1  1  1  HOH HOH A . 
B 2 HOH 2  2  2  HOH HOH A . 
B 2 HOH 3  3  3  HOH HOH A . 
B 2 HOH 4  4  4  HOH HOH A . 
B 2 HOH 5  5  5  HOH HOH A . 
B 2 HOH 6  6  6  HOH HOH A . 
B 2 HOH 7  7  7  HOH HOH A . 
B 2 HOH 8  8  8  HOH HOH A . 
B 2 HOH 9  9  9  HOH HOH A . 
B 2 HOH 10 10 10 HOH HOH A . 
B 2 HOH 11 11 11 HOH HOH A . 
B 2 HOH 12 12 12 HOH HOH A . 
B 2 HOH 13 13 13 HOH HOH A . 
B 2 HOH 14 14 14 HOH HOH A . 
B 2 HOH 15 15 15 HOH HOH A . 
B 2 HOH 16 16 16 HOH HOH A . 
B 2 HOH 17 17 17 HOH HOH A . 
B 2 HOH 18 18 18 HOH HOH A . 
B 2 HOH 19 19 19 HOH HOH A . 
B 2 HOH 20 20 20 HOH HOH A . 
B 2 HOH 21 21 21 HOH HOH A . 
B 2 HOH 22 22 22 HOH HOH A . 
B 2 HOH 23 23 23 HOH HOH A . 
B 2 HOH 24 24 24 HOH HOH A . 
B 2 HOH 25 25 25 HOH HOH A . 
B 2 HOH 26 26 26 HOH HOH A . 
B 2 HOH 27 27 27 HOH HOH A . 
B 2 HOH 28 28 28 HOH HOH A . 
B 2 HOH 29 29 29 HOH HOH A . 
B 2 HOH 30 30 30 HOH HOH A . 
B 2 HOH 31 31 31 HOH HOH A . 
B 2 HOH 32 32 32 HOH HOH A . 
B 2 HOH 33 33 33 HOH HOH A . 
B 2 HOH 34 34 34 HOH HOH A . 
B 2 HOH 35 35 35 HOH HOH A . 
B 2 HOH 36 36 36 HOH HOH A . 
B 2 HOH 37 37 37 HOH HOH A . 
B 2 HOH 38 38 38 HOH HOH A . 
B 2 HOH 39 39 39 HOH HOH A . 
B 2 HOH 40 40 40 HOH HOH A . 
B 2 HOH 41 41 41 HOH HOH A . 
B 2 HOH 42 42 42 HOH HOH A . 
B 2 HOH 43 43 43 HOH HOH A . 
B 2 HOH 44 44 44 HOH HOH A . 
B 2 HOH 45 45 45 HOH HOH A . 
B 2 HOH 46 46 46 HOH HOH A . 
B 2 HOH 47 47 47 HOH HOH A . 
B 2 HOH 48 48 48 HOH HOH A . 
B 2 HOH 49 49 49 HOH HOH A . 
B 2 HOH 50 50 50 HOH HOH A . 
B 2 HOH 51 51 51 HOH HOH A . 
B 2 HOH 52 52 52 HOH HOH A . 
B 2 HOH 53 53 53 HOH HOH A . 
B 2 HOH 54 54 54 HOH HOH A . 
B 2 HOH 55 55 55 HOH HOH A . 
B 2 HOH 56 56 56 HOH HOH A . 
B 2 HOH 57 57 57 HOH HOH A . 
B 2 HOH 58 58 58 HOH HOH A . 
B 2 HOH 59 59 59 HOH HOH A . 
B 2 HOH 60 60 60 HOH HOH A . 
B 2 HOH 61 61 61 HOH HOH A . 
B 2 HOH 62 62 62 HOH HOH A . 
B 2 HOH 63 63 63 HOH HOH A . 
B 2 HOH 64 64 64 HOH HOH A . 
B 2 HOH 65 65 65 HOH HOH A . 
B 2 HOH 66 66 66 HOH HOH A . 
B 2 HOH 67 67 67 HOH HOH A . 
B 2 HOH 68 68 68 HOH HOH A . 
B 2 HOH 69 69 69 HOH HOH A . 
B 2 HOH 70 70 70 HOH HOH A . 
B 2 HOH 71 71 71 HOH HOH A . 
B 2 HOH 72 72 72 HOH HOH A . 
B 2 HOH 73 73 73 HOH HOH A . 
B 2 HOH 74 74 74 HOH HOH A . 
# 
_pdbx_struct_assembly.id                   1 
_pdbx_struct_assembly.details              author_and_software_defined_assembly 
_pdbx_struct_assembly.method_details       PISA 
_pdbx_struct_assembly.oligomeric_details   monomeric 
_pdbx_struct_assembly.oligomeric_count     1 
# 
_pdbx_struct_assembly_gen.assembly_id       1 
_pdbx_struct_assembly_gen.oper_expression   1 
_pdbx_struct_assembly_gen.asym_id_list      A,B 
# 
_pdbx_struct_oper_list.id                   1 
_pdbx_struct_oper_list.type                 'identity operation' 
_pdbx_struct_oper_list.name                 1_555 
_pdbx_struct_oper_list.symmetry_operation   x,y,z 
_pdbx_struct_oper_list.matrix[1][1]         1.0000000000 
_pdbx_struct_oper_list.matrix[1][2]         0.0000000000 
_pdbx_struct_oper_list.matrix[1][3]         0.0000000000 
_pdbx_struct_oper_list.vector[1]            0.0000000000 
_pdbx_struct_oper_list.matrix[2][1]         0.0000000000 
_pdbx_struct_oper_list.matrix[2][2]         1.0000000000 
_pdbx_struct_oper_list.matrix[2][3]         0.0000000000 
_pdbx_struct_oper_list.vector[2]            0.0000000000 
_pdbx_struct_oper_list.matrix[3][1]         0.0000000000 
_pdbx_struct_oper_list.matrix[3][2]         0.0000000000 
_pdbx_struct_oper_list.matrix[3][3]         1.0000000000 
_pdbx_struct_oper_list.vector[3]            0.0000000000 
# 
loop_
_pdbx_audit_revision_history.ordinal 
_pdbx_audit_revision_history.data_content_type 
_pdbx_audit_revision_history.major_revision 
_pdbx_audit_revision_history.minor_revision 
_pdbx_audit_revision_history.revision_date 
1 'Structure model' 1 0 2007-08-07 
2 'Structure model' 1 1 2011-07-13 
3 'Structure model' 1 2 2017-10-18 
4 'Structure model' 1 3 2023-08-30 
# 
_pdbx_audit_revision_details.ordinal             1 
_pdbx_audit_revision_details.revision_ordinal    1 
_pdbx_audit_revision_details.data_content_type   'Structure model' 
_pdbx_audit_revision_details.provider            repository 
_pdbx_audit_revision_details.type                'Initial release' 
_pdbx_audit_revision_details.description         ? 
_pdbx_audit_revision_details.details             ? 
# 
loop_
_pdbx_audit_revision_group.ordinal 
_pdbx_audit_revision_group.revision_ordinal 
_pdbx_audit_revision_group.data_content_type 
_pdbx_audit_revision_group.group 
1 2 'Structure model' Advisory                    
2 2 'Structure model' 'Source and taxonomy'       
3 2 'Structure model' 'Version format compliance' 
4 3 'Structure model' 'Refinement description'    
5 4 'Structure model' 'Data collection'           
6 4 'Structure model' 'Database references'       
7 4 'Structure model' 'Refinement description'    
# 
loop_
_pdbx_audit_revision_category.ordinal 
_pdbx_audit_revision_category.revision_ordinal 
_pdbx_audit_revision_category.data_content_type 
_pdbx_audit_revision_category.category 
1 3 'Structure model' software                      
2 4 'Structure model' chem_comp_atom                
3 4 'Structure model' chem_comp_bond                
4 4 'Structure model' database_2                    
5 4 'Structure model' pdbx_initial_refinement_model 
6 4 'Structure model' struct_ref_seq_dif            
# 
loop_
_pdbx_audit_revision_item.ordinal 
_pdbx_audit_revision_item.revision_ordinal 
_pdbx_audit_revision_item.data_content_type 
_pdbx_audit_revision_item.item 
1 4 'Structure model' '_database_2.pdbx_DOI'                
2 4 'Structure model' '_database_2.pdbx_database_accession' 
3 4 'Structure model' '_struct_ref_seq_dif.details'         
# 
loop_
_pdbx_refine_tls.id 
_pdbx_refine_tls.details 
_pdbx_refine_tls.method 
_pdbx_refine_tls.origin_x 
_pdbx_refine_tls.origin_y 
_pdbx_refine_tls.origin_z 
_pdbx_refine_tls.T[1][1] 
_pdbx_refine_tls.T[2][2] 
_pdbx_refine_tls.T[3][3] 
_pdbx_refine_tls.T[1][2] 
_pdbx_refine_tls.T[1][3] 
_pdbx_refine_tls.T[2][3] 
_pdbx_refine_tls.L[1][1] 
_pdbx_refine_tls.L[2][2] 
_pdbx_refine_tls.L[3][3] 
_pdbx_refine_tls.L[1][2] 
_pdbx_refine_tls.L[1][3] 
_pdbx_refine_tls.L[2][3] 
_pdbx_refine_tls.S[1][1] 
_pdbx_refine_tls.S[2][2] 
_pdbx_refine_tls.S[3][3] 
_pdbx_refine_tls.S[1][2] 
_pdbx_refine_tls.S[1][3] 
_pdbx_refine_tls.S[2][3] 
_pdbx_refine_tls.S[2][1] 
_pdbx_refine_tls.S[3][1] 
_pdbx_refine_tls.S[3][2] 
_pdbx_refine_tls.pdbx_refine_id 
1 ? refined 5.5487  14.5668 2.6015  0.1169  -0.1106 0.1039  -0.0903 -0.0401 -0.0368 51.2089 7.2787  40.4597 -5.2843 -29.6207 0.6937  -0.2858 0.2742  0.0116  -1.2838 0.7756  0.1739  1.3669  0.0777 0.3532  'X-RAY DIFFRACTION' 
2 ? refined 14.6406 -2.7273 -3.7379 -0.0858 -0.0188 -0.0902 0.0485  0.0204  0.0117  6.9907  5.7214  3.9558  -1.6096 -1.4862  -1.2134 -0.1107 -0.0774 0.1880  0.2123  -0.6394 0.1928  -0.1039 0.5915 -0.0017 'X-RAY DIFFRACTION' 
3 ? refined 13.3052 10.3336 6.7108  0.0528  -0.0437 -0.0061 0.0090  0.0158  -0.1274 34.9168 12.3092 5.4114  16.2408 -7.7901  -2.3033 0.4170  -0.2168 -0.2002 -1.6660 0.5105  -0.3923 0.5465  0.0487 0.3168  'X-RAY DIFFRACTION' 
4 ? refined 6.7544  3.4244  0.3809  -0.1016 0.0206  -0.0527 0.0301  0.0378  -0.0003 0.6552  3.8446  2.2534  0.4576  0.4510   -1.7675 0.0824  0.0553  -0.1377 -0.0275 0.0633  0.0310  -0.0124 0.1297 0.2495  'X-RAY DIFFRACTION' 
5 ? refined 9.4063  -2.2466 1.3177  -0.0012 -0.0779 -0.0354 0.0153  -0.0153 0.0171  3.7756  1.2979  2.2854  -0.0724 -1.5307  -1.4398 0.2110  -0.1960 -0.0152 -0.1709 -0.2899 -0.1325 0.2533  0.2597 0.2210  'X-RAY DIFFRACTION' 
6 ? refined -9.0359 -3.4892 0.9387  -0.0774 -0.0860 -0.0617 -0.0602 -0.0230 0.0516  3.9243  2.0537  3.9774  0.2241  -0.9507  0.7143  -0.0192 0.0656  -0.0464 -0.1419 -0.3194 0.1949  -0.0059 0.3993 -0.3911 'X-RAY DIFFRACTION' 
7 ? refined 5.8235  5.3556  -5.4449 -0.1268 -0.0633 -0.0893 0.0531  -0.0162 0.0730  9.1590  3.5625  15.1207 -1.4590 -4.8981  2.6668  0.1554  0.0524  -0.2079 0.1488  0.1015  -0.0850 -0.0754 0.0718 0.2626  'X-RAY DIFFRACTION' 
# 
loop_
_pdbx_refine_tls_group.id 
_pdbx_refine_tls_group.refine_tls_id 
_pdbx_refine_tls_group.beg_label_asym_id 
_pdbx_refine_tls_group.beg_label_seq_id 
_pdbx_refine_tls_group.end_label_asym_id 
_pdbx_refine_tls_group.end_label_seq_id 
_pdbx_refine_tls_group.selection 
_pdbx_refine_tls_group.beg_auth_asym_id 
_pdbx_refine_tls_group.beg_auth_seq_id 
_pdbx_refine_tls_group.end_auth_asym_id 
_pdbx_refine_tls_group.end_auth_seq_id 
_pdbx_refine_tls_group.pdbx_refine_id 
_pdbx_refine_tls_group.selection_details 
1 1 A 5   A 10  ? A 110 A 115 'X-RAY DIFFRACTION' ? 
2 2 A 11  A 30  ? A 116 A 135 'X-RAY DIFFRACTION' ? 
3 3 A 31  A 38  ? A 136 A 143 'X-RAY DIFFRACTION' ? 
4 4 A 39  A 55  ? A 144 A 160 'X-RAY DIFFRACTION' ? 
5 5 A 56  A 69  ? A 161 A 174 'X-RAY DIFFRACTION' ? 
6 6 A 70  A 153 ? A 175 A 258 'X-RAY DIFFRACTION' ? 
7 7 A 154 A 167 ? A 259 A 272 'X-RAY DIFFRACTION' ? 
# 
loop_
_software.name 
_software.version 
_software.date 
_software.type 
_software.contact_author 
_software.contact_author_email 
_software.classification 
_software.location 
_software.language 
_software.citation_id 
_software.pdbx_ordinal 
SCALA       .     ?                other   'Phil Evans'      pre@mrc-lmb.cam.ac.uk    'data scaling'    
http://www.ccp4.ac.uk/dist/html/INDEX.html Fortran_77 ? 1 
REFMAC      .     ?                program 'Murshudov, G.N.' ccp4@dl.ac.uk            refinement        
http://www.ccp4.ac.uk/main.html            Fortran_77 ? 2 
PDB_EXTRACT 2.000 'April. 3, 2006' package PDB               sw-help@rcsb.rutgers.edu 'data extraction' 
http://pdb.rutgers.edu/software/           C++        ? 3 
MOSFLM      .     ?                ?       ?                 ?                        'data reduction'  ? ?          ? 4 
MOLREP      .     ?                ?       ?                 ?                        phasing           ? ?          ? 5 
# 
loop_
_pdbx_validate_torsion.id 
_pdbx_validate_torsion.PDB_model_num 
_pdbx_validate_torsion.auth_comp_id 
_pdbx_validate_torsion.auth_asym_id 
_pdbx_validate_torsion.auth_seq_id 
_pdbx_validate_torsion.PDB_ins_code 
_pdbx_validate_torsion.label_alt_id 
_pdbx_validate_torsion.phi 
_pdbx_validate_torsion.psi 
1 1 SER A 125 ? ? 90.20   -8.24  
2 1 ASP A 232 ? ? 88.16   12.91  
3 1 HIS A 243 ? ? -126.12 -64.00 
# 
loop_
_pdbx_unobs_or_zero_occ_residues.id 
_pdbx_unobs_or_zero_occ_residues.PDB_model_num 
_pdbx_unobs_or_zero_occ_residues.polymer_flag 
_pdbx_unobs_or_zero_occ_residues.occupancy_flag 
_pdbx_unobs_or_zero_occ_residues.auth_asym_id 
_pdbx_unobs_or_zero_occ_residues.auth_comp_id 
_pdbx_unobs_or_zero_occ_residues.auth_seq_id 
_pdbx_unobs_or_zero_occ_residues.PDB_ins_code 
_pdbx_unobs_or_zero_occ_residues.label_asym_id 
_pdbx_unobs_or_zero_occ_residues.label_comp_id 
_pdbx_unobs_or_zero_occ_residues.label_seq_id 
1  1 Y 1 A SER 106 ? A SER 1   
2  1 Y 1 A LYS 107 ? A LYS 2   
3  1 Y 1 A LEU 108 ? A LEU 3   
4  1 Y 1 A GLN 109 ? A GLN 4   
5  1 Y 1 A THR 245 ? A THR 140 
6  1 Y 1 A ASP 246 ? A ASP 141 
7  1 Y 1 A TYR 247 ? A TYR 142 
8  1 Y 1 A LEU 248 ? A LEU 143 
9  1 Y 1 A THR 249 ? A THR 144 
10 1 Y 1 A LYS 273 ? A LYS 168 
11 1 Y 1 A LEU 274 ? A LEU 169 
12 1 Y 1 A VAL 275 ? A VAL 170 
13 1 Y 1 A PRO 276 ? A PRO 171 
14 1 Y 1 A ARG 277 ? A ARG 172 
# 
loop_
_chem_comp_atom.comp_id 
_chem_comp_atom.atom_id 
_chem_comp_atom.type_symbol 
_chem_comp_atom.pdbx_aromatic_flag 
_chem_comp_atom.pdbx_stereo_config 
_chem_comp_atom.pdbx_ordinal 
ALA N    N N N 1   
ALA CA   C N S 2   
ALA C    C N N 3   
ALA O    O N N 4   
ALA CB   C N N 5   
ALA OXT  O N N 6   
ALA H    H N N 7   
ALA H2   H N N 8   
ALA HA   H N N 9   
ALA HB1  H N N 10  
ALA HB2  H N N 11  
ALA HB3  H N N 12  
ALA HXT  H N N 13  
ARG N    N N N 14  
ARG CA   C N S 15  
ARG C    C N N 16  
ARG O    O N N 17  
ARG CB   C N N 18  
ARG CG   C N N 19  
ARG CD   C N N 20  
ARG NE   N N N 21  
ARG CZ   C N N 22  
ARG NH1  N N N 23  
ARG NH2  N N N 24  
ARG OXT  O N N 25  
ARG H    H N N 26  
ARG H2   H N N 27  
ARG HA   H N N 28  
ARG HB2  H N N 29  
ARG HB3  H N N 30  
ARG HG2  H N N 31  
ARG HG3  H N N 32  
ARG HD2  H N N 33  
ARG HD3  H N N 34  
ARG HE   H N N 35  
ARG HH11 H N N 36  
ARG HH12 H N N 37  
ARG HH21 H N N 38  
ARG HH22 H N N 39  
ARG HXT  H N N 40  
ASN N    N N N 41  
ASN CA   C N S 42  
ASN C    C N N 43  
ASN O    O N N 44  
ASN CB   C N N 45  
ASN CG   C N N 46  
ASN OD1  O N N 47  
ASN ND2  N N N 48  
ASN OXT  O N N 49  
ASN H    H N N 50  
ASN H2   H N N 51  
ASN HA   H N N 52  
ASN HB2  H N N 53  
ASN HB3  H N N 54  
ASN HD21 H N N 55  
ASN HD22 H N N 56  
ASN HXT  H N N 57  
ASP N    N N N 58  
ASP CA   C N S 59  
ASP C    C N N 60  
ASP O    O N N 61  
ASP CB   C N N 62  
ASP CG   C N N 63  
ASP OD1  O N N 64  
ASP OD2  O N N 65  
ASP OXT  O N N 66  
ASP H    H N N 67  
ASP H2   H N N 68  
ASP HA   H N N 69  
ASP HB2  H N N 70  
ASP HB3  H N N 71  
ASP HD2  H N N 72  
ASP HXT  H N N 73  
GLN N    N N N 74  
GLN CA   C N S 75  
GLN C    C N N 76  
GLN O    O N N 77  
GLN CB   C N N 78  
GLN CG   C N N 79  
GLN CD   C N N 80  
GLN OE1  O N N 81  
GLN NE2  N N N 82  
GLN OXT  O N N 83  
GLN H    H N N 84  
GLN H2   H N N 85  
GLN HA   H N N 86  
GLN HB2  H N N 87  
GLN HB3  H N N 88  
GLN HG2  H N N 89  
GLN HG3  H N N 90  
GLN HE21 H N N 91  
GLN HE22 H N N 92  
GLN HXT  H N N 93  
GLU N    N N N 94  
GLU CA   C N S 95  
GLU C    C N N 96  
GLU O    O N N 97  
GLU CB   C N N 98  
GLU CG   C N N 99  
GLU CD   C N N 100 
GLU OE1  O N N 101 
GLU OE2  O N N 102 
GLU OXT  O N N 103 
GLU H    H N N 104 
GLU H2   H N N 105 
GLU HA   H N N 106 
GLU HB2  H N N 107 
GLU HB3  H N N 108 
GLU HG2  H N N 109 
GLU HG3  H N N 110 
GLU HE2  H N N 111 
GLU HXT  H N N 112 
GLY N    N N N 113 
GLY CA   C N N 114 
GLY C    C N N 115 
GLY O    O N N 116 
GLY OXT  O N N 117 
GLY H    H N N 118 
GLY H2   H N N 119 
GLY HA2  H N N 120 
GLY HA3  H N N 121 
GLY HXT  H N N 122 
HIS N    N N N 123 
HIS CA   C N S 124 
HIS C    C N N 125 
HIS O    O N N 126 
HIS CB   C N N 127 
HIS CG   C Y N 128 
HIS ND1  N Y N 129 
HIS CD2  C Y N 130 
HIS CE1  C Y N 131 
HIS NE2  N Y N 132 
HIS OXT  O N N 133 
HIS H    H N N 134 
HIS H2   H N N 135 
HIS HA   H N N 136 
HIS HB2  H N N 137 
HIS HB3  H N N 138 
HIS HD1  H N N 139 
HIS HD2  H N N 140 
HIS HE1  H N N 141 
HIS HE2  H N N 142 
HIS HXT  H N N 143 
HOH O    O N N 144 
HOH H1   H N N 145 
HOH H2   H N N 146 
ILE N    N N N 147 
ILE CA   C N S 148 
ILE C    C N N 149 
ILE O    O N N 150 
ILE CB   C N S 151 
ILE CG1  C N N 152 
ILE CG2  C N N 153 
ILE CD1  C N N 154 
ILE OXT  O N N 155 
ILE H    H N N 156 
ILE H2   H N N 157 
ILE HA   H N N 158 
ILE HB   H N N 159 
ILE HG12 H N N 160 
ILE HG13 H N N 161 
ILE HG21 H N N 162 
ILE HG22 H N N 163 
ILE HG23 H N N 164 
ILE HD11 H N N 165 
ILE HD12 H N N 166 
ILE HD13 H N N 167 
ILE HXT  H N N 168 
LEU N    N N N 169 
LEU CA   C N S 170 
LEU C    C N N 171 
LEU O    O N N 172 
LEU CB   C N N 173 
LEU CG   C N N 174 
LEU CD1  C N N 175 
LEU CD2  C N N 176 
LEU OXT  O N N 177 
LEU H    H N N 178 
LEU H2   H N N 179 
LEU HA   H N N 180 
LEU HB2  H N N 181 
LEU HB3  H N N 182 
LEU HG   H N N 183 
LEU HD11 H N N 184 
LEU HD12 H N N 185 
LEU HD13 H N N 186 
LEU HD21 H N N 187 
LEU HD22 H N N 188 
LEU HD23 H N N 189 
LEU HXT  H N N 190 
LYS N    N N N 191 
LYS CA   C N S 192 
LYS C    C N N 193 
LYS O    O N N 194 
LYS CB   C N N 195 
LYS CG   C N N 196 
LYS CD   C N N 197 
LYS CE   C N N 198 
LYS NZ   N N N 199 
LYS OXT  O N N 200 
LYS H    H N N 201 
LYS H2   H N N 202 
LYS HA   H N N 203 
LYS HB2  H N N 204 
LYS HB3  H N N 205 
LYS HG2  H N N 206 
LYS HG3  H N N 207 
LYS HD2  H N N 208 
LYS HD3  H N N 209 
LYS HE2  H N N 210 
LYS HE3  H N N 211 
LYS HZ1  H N N 212 
LYS HZ2  H N N 213 
LYS HZ3  H N N 214 
LYS HXT  H N N 215 
MET N    N N N 216 
MET CA   C N S 217 
MET C    C N N 218 
MET O    O N N 219 
MET CB   C N N 220 
MET CG   C N N 221 
MET SD   S N N 222 
MET CE   C N N 223 
MET OXT  O N N 224 
MET H    H N N 225 
MET H2   H N N 226 
MET HA   H N N 227 
MET HB2  H N N 228 
MET HB3  H N N 229 
MET HG2  H N N 230 
MET HG3  H N N 231 
MET HE1  H N N 232 
MET HE2  H N N 233 
MET HE3  H N N 234 
MET HXT  H N N 235 
PHE N    N N N 236 
PHE CA   C N S 237 
PHE C    C N N 238 
PHE O    O N N 239 
PHE CB   C N N 240 
PHE CG   C Y N 241 
PHE CD1  C Y N 242 
PHE CD2  C Y N 243 
PHE CE1  C Y N 244 
PHE CE2  C Y N 245 
PHE CZ   C Y N 246 
PHE OXT  O N N 247 
PHE H    H N N 248 
PHE H2   H N N 249 
PHE HA   H N N 250 
PHE HB2  H N N 251 
PHE HB3  H N N 252 
PHE HD1  H N N 253 
PHE HD2  H N N 254 
PHE HE1  H N N 255 
PHE HE2  H N N 256 
PHE HZ   H N N 257 
PHE HXT  H N N 258 
PRO N    N N N 259 
PRO CA   C N S 260 
PRO C    C N N 261 
PRO O    O N N 262 
PRO CB   C N N 263 
PRO CG   C N N 264 
PRO CD   C N N 265 
PRO OXT  O N N 266 
PRO H    H N N 267 
PRO HA   H N N 268 
PRO HB2  H N N 269 
PRO HB3  H N N 270 
PRO HG2  H N N 271 
PRO HG3  H N N 272 
PRO HD2  H N N 273 
PRO HD3  H N N 274 
PRO HXT  H N N 275 
SER N    N N N 276 
SER CA   C N S 277 
SER C    C N N 278 
SER O    O N N 279 
SER CB   C N N 280 
SER OG   O N N 281 
SER OXT  O N N 282 
SER H    H N N 283 
SER H2   H N N 284 
SER HA   H N N 285 
SER HB2  H N N 286 
SER HB3  H N N 287 
SER HG   H N N 288 
SER HXT  H N N 289 
THR N    N N N 290 
THR CA   C N S 291 
THR C    C N N 292 
THR O    O N N 293 
THR CB   C N R 294 
THR OG1  O N N 295 
THR CG2  C N N 296 
THR OXT  O N N 297 
THR H    H N N 298 
THR H2   H N N 299 
THR HA   H N N 300 
THR HB   H N N 301 
THR HG1  H N N 302 
THR HG21 H N N 303 
THR HG22 H N N 304 
THR HG23 H N N 305 
THR HXT  H N N 306 
TRP N    N N N 307 
TRP CA   C N S 308 
TRP C    C N N 309 
TRP O    O N N 310 
TRP CB   C N N 311 
TRP CG   C Y N 312 
TRP CD1  C Y N 313 
TRP CD2  C Y N 314 
TRP NE1  N Y N 315 
TRP CE2  C Y N 316 
TRP CE3  C Y N 317 
TRP CZ2  C Y N 318 
TRP CZ3  C Y N 319 
TRP CH2  C Y N 320 
TRP OXT  O N N 321 
TRP H    H N N 322 
TRP H2   H N N 323 
TRP HA   H N N 324 
TRP HB2  H N N 325 
TRP HB3  H N N 326 
TRP HD1  H N N 327 
TRP HE1  H N N 328 
TRP HE3  H N N 329 
TRP HZ2  H N N 330 
TRP HZ3  H N N 331 
TRP HH2  H N N 332 
TRP HXT  H N N 333 
TYR N    N N N 334 
TYR CA   C N S 335 
TYR C    C N N 336 
TYR O    O N N 337 
TYR CB   C N N 338 
TYR CG   C Y N 339 
TYR CD1  C Y N 340 
TYR CD2  C Y N 341 
TYR CE1  C Y N 342 
TYR CE2  C Y N 343 
TYR CZ   C Y N 344 
TYR OH   O N N 345 
TYR OXT  O N N 346 
TYR H    H N N 347 
TYR H2   H N N 348 
TYR HA   H N N 349 
TYR HB2  H N N 350 
TYR HB3  H N N 351 
TYR HD1  H N N 352 
TYR HD2  H N N 353 
TYR HE1  H N N 354 
TYR HE2  H N N 355 
TYR HH   H N N 356 
TYR HXT  H N N 357 
VAL N    N N N 358 
VAL CA   C N S 359 
VAL C    C N N 360 
VAL O    O N N 361 
VAL CB   C N N 362 
VAL CG1  C N N 363 
VAL CG2  C N N 364 
VAL OXT  O N N 365 
VAL H    H N N 366 
VAL H2   H N N 367 
VAL HA   H N N 368 
VAL HB   H N N 369 
VAL HG11 H N N 370 
VAL HG12 H N N 371 
VAL HG13 H N N 372 
VAL HG21 H N N 373 
VAL HG22 H N N 374 
VAL HG23 H N N 375 
VAL HXT  H N N 376 
# 
loop_
_chem_comp_bond.comp_id 
_chem_comp_bond.atom_id_1 
_chem_comp_bond.atom_id_2 
_chem_comp_bond.value_order 
_chem_comp_bond.pdbx_aromatic_flag 
_chem_comp_bond.pdbx_stereo_config 
_chem_comp_bond.pdbx_ordinal 
ALA N   CA   sing N N 1   
ALA N   H    sing N N 2   
ALA N   H2   sing N N 3   
ALA CA  C    sing N N 4   
ALA CA  CB   sing N N 5   
ALA CA  HA   sing N N 6   
ALA C   O    doub N N 7   
ALA C   OXT  sing N N 8   
ALA CB  HB1  sing N N 9   
ALA CB  HB2  sing N N 10  
ALA CB  HB3  sing N N 11  
ALA OXT HXT  sing N N 12  
ARG N   CA   sing N N 13  
ARG N   H    sing N N 14  
ARG N   H2   sing N N 15  
ARG CA  C    sing N N 16  
ARG CA  CB   sing N N 17  
ARG CA  HA   sing N N 18  
ARG C   O    doub N N 19  
ARG C   OXT  sing N N 20  
ARG CB  CG   sing N N 21  
ARG CB  HB2  sing N N 22  
ARG CB  HB3  sing N N 23  
ARG CG  CD   sing N N 24  
ARG CG  HG2  sing N N 25  
ARG CG  HG3  sing N N 26  
ARG CD  NE   sing N N 27  
ARG CD  HD2  sing N N 28  
ARG CD  HD3  sing N N 29  
ARG NE  CZ   sing N N 30  
ARG NE  HE   sing N N 31  
ARG CZ  NH1  sing N N 32  
ARG CZ  NH2  doub N N 33  
ARG NH1 HH11 sing N N 34  
ARG NH1 HH12 sing N N 35  
ARG NH2 HH21 sing N N 36  
ARG NH2 HH22 sing N N 37  
ARG OXT HXT  sing N N 38  
ASN N   CA   sing N N 39  
ASN N   H    sing N N 40  
ASN N   H2   sing N N 41  
ASN CA  C    sing N N 42  
ASN CA  CB   sing N N 43  
ASN CA  HA   sing N N 44  
ASN C   O    doub N N 45  
ASN C   OXT  sing N N 46  
ASN CB  CG   sing N N 47  
ASN CB  HB2  sing N N 48  
ASN CB  HB3  sing N N 49  
ASN CG  OD1  doub N N 50  
ASN CG  ND2  sing N N 51  
ASN ND2 HD21 sing N N 52  
ASN ND2 HD22 sing N N 53  
ASN OXT HXT  sing N N 54  
ASP N   CA   sing N N 55  
ASP N   H    sing N N 56  
ASP N   H2   sing N N 57  
ASP CA  C    sing N N 58  
ASP CA  CB   sing N N 59  
ASP CA  HA   sing N N 60  
ASP C   O    doub N N 61  
ASP C   OXT  sing N N 62  
ASP CB  CG   sing N N 63  
ASP CB  HB2  sing N N 64  
ASP CB  HB3  sing N N 65  
ASP CG  OD1  doub N N 66  
ASP CG  OD2  sing N N 67  
ASP OD2 HD2  sing N N 68  
ASP OXT HXT  sing N N 69  
GLN N   CA   sing N N 70  
GLN N   H    sing N N 71  
GLN N   H2   sing N N 72  
GLN CA  C    sing N N 73  
GLN CA  CB   sing N N 74  
GLN CA  HA   sing N N 75  
GLN C   O    doub N N 76  
GLN C   OXT  sing N N 77  
GLN CB  CG   sing N N 78  
GLN CB  HB2  sing N N 79  
GLN CB  HB3  sing N N 80  
GLN CG  CD   sing N N 81  
GLN CG  HG2  sing N N 82  
GLN CG  HG3  sing N N 83  
GLN CD  OE1  doub N N 84  
GLN CD  NE2  sing N N 85  
GLN NE2 HE21 sing N N 86  
GLN NE2 HE22 sing N N 87  
GLN OXT HXT  sing N N 88  
GLU N   CA   sing N N 89  
GLU N   H    sing N N 90  
GLU N   H2   sing N N 91  
GLU CA  C    sing N N 92  
GLU CA  CB   sing N N 93  
GLU CA  HA   sing N N 94  
GLU C   O    doub N N 95  
GLU C   OXT  sing N N 96  
GLU CB  CG   sing N N 97  
GLU CB  HB2  sing N N 98  
GLU CB  HB3  sing N N 99  
GLU CG  CD   sing N N 100 
GLU CG  HG2  sing N N 101 
GLU CG  HG3  sing N N 102 
GLU CD  OE1  doub N N 103 
GLU CD  OE2  sing N N 104 
GLU OE2 HE2  sing N N 105 
GLU OXT HXT  sing N N 106 
GLY N   CA   sing N N 107 
GLY N   H    sing N N 108 
GLY N   H2   sing N N 109 
GLY CA  C    sing N N 110 
GLY CA  HA2  sing N N 111 
GLY CA  HA3  sing N N 112 
GLY C   O    doub N N 113 
GLY C   OXT  sing N N 114 
GLY OXT HXT  sing N N 115 
HIS N   CA   sing N N 116 
HIS N   H    sing N N 117 
HIS N   H2   sing N N 118 
HIS CA  C    sing N N 119 
HIS CA  CB   sing N N 120 
HIS CA  HA   sing N N 121 
HIS C   O    doub N N 122 
HIS C   OXT  sing N N 123 
HIS CB  CG   sing N N 124 
HIS CB  HB2  sing N N 125 
HIS CB  HB3  sing N N 126 
HIS CG  ND1  sing Y N 127 
HIS CG  CD2  doub Y N 128 
HIS ND1 CE1  doub Y N 129 
HIS ND1 HD1  sing N N 130 
HIS CD2 NE2  sing Y N 131 
HIS CD2 HD2  sing N N 132 
HIS CE1 NE2  sing Y N 133 
HIS CE1 HE1  sing N N 134 
HIS NE2 HE2  sing N N 135 
HIS OXT HXT  sing N N 136 
HOH O   H1   sing N N 137 
HOH O   H2   sing N N 138 
ILE N   CA   sing N N 139 
ILE N   H    sing N N 140 
ILE N   H2   sing N N 141 
ILE CA  C    sing N N 142 
ILE CA  CB   sing N N 143 
ILE CA  HA   sing N N 144 
ILE C   O    doub N N 145 
ILE C   OXT  sing N N 146 
ILE CB  CG1  sing N N 147 
ILE CB  CG2  sing N N 148 
ILE CB  HB   sing N N 149 
ILE CG1 CD1  sing N N 150 
ILE CG1 HG12 sing N N 151 
ILE CG1 HG13 sing N N 152 
ILE CG2 HG21 sing N N 153 
ILE CG2 HG22 sing N N 154 
ILE CG2 HG23 sing N N 155 
ILE CD1 HD11 sing N N 156 
ILE CD1 HD12 sing N N 157 
ILE CD1 HD13 sing N N 158 
ILE OXT HXT  sing N N 159 
LEU N   CA   sing N N 160 
LEU N   H    sing N N 161 
LEU N   H2   sing N N 162 
LEU CA  C    sing N N 163 
LEU CA  CB   sing N N 164 
LEU CA  HA   sing N N 165 
LEU C   O    doub N N 166 
LEU C   OXT  sing N N 167 
LEU CB  CG   sing N N 168 
LEU CB  HB2  sing N N 169 
LEU CB  HB3  sing N N 170 
LEU CG  CD1  sing N N 171 
LEU CG  CD2  sing N N 172 
LEU CG  HG   sing N N 173 
LEU CD1 HD11 sing N N 174 
LEU CD1 HD12 sing N N 175 
LEU CD1 HD13 sing N N 176 
LEU CD2 HD21 sing N N 177 
LEU CD2 HD22 sing N N 178 
LEU CD2 HD23 sing N N 179 
LEU OXT HXT  sing N N 180 
LYS N   CA   sing N N 181 
LYS N   H    sing N N 182 
LYS N   H2   sing N N 183 
LYS CA  C    sing N N 184 
LYS CA  CB   sing N N 185 
LYS CA  HA   sing N N 186 
LYS C   O    doub N N 187 
LYS C   OXT  sing N N 188 
LYS CB  CG   sing N N 189 
LYS CB  HB2  sing N N 190 
LYS CB  HB3  sing N N 191 
LYS CG  CD   sing N N 192 
LYS CG  HG2  sing N N 193 
LYS CG  HG3  sing N N 194 
LYS CD  CE   sing N N 195 
LYS CD  HD2  sing N N 196 
LYS CD  HD3  sing N N 197 
LYS CE  NZ   sing N N 198 
LYS CE  HE2  sing N N 199 
LYS CE  HE3  sing N N 200 
LYS NZ  HZ1  sing N N 201 
LYS NZ  HZ2  sing N N 202 
LYS NZ  HZ3  sing N N 203 
LYS OXT HXT  sing N N 204 
MET N   CA   sing N N 205 
MET N   H    sing N N 206 
MET N   H2   sing N N 207 
MET CA  C    sing N N 208 
MET CA  CB   sing N N 209 
MET CA  HA   sing N N 210 
MET C   O    doub N N 211 
MET C   OXT  sing N N 212 
MET CB  CG   sing N N 213 
MET CB  HB2  sing N N 214 
MET CB  HB3  sing N N 215 
MET CG  SD   sing N N 216 
MET CG  HG2  sing N N 217 
MET CG  HG3  sing N N 218 
MET SD  CE   sing N N 219 
MET CE  HE1  sing N N 220 
MET CE  HE2  sing N N 221 
MET CE  HE3  sing N N 222 
MET OXT HXT  sing N N 223 
PHE N   CA   sing N N 224 
PHE N   H    sing N N 225 
PHE N   H2   sing N N 226 
PHE CA  C    sing N N 227 
PHE CA  CB   sing N N 228 
PHE CA  HA   sing N N 229 
PHE C   O    doub N N 230 
PHE C   OXT  sing N N 231 
PHE CB  CG   sing N N 232 
PHE CB  HB2  sing N N 233 
PHE CB  HB3  sing N N 234 
PHE CG  CD1  doub Y N 235 
PHE CG  CD2  sing Y N 236 
PHE CD1 CE1  sing Y N 237 
PHE CD1 HD1  sing N N 238 
PHE CD2 CE2  doub Y N 239 
PHE CD2 HD2  sing N N 240 
PHE CE1 CZ   doub Y N 241 
PHE CE1 HE1  sing N N 242 
PHE CE2 CZ   sing Y N 243 
PHE CE2 HE2  sing N N 244 
PHE CZ  HZ   sing N N 245 
PHE OXT HXT  sing N N 246 
PRO N   CA   sing N N 247 
PRO N   CD   sing N N 248 
PRO N   H    sing N N 249 
PRO CA  C    sing N N 250 
PRO CA  CB   sing N N 251 
PRO CA  HA   sing N N 252 
PRO C   O    doub N N 253 
PRO C   OXT  sing N N 254 
PRO CB  CG   sing N N 255 
PRO CB  HB2  sing N N 256 
PRO CB  HB3  sing N N 257 
PRO CG  CD   sing N N 258 
PRO CG  HG2  sing N N 259 
PRO CG  HG3  sing N N 260 
PRO CD  HD2  sing N N 261 
PRO CD  HD3  sing N N 262 
PRO OXT HXT  sing N N 263 
SER N   CA   sing N N 264 
SER N   H    sing N N 265 
SER N   H2   sing N N 266 
SER CA  C    sing N N 267 
SER CA  CB   sing N N 268 
SER CA  HA   sing N N 269 
SER C   O    doub N N 270 
SER C   OXT  sing N N 271 
SER CB  OG   sing N N 272 
SER CB  HB2  sing N N 273 
SER CB  HB3  sing N N 274 
SER OG  HG   sing N N 275 
SER OXT HXT  sing N N 276 
THR N   CA   sing N N 277 
THR N   H    sing N N 278 
THR N   H2   sing N N 279 
THR CA  C    sing N N 280 
THR CA  CB   sing N N 281 
THR CA  HA   sing N N 282 
THR C   O    doub N N 283 
THR C   OXT  sing N N 284 
THR CB  OG1  sing N N 285 
THR CB  CG2  sing N N 286 
THR CB  HB   sing N N 287 
THR OG1 HG1  sing N N 288 
THR CG2 HG21 sing N N 289 
THR CG2 HG22 sing N N 290 
THR CG2 HG23 sing N N 291 
THR OXT HXT  sing N N 292 
TRP N   CA   sing N N 293 
TRP N   H    sing N N 294 
TRP N   H2   sing N N 295 
TRP CA  C    sing N N 296 
TRP CA  CB   sing N N 297 
TRP CA  HA   sing N N 298 
TRP C   O    doub N N 299 
TRP C   OXT  sing N N 300 
TRP CB  CG   sing N N 301 
TRP CB  HB2  sing N N 302 
TRP CB  HB3  sing N N 303 
TRP CG  CD1  doub Y N 304 
TRP CG  CD2  sing Y N 305 
TRP CD1 NE1  sing Y N 306 
TRP CD1 HD1  sing N N 307 
TRP CD2 CE2  doub Y N 308 
TRP CD2 CE3  sing Y N 309 
TRP NE1 CE2  sing Y N 310 
TRP NE1 HE1  sing N N 311 
TRP CE2 CZ2  sing Y N 312 
TRP CE3 CZ3  doub Y N 313 
TRP CE3 HE3  sing N N 314 
TRP CZ2 CH2  doub Y N 315 
TRP CZ2 HZ2  sing N N 316 
TRP CZ3 CH2  sing Y N 317 
TRP CZ3 HZ3  sing N N 318 
TRP CH2 HH2  sing N N 319 
TRP OXT HXT  sing N N 320 
TYR N   CA   sing N N 321 
TYR N   H    sing N N 322 
TYR N   H2   sing N N 323 
TYR CA  C    sing N N 324 
TYR CA  CB   sing N N 325 
TYR CA  HA   sing N N 326 
TYR C   O    doub N N 327 
TYR C   OXT  sing N N 328 
TYR CB  CG   sing N N 329 
TYR CB  HB2  sing N N 330 
TYR CB  HB3  sing N N 331 
TYR CG  CD1  doub Y N 332 
TYR CG  CD2  sing Y N 333 
TYR CD1 CE1  sing Y N 334 
TYR CD1 HD1  sing N N 335 
TYR CD2 CE2  doub Y N 336 
TYR CD2 HD2  sing N N 337 
TYR CE1 CZ   doub Y N 338 
TYR CE1 HE1  sing N N 339 
TYR CE2 CZ   sing Y N 340 
TYR CE2 HE2  sing N N 341 
TYR CZ  OH   sing N N 342 
TYR OH  HH   sing N N 343 
TYR OXT HXT  sing N N 344 
VAL N   CA   sing N N 345 
VAL N   H    sing N N 346 
VAL N   H2   sing N N 347 
VAL CA  C    sing N N 348 
VAL CA  CB   sing N N 349 
VAL CA  HA   sing N N 350 
VAL C   O    doub N N 351 
VAL C   OXT  sing N N 352 
VAL CB  CG1  sing N N 353 
VAL CB  CG2  sing N N 354 
VAL CB  HB   sing N N 355 
VAL CG1 HG11 sing N N 356 
VAL CG1 HG12 sing N N 357 
VAL CG1 HG13 sing N N 358 
VAL CG2 HG21 sing N N 359 
VAL CG2 HG22 sing N N 360 
VAL CG2 HG23 sing N N 361 
VAL OXT HXT  sing N N 362 
# 
_pdbx_entity_nonpoly.entity_id   2 
_pdbx_entity_nonpoly.name        water 
_pdbx_entity_nonpoly.comp_id     HOH 
# 
_pdbx_initial_refinement_model.id               1 
_pdbx_initial_refinement_model.entity_id_list   ? 
_pdbx_initial_refinement_model.type             'experimental model' 
_pdbx_initial_refinement_model.source_name      PDB 
_pdbx_initial_refinement_model.accession_code   2QF4 
_pdbx_initial_refinement_model.details          'PDB entry 2QF4' 
# 
